data_5IM0
# 
_entry.id   5IM0 
# 
_audit_conform.dict_name       mmcif_pdbx.dic 
_audit_conform.dict_version    5.398 
_audit_conform.dict_location   http://mmcif.pdb.org/dictionaries/ascii/mmcif_pdbx.dic 
# 
loop_
_database_2.database_id 
_database_2.database_code 
_database_2.pdbx_database_accession 
_database_2.pdbx_DOI 
PDB   5IM0         pdb_00005im0 10.2210/pdb5im0/pdb 
WWPDB D_1000219034 ?            ?                   
# 
loop_
_pdbx_audit_revision_history.ordinal 
_pdbx_audit_revision_history.data_content_type 
_pdbx_audit_revision_history.major_revision 
_pdbx_audit_revision_history.minor_revision 
_pdbx_audit_revision_history.revision_date 
1 'Structure model' 1 0 2016-08-03 
2 'Structure model' 1 1 2024-11-06 
# 
_pdbx_audit_revision_details.ordinal             1 
_pdbx_audit_revision_details.revision_ordinal    1 
_pdbx_audit_revision_details.data_content_type   'Structure model' 
_pdbx_audit_revision_details.provider            repository 
_pdbx_audit_revision_details.type                'Initial release' 
_pdbx_audit_revision_details.description         ? 
_pdbx_audit_revision_details.details             ? 
# 
loop_
_pdbx_audit_revision_group.ordinal 
_pdbx_audit_revision_group.revision_ordinal 
_pdbx_audit_revision_group.data_content_type 
_pdbx_audit_revision_group.group 
1 2 'Structure model' 'Data collection'      
2 2 'Structure model' 'Database references'  
3 2 'Structure model' 'Derived calculations' 
4 2 'Structure model' 'Structure summary'    
# 
loop_
_pdbx_audit_revision_category.ordinal 
_pdbx_audit_revision_category.revision_ordinal 
_pdbx_audit_revision_category.data_content_type 
_pdbx_audit_revision_category.category 
1 2 'Structure model' chem_comp_atom            
2 2 'Structure model' chem_comp_bond            
3 2 'Structure model' database_2                
4 2 'Structure model' pdbx_entry_details        
5 2 'Structure model' pdbx_modification_feature 
6 2 'Structure model' pdbx_struct_oper_list     
# 
loop_
_pdbx_audit_revision_item.ordinal 
_pdbx_audit_revision_item.revision_ordinal 
_pdbx_audit_revision_item.data_content_type 
_pdbx_audit_revision_item.item 
1 2 'Structure model' '_database_2.pdbx_DOI'                         
2 2 'Structure model' '_database_2.pdbx_database_accession'          
3 2 'Structure model' '_pdbx_entry_details.has_protein_modification' 
4 2 'Structure model' '_pdbx_struct_oper_list.symmetry_operation'    
# 
_pdbx_database_status.status_code                     REL 
_pdbx_database_status.status_code_sf                  REL 
_pdbx_database_status.status_code_mr                  ? 
_pdbx_database_status.entry_id                        5IM0 
_pdbx_database_status.recvd_initial_deposition_date   2016-03-05 
_pdbx_database_status.SG_entry                        N 
_pdbx_database_status.deposit_site                    RCSB 
_pdbx_database_status.process_site                    PDBJ 
_pdbx_database_status.status_code_cs                  ? 
_pdbx_database_status.methods_development_category    ? 
_pdbx_database_status.pdb_format_compatible           Y 
_pdbx_database_status.status_code_nmr_data            ? 
# 
loop_
_audit_author.name 
_audit_author.pdbx_ordinal 
'Choi, Y.J.'  1 
'Chang, J.H.' 2 
# 
_citation.abstract                  ? 
_citation.abstract_id_CAS           ? 
_citation.book_id_ISBN              ? 
_citation.book_publisher            ? 
_citation.book_publisher_city       ? 
_citation.book_title                ? 
_citation.coordinate_linkage        ? 
_citation.country                   US 
_citation.database_id_Medline       ? 
_citation.details                   ? 
_citation.id                        primary 
_citation.journal_abbrev            'Biomed Res Int' 
_citation.journal_id_ASTM           ? 
_citation.journal_id_CSD            ? 
_citation.journal_id_ISSN           2314-6141 
_citation.journal_full              ? 
_citation.journal_issue             ? 
_citation.journal_volume            2016 
_citation.language                  ? 
_citation.page_first                3286191 
_citation.page_last                 3286191 
_citation.title                     'Crystal Structure of the N-Terminal RNA Recognition Motif of mRNA Decay Regulator AUF1.' 
_citation.year                      2016 
_citation.database_id_CSD           ? 
_citation.pdbx_database_id_DOI      10.1155/2016/3286191 
_citation.pdbx_database_id_PubMed   27437398 
_citation.unpublished_flag          ? 
# 
loop_
_citation_author.citation_id 
_citation_author.name 
_citation_author.ordinal 
_citation_author.identifier_ORCID 
primary 'Choi, Y.J.'  1 ? 
primary 'Yoon, J.H.'  2 ? 
primary 'Chang, J.H.' 3 ? 
# 
loop_
_entity.id 
_entity.type 
_entity.src_method 
_entity.pdbx_description 
_entity.formula_weight 
_entity.pdbx_number_of_molecules 
_entity.pdbx_ec 
_entity.pdbx_mutation 
_entity.pdbx_fragment 
_entity.details 
1 polymer man 'Heterogeneous nuclear ribonucleoprotein D0' 10176.004 1   ? ? 'UNP residues 71-156' ? 
2 polymer man 'Heterogeneous nuclear ribonucleoprotein D0' 9480.401  1   ? ? 'UNP residues 77-156' ? 
3 water   nat water                                        18.015    263 ? ? ?                     ? 
# 
loop_
_entity_name_com.entity_id 
_entity_name_com.name 
1 'hnRNP D0,AU-rich element RNA-binding protein 1'                      
2 'mRNA decay regulator,hnRNP D0,AU-rich element RNA-binding protein 1' 
# 
loop_
_entity_poly.entity_id 
_entity_poly.type 
_entity_poly.nstd_linkage 
_entity_poly.nstd_monomer 
_entity_poly.pdbx_seq_one_letter_code 
_entity_poly.pdbx_seq_one_letter_code_can 
_entity_poly.pdbx_strand_id 
_entity_poly.pdbx_target_identifier 
1 'polypeptide(L)' no yes 
;(MSE)SKNEE(MSE)EGK(MSE)FIGGLSWDTTKKDLKDYFSKFGEVVDCTLKLDPITGRSRGFGFVLFKESESVDKV
(MSE)DQKEHKLNGKVIDPKRAKA(MSE)
;
;MSKNEEMEGKMFIGGLSWDTTKKDLKDYFSKFGEVVDCTLKLDPITGRSRGFGFVLFKESESVDKVMDQKEHKLNGKVID
PKRAKAM
;
A ? 
2 'polypeptide(L)' no yes 
;(MSE)EGK(MSE)FIGGLSWDTTKKDLKDYFSKFGEVVDCTLKLDPITGRSRGFGFVLFKESESVDKV(MSE)DQKEHKL
NGKVIDPKRAKA(MSE)A
;
;MEGKMFIGGLSWDTTKKDLKDYFSKFGEVVDCTLKLDPITGRSRGFGFVLFKESESVDKVMDQKEHKLNGKVIDPKRAKA
MA
;
B ? 
# 
_pdbx_entity_nonpoly.entity_id   3 
_pdbx_entity_nonpoly.name        water 
_pdbx_entity_nonpoly.comp_id     HOH 
# 
loop_
_entity_poly_seq.entity_id 
_entity_poly_seq.num 
_entity_poly_seq.mon_id 
_entity_poly_seq.hetero 
1 1  MSE n 
1 2  SER n 
1 3  LYS n 
1 4  ASN n 
1 5  GLU n 
1 6  GLU n 
1 7  MSE n 
1 8  GLU n 
1 9  GLY n 
1 10 LYS n 
1 11 MSE n 
1 12 PHE n 
1 13 ILE n 
1 14 GLY n 
1 15 GLY n 
1 16 LEU n 
1 17 SER n 
1 18 TRP n 
1 19 ASP n 
1 20 THR n 
1 21 THR n 
1 22 LYS n 
1 23 LYS n 
1 24 ASP n 
1 25 LEU n 
1 26 LYS n 
1 27 ASP n 
1 28 TYR n 
1 29 PHE n 
1 30 SER n 
1 31 LYS n 
1 32 PHE n 
1 33 GLY n 
1 34 GLU n 
1 35 VAL n 
1 36 VAL n 
1 37 ASP n 
1 38 CYS n 
1 39 THR n 
1 40 LEU n 
1 41 LYS n 
1 42 LEU n 
1 43 ASP n 
1 44 PRO n 
1 45 ILE n 
1 46 THR n 
1 47 GLY n 
1 48 ARG n 
1 49 SER n 
1 50 ARG n 
1 51 GLY n 
1 52 PHE n 
1 53 GLY n 
1 54 PHE n 
1 55 VAL n 
1 56 LEU n 
1 57 PHE n 
1 58 LYS n 
1 59 GLU n 
1 60 SER n 
1 61 GLU n 
1 62 SER n 
1 63 VAL n 
1 64 ASP n 
1 65 LYS n 
1 66 VAL n 
1 67 MSE n 
1 68 ASP n 
1 69 GLN n 
1 70 LYS n 
1 71 GLU n 
1 72 HIS n 
1 73 LYS n 
1 74 LEU n 
1 75 ASN n 
1 76 GLY n 
1 77 LYS n 
1 78 VAL n 
1 79 ILE n 
1 80 ASP n 
1 81 PRO n 
1 82 LYS n 
1 83 ARG n 
1 84 ALA n 
1 85 LYS n 
1 86 ALA n 
1 87 MSE n 
2 1  MSE n 
2 2  GLU n 
2 3  GLY n 
2 4  LYS n 
2 5  MSE n 
2 6  PHE n 
2 7  ILE n 
2 8  GLY n 
2 9  GLY n 
2 10 LEU n 
2 11 SER n 
2 12 TRP n 
2 13 ASP n 
2 14 THR n 
2 15 THR n 
2 16 LYS n 
2 17 LYS n 
2 18 ASP n 
2 19 LEU n 
2 20 LYS n 
2 21 ASP n 
2 22 TYR n 
2 23 PHE n 
2 24 SER n 
2 25 LYS n 
2 26 PHE n 
2 27 GLY n 
2 28 GLU n 
2 29 VAL n 
2 30 VAL n 
2 31 ASP n 
2 32 CYS n 
2 33 THR n 
2 34 LEU n 
2 35 LYS n 
2 36 LEU n 
2 37 ASP n 
2 38 PRO n 
2 39 ILE n 
2 40 THR n 
2 41 GLY n 
2 42 ARG n 
2 43 SER n 
2 44 ARG n 
2 45 GLY n 
2 46 PHE n 
2 47 GLY n 
2 48 PHE n 
2 49 VAL n 
2 50 LEU n 
2 51 PHE n 
2 52 LYS n 
2 53 GLU n 
2 54 SER n 
2 55 GLU n 
2 56 SER n 
2 57 VAL n 
2 58 ASP n 
2 59 LYS n 
2 60 VAL n 
2 61 MSE n 
2 62 ASP n 
2 63 GLN n 
2 64 LYS n 
2 65 GLU n 
2 66 HIS n 
2 67 LYS n 
2 68 LEU n 
2 69 ASN n 
2 70 GLY n 
2 71 LYS n 
2 72 VAL n 
2 73 ILE n 
2 74 ASP n 
2 75 PRO n 
2 76 LYS n 
2 77 ARG n 
2 78 ALA n 
2 79 LYS n 
2 80 ALA n 
2 81 MSE n 
2 82 ALA n 
# 
loop_
_entity_src_gen.entity_id 
_entity_src_gen.pdbx_src_id 
_entity_src_gen.pdbx_alt_source_flag 
_entity_src_gen.pdbx_seq_type 
_entity_src_gen.pdbx_beg_seq_num 
_entity_src_gen.pdbx_end_seq_num 
_entity_src_gen.gene_src_common_name 
_entity_src_gen.gene_src_genus 
_entity_src_gen.pdbx_gene_src_gene 
_entity_src_gen.gene_src_species 
_entity_src_gen.gene_src_strain 
_entity_src_gen.gene_src_tissue 
_entity_src_gen.gene_src_tissue_fraction 
_entity_src_gen.gene_src_details 
_entity_src_gen.pdbx_gene_src_fragment 
_entity_src_gen.pdbx_gene_src_scientific_name 
_entity_src_gen.pdbx_gene_src_ncbi_taxonomy_id 
_entity_src_gen.pdbx_gene_src_variant 
_entity_src_gen.pdbx_gene_src_cell_line 
_entity_src_gen.pdbx_gene_src_atcc 
_entity_src_gen.pdbx_gene_src_organ 
_entity_src_gen.pdbx_gene_src_organelle 
_entity_src_gen.pdbx_gene_src_cell 
_entity_src_gen.pdbx_gene_src_cellular_location 
_entity_src_gen.host_org_common_name 
_entity_src_gen.pdbx_host_org_scientific_name 
_entity_src_gen.pdbx_host_org_ncbi_taxonomy_id 
_entity_src_gen.host_org_genus 
_entity_src_gen.pdbx_host_org_gene 
_entity_src_gen.pdbx_host_org_organ 
_entity_src_gen.host_org_species 
_entity_src_gen.pdbx_host_org_tissue 
_entity_src_gen.pdbx_host_org_tissue_fraction 
_entity_src_gen.pdbx_host_org_strain 
_entity_src_gen.pdbx_host_org_variant 
_entity_src_gen.pdbx_host_org_cell_line 
_entity_src_gen.pdbx_host_org_atcc 
_entity_src_gen.pdbx_host_org_culture_collection 
_entity_src_gen.pdbx_host_org_cell 
_entity_src_gen.pdbx_host_org_organelle 
_entity_src_gen.pdbx_host_org_cellular_location 
_entity_src_gen.pdbx_host_org_vector_type 
_entity_src_gen.pdbx_host_org_vector 
_entity_src_gen.host_org_details 
_entity_src_gen.expression_system_id 
_entity_src_gen.plasmid_name 
_entity_src_gen.plasmid_details 
_entity_src_gen.pdbx_description 
1 1 sample 'Biological sequence' 1 87 Human ? 'HNRNPD, AUF1, HNRPD' ? ? ? ? ? ? 'Homo sapiens' 9606 ? ? ? ? ? ? ? ? 
'Enterobacteria phage L1' 268588 ? ? ? ? ? ? ? ? ? ? ? ? ? ? ? ? ? ? ? ? ? 
2 1 sample 'Biological sequence' 1 82 Human ? 'HNRNPD, AUF1, HNRPD' ? ? ? ? ? ? 'Homo sapiens' 9606 ? ? ? ? ? ? ? ? 
'Enterobacteria phage L1' 268588 ? ? ? ? ? ? ? ? ? ? ? ? ? ? ? ? ? ? ? ? ? 
# 
loop_
_chem_comp.id 
_chem_comp.type 
_chem_comp.mon_nstd_flag 
_chem_comp.name 
_chem_comp.pdbx_synonyms 
_chem_comp.formula 
_chem_comp.formula_weight 
ALA 'L-peptide linking' y ALANINE          ? 'C3 H7 N O2'     89.093  
ARG 'L-peptide linking' y ARGININE         ? 'C6 H15 N4 O2 1' 175.209 
ASN 'L-peptide linking' y ASPARAGINE       ? 'C4 H8 N2 O3'    132.118 
ASP 'L-peptide linking' y 'ASPARTIC ACID'  ? 'C4 H7 N O4'     133.103 
CYS 'L-peptide linking' y CYSTEINE         ? 'C3 H7 N O2 S'   121.158 
GLN 'L-peptide linking' y GLUTAMINE        ? 'C5 H10 N2 O3'   146.144 
GLU 'L-peptide linking' y 'GLUTAMIC ACID'  ? 'C5 H9 N O4'     147.129 
GLY 'peptide linking'   y GLYCINE          ? 'C2 H5 N O2'     75.067  
HIS 'L-peptide linking' y HISTIDINE        ? 'C6 H10 N3 O2 1' 156.162 
HOH non-polymer         . WATER            ? 'H2 O'           18.015  
ILE 'L-peptide linking' y ISOLEUCINE       ? 'C6 H13 N O2'    131.173 
LEU 'L-peptide linking' y LEUCINE          ? 'C6 H13 N O2'    131.173 
LYS 'L-peptide linking' y LYSINE           ? 'C6 H15 N2 O2 1' 147.195 
MSE 'L-peptide linking' n SELENOMETHIONINE ? 'C5 H11 N O2 Se' 196.106 
PHE 'L-peptide linking' y PHENYLALANINE    ? 'C9 H11 N O2'    165.189 
PRO 'L-peptide linking' y PROLINE          ? 'C5 H9 N O2'     115.130 
SER 'L-peptide linking' y SERINE           ? 'C3 H7 N O3'     105.093 
THR 'L-peptide linking' y THREONINE        ? 'C4 H9 N O3'     119.119 
TRP 'L-peptide linking' y TRYPTOPHAN       ? 'C11 H12 N2 O2'  204.225 
TYR 'L-peptide linking' y TYROSINE         ? 'C9 H11 N O3'    181.189 
VAL 'L-peptide linking' y VALINE           ? 'C5 H11 N O2'    117.146 
# 
loop_
_pdbx_poly_seq_scheme.asym_id 
_pdbx_poly_seq_scheme.entity_id 
_pdbx_poly_seq_scheme.seq_id 
_pdbx_poly_seq_scheme.mon_id 
_pdbx_poly_seq_scheme.ndb_seq_num 
_pdbx_poly_seq_scheme.pdb_seq_num 
_pdbx_poly_seq_scheme.auth_seq_num 
_pdbx_poly_seq_scheme.pdb_mon_id 
_pdbx_poly_seq_scheme.auth_mon_id 
_pdbx_poly_seq_scheme.pdb_strand_id 
_pdbx_poly_seq_scheme.pdb_ins_code 
_pdbx_poly_seq_scheme.hetero 
A 1 1  MSE 1  70  ?   ?   ?   A . n 
A 1 2  SER 2  71  ?   ?   ?   A . n 
A 1 3  LYS 3  72  ?   ?   ?   A . n 
A 1 4  ASN 4  73  ?   ?   ?   A . n 
A 1 5  GLU 5  74  ?   ?   ?   A . n 
A 1 6  GLU 6  75  ?   ?   ?   A . n 
A 1 7  MSE 7  76  76  MSE MSE A . n 
A 1 8  GLU 8  77  77  GLU GLU A . n 
A 1 9  GLY 9  78  78  GLY GLY A . n 
A 1 10 LYS 10 79  79  LYS LYS A . n 
A 1 11 MSE 11 80  80  MSE MSE A . n 
A 1 12 PHE 12 81  81  PHE PHE A . n 
A 1 13 ILE 13 82  82  ILE ILE A . n 
A 1 14 GLY 14 83  83  GLY GLY A . n 
A 1 15 GLY 15 84  84  GLY GLY A . n 
A 1 16 LEU 16 85  85  LEU LEU A . n 
A 1 17 SER 17 86  86  SER SER A . n 
A 1 18 TRP 18 87  87  TRP TRP A . n 
A 1 19 ASP 19 88  88  ASP ASP A . n 
A 1 20 THR 20 89  89  THR THR A . n 
A 1 21 THR 21 90  90  THR THR A . n 
A 1 22 LYS 22 91  91  LYS LYS A . n 
A 1 23 LYS 23 92  92  LYS LYS A . n 
A 1 24 ASP 24 93  93  ASP ASP A . n 
A 1 25 LEU 25 94  94  LEU LEU A . n 
A 1 26 LYS 26 95  95  LYS LYS A . n 
A 1 27 ASP 27 96  96  ASP ASP A . n 
A 1 28 TYR 28 97  97  TYR TYR A . n 
A 1 29 PHE 29 98  98  PHE PHE A . n 
A 1 30 SER 30 99  99  SER SER A . n 
A 1 31 LYS 31 100 100 LYS LYS A . n 
A 1 32 PHE 32 101 101 PHE PHE A . n 
A 1 33 GLY 33 102 102 GLY GLY A . n 
A 1 34 GLU 34 103 103 GLU GLU A . n 
A 1 35 VAL 35 104 104 VAL VAL A . n 
A 1 36 VAL 36 105 105 VAL VAL A . n 
A 1 37 ASP 37 106 106 ASP ASP A . n 
A 1 38 CYS 38 107 107 CYS CYS A . n 
A 1 39 THR 39 108 108 THR THR A . n 
A 1 40 LEU 40 109 109 LEU LEU A . n 
A 1 41 LYS 41 110 110 LYS LYS A . n 
A 1 42 LEU 42 111 111 LEU LEU A . n 
A 1 43 ASP 43 112 112 ASP ASP A . n 
A 1 44 PRO 44 113 113 PRO PRO A . n 
A 1 45 ILE 45 114 114 ILE ILE A . n 
A 1 46 THR 46 115 115 THR THR A . n 
A 1 47 GLY 47 116 116 GLY GLY A . n 
A 1 48 ARG 48 117 117 ARG ARG A . n 
A 1 49 SER 49 118 118 SER SER A . n 
A 1 50 ARG 50 119 119 ARG ARG A . n 
A 1 51 GLY 51 120 120 GLY GLY A . n 
A 1 52 PHE 52 121 121 PHE PHE A . n 
A 1 53 GLY 53 122 122 GLY GLY A . n 
A 1 54 PHE 54 123 123 PHE PHE A . n 
A 1 55 VAL 55 124 124 VAL VAL A . n 
A 1 56 LEU 56 125 125 LEU LEU A . n 
A 1 57 PHE 57 126 126 PHE PHE A . n 
A 1 58 LYS 58 127 127 LYS LYS A . n 
A 1 59 GLU 59 128 128 GLU GLU A . n 
A 1 60 SER 60 129 129 SER SER A . n 
A 1 61 GLU 61 130 130 GLU GLU A . n 
A 1 62 SER 62 131 131 SER SER A . n 
A 1 63 VAL 63 132 132 VAL VAL A . n 
A 1 64 ASP 64 133 133 ASP ASP A . n 
A 1 65 LYS 65 134 134 LYS LYS A . n 
A 1 66 VAL 66 135 135 VAL VAL A . n 
A 1 67 MSE 67 136 136 MSE MSE A . n 
A 1 68 ASP 68 137 137 ASP ASP A . n 
A 1 69 GLN 69 138 138 GLN GLN A . n 
A 1 70 LYS 70 139 139 LYS LYS A . n 
A 1 71 GLU 71 140 140 GLU GLU A . n 
A 1 72 HIS 72 141 141 HIS HIS A . n 
A 1 73 LYS 73 142 142 LYS LYS A . n 
A 1 74 LEU 74 143 143 LEU LEU A . n 
A 1 75 ASN 75 144 144 ASN ASN A . n 
A 1 76 GLY 76 145 145 GLY GLY A . n 
A 1 77 LYS 77 146 146 LYS LYS A . n 
A 1 78 VAL 78 147 147 VAL VAL A . n 
A 1 79 ILE 79 148 148 ILE ILE A . n 
A 1 80 ASP 80 149 149 ASP ASP A . n 
A 1 81 PRO 81 150 150 PRO PRO A . n 
A 1 82 LYS 82 151 151 LYS LYS A . n 
A 1 83 ARG 83 152 152 ARG ARG A . n 
A 1 84 ALA 84 153 153 ALA ALA A . n 
A 1 85 LYS 85 154 154 LYS LYS A . n 
A 1 86 ALA 86 155 ?   ?   ?   A . n 
A 1 87 MSE 87 156 ?   ?   ?   A . n 
B 2 1  MSE 1  76  76  MSE MSE B . n 
B 2 2  GLU 2  77  77  GLU GLU B . n 
B 2 3  GLY 3  78  78  GLY GLY B . n 
B 2 4  LYS 4  79  79  LYS LYS B . n 
B 2 5  MSE 5  80  80  MSE MSE B . n 
B 2 6  PHE 6  81  81  PHE PHE B . n 
B 2 7  ILE 7  82  82  ILE ILE B . n 
B 2 8  GLY 8  83  83  GLY GLY B . n 
B 2 9  GLY 9  84  84  GLY GLY B . n 
B 2 10 LEU 10 85  85  LEU LEU B . n 
B 2 11 SER 11 86  86  SER SER B . n 
B 2 12 TRP 12 87  87  TRP TRP B . n 
B 2 13 ASP 13 88  88  ASP ASP B . n 
B 2 14 THR 14 89  89  THR THR B . n 
B 2 15 THR 15 90  90  THR THR B . n 
B 2 16 LYS 16 91  91  LYS LYS B . n 
B 2 17 LYS 17 92  92  LYS LYS B . n 
B 2 18 ASP 18 93  93  ASP ASP B . n 
B 2 19 LEU 19 94  94  LEU LEU B . n 
B 2 20 LYS 20 95  95  LYS LYS B . n 
B 2 21 ASP 21 96  96  ASP ASP B . n 
B 2 22 TYR 22 97  97  TYR TYR B . n 
B 2 23 PHE 23 98  98  PHE PHE B . n 
B 2 24 SER 24 99  99  SER SER B . n 
B 2 25 LYS 25 100 100 LYS LYS B . n 
B 2 26 PHE 26 101 101 PHE PHE B . n 
B 2 27 GLY 27 102 102 GLY GLY B . n 
B 2 28 GLU 28 103 103 GLU GLU B . n 
B 2 29 VAL 29 104 104 VAL VAL B . n 
B 2 30 VAL 30 105 105 VAL VAL B . n 
B 2 31 ASP 31 106 106 ASP ASP B . n 
B 2 32 CYS 32 107 107 CYS CYS B . n 
B 2 33 THR 33 108 108 THR THR B . n 
B 2 34 LEU 34 109 109 LEU LEU B . n 
B 2 35 LYS 35 110 110 LYS LYS B . n 
B 2 36 LEU 36 111 111 LEU LEU B . n 
B 2 37 ASP 37 112 112 ASP ASP B . n 
B 2 38 PRO 38 113 113 PRO PRO B . n 
B 2 39 ILE 39 114 114 ILE ILE B . n 
B 2 40 THR 40 115 115 THR THR B . n 
B 2 41 GLY 41 116 116 GLY GLY B . n 
B 2 42 ARG 42 117 117 ARG ARG B . n 
B 2 43 SER 43 118 118 SER SER B . n 
B 2 44 ARG 44 119 119 ARG ARG B . n 
B 2 45 GLY 45 120 120 GLY GLY B . n 
B 2 46 PHE 46 121 121 PHE PHE B . n 
B 2 47 GLY 47 122 122 GLY GLY B . n 
B 2 48 PHE 48 123 123 PHE PHE B . n 
B 2 49 VAL 49 124 124 VAL VAL B . n 
B 2 50 LEU 50 125 125 LEU LEU B . n 
B 2 51 PHE 51 126 126 PHE PHE B . n 
B 2 52 LYS 52 127 127 LYS LYS B . n 
B 2 53 GLU 53 128 128 GLU GLU B . n 
B 2 54 SER 54 129 129 SER SER B . n 
B 2 55 GLU 55 130 130 GLU GLU B . n 
B 2 56 SER 56 131 131 SER SER B . n 
B 2 57 VAL 57 132 132 VAL VAL B . n 
B 2 58 ASP 58 133 133 ASP ASP B . n 
B 2 59 LYS 59 134 134 LYS LYS B . n 
B 2 60 VAL 60 135 135 VAL VAL B . n 
B 2 61 MSE 61 136 136 MSE MSE B . n 
B 2 62 ASP 62 137 137 ASP ASP B . n 
B 2 63 GLN 63 138 138 GLN GLN B . n 
B 2 64 LYS 64 139 139 LYS LYS B . n 
B 2 65 GLU 65 140 140 GLU GLU B . n 
B 2 66 HIS 66 141 141 HIS HIS B . n 
B 2 67 LYS 67 142 142 LYS LYS B . n 
B 2 68 LEU 68 143 143 LEU LEU B . n 
B 2 69 ASN 69 144 144 ASN ASN B . n 
B 2 70 GLY 70 145 145 GLY GLY B . n 
B 2 71 LYS 71 146 146 LYS LYS B . n 
B 2 72 VAL 72 147 147 VAL VAL B . n 
B 2 73 ILE 73 148 148 ILE ILE B . n 
B 2 74 ASP 74 149 149 ASP ASP B . n 
B 2 75 PRO 75 150 150 PRO PRO B . n 
B 2 76 LYS 76 151 151 LYS LYS B . n 
B 2 77 ARG 77 152 152 ARG ARG B . n 
B 2 78 ALA 78 153 153 ALA ALA B . n 
B 2 79 LYS 79 154 154 LYS LYS B . n 
B 2 80 ALA 80 155 155 ALA ALA B . n 
B 2 81 MSE 81 156 156 MSE MSE B . n 
B 2 82 ALA 82 157 157 ALA ALA B . n 
# 
loop_
_pdbx_nonpoly_scheme.asym_id 
_pdbx_nonpoly_scheme.entity_id 
_pdbx_nonpoly_scheme.mon_id 
_pdbx_nonpoly_scheme.ndb_seq_num 
_pdbx_nonpoly_scheme.pdb_seq_num 
_pdbx_nonpoly_scheme.auth_seq_num 
_pdbx_nonpoly_scheme.pdb_mon_id 
_pdbx_nonpoly_scheme.auth_mon_id 
_pdbx_nonpoly_scheme.pdb_strand_id 
_pdbx_nonpoly_scheme.pdb_ins_code 
C 3 HOH 1   201 119 HOH HOH A . 
C 3 HOH 2   202 242 HOH HOH A . 
C 3 HOH 3   203 49  HOH HOH A . 
C 3 HOH 4   204 112 HOH HOH A . 
C 3 HOH 5   205 2   HOH HOH A . 
C 3 HOH 6   206 55  HOH HOH A . 
C 3 HOH 7   207 205 HOH HOH A . 
C 3 HOH 8   208 213 HOH HOH A . 
C 3 HOH 9   209 253 HOH HOH A . 
C 3 HOH 10  210 131 HOH HOH A . 
C 3 HOH 11  211 127 HOH HOH A . 
C 3 HOH 12  212 154 HOH HOH A . 
C 3 HOH 13  213 32  HOH HOH A . 
C 3 HOH 14  214 211 HOH HOH A . 
C 3 HOH 15  215 62  HOH HOH A . 
C 3 HOH 16  216 221 HOH HOH A . 
C 3 HOH 17  217 63  HOH HOH A . 
C 3 HOH 18  218 101 HOH HOH A . 
C 3 HOH 19  219 137 HOH HOH A . 
C 3 HOH 20  220 79  HOH HOH A . 
C 3 HOH 21  221 149 HOH HOH A . 
C 3 HOH 22  222 104 HOH HOH A . 
C 3 HOH 23  223 24  HOH HOH A . 
C 3 HOH 24  224 88  HOH HOH A . 
C 3 HOH 25  225 54  HOH HOH A . 
C 3 HOH 26  226 110 HOH HOH A . 
C 3 HOH 27  227 5   HOH HOH A . 
C 3 HOH 28  228 122 HOH HOH A . 
C 3 HOH 29  229 175 HOH HOH A . 
C 3 HOH 30  230 187 HOH HOH A . 
C 3 HOH 31  231 4   HOH HOH A . 
C 3 HOH 32  232 155 HOH HOH A . 
C 3 HOH 33  233 76  HOH HOH A . 
C 3 HOH 34  234 3   HOH HOH A . 
C 3 HOH 35  235 46  HOH HOH A . 
C 3 HOH 36  236 96  HOH HOH A . 
C 3 HOH 37  237 18  HOH HOH A . 
C 3 HOH 38  238 210 HOH HOH A . 
C 3 HOH 39  239 100 HOH HOH A . 
C 3 HOH 40  240 6   HOH HOH A . 
C 3 HOH 41  241 71  HOH HOH A . 
C 3 HOH 42  242 257 HOH HOH A . 
C 3 HOH 43  243 124 HOH HOH A . 
C 3 HOH 44  244 192 HOH HOH A . 
C 3 HOH 45  245 263 HOH HOH A . 
C 3 HOH 46  246 259 HOH HOH A . 
C 3 HOH 47  247 64  HOH HOH A . 
C 3 HOH 48  248 186 HOH HOH A . 
C 3 HOH 49  249 52  HOH HOH A . 
C 3 HOH 50  250 245 HOH HOH A . 
C 3 HOH 51  251 239 HOH HOH A . 
C 3 HOH 52  252 232 HOH HOH A . 
C 3 HOH 53  253 10  HOH HOH A . 
C 3 HOH 54  254 201 HOH HOH A . 
C 3 HOH 55  255 21  HOH HOH A . 
C 3 HOH 56  256 91  HOH HOH A . 
C 3 HOH 57  257 161 HOH HOH A . 
C 3 HOH 58  258 33  HOH HOH A . 
C 3 HOH 59  259 87  HOH HOH A . 
C 3 HOH 60  260 178 HOH HOH A . 
C 3 HOH 61  261 246 HOH HOH A . 
C 3 HOH 62  262 168 HOH HOH A . 
C 3 HOH 63  263 262 HOH HOH A . 
C 3 HOH 64  264 183 HOH HOH A . 
C 3 HOH 65  265 241 HOH HOH A . 
C 3 HOH 66  266 27  HOH HOH A . 
C 3 HOH 67  267 228 HOH HOH A . 
C 3 HOH 68  268 177 HOH HOH A . 
C 3 HOH 69  269 85  HOH HOH A . 
C 3 HOH 70  270 15  HOH HOH A . 
C 3 HOH 71  271 129 HOH HOH A . 
C 3 HOH 72  272 34  HOH HOH A . 
C 3 HOH 73  273 72  HOH HOH A . 
C 3 HOH 74  274 111 HOH HOH A . 
C 3 HOH 75  275 70  HOH HOH A . 
C 3 HOH 76  276 44  HOH HOH A . 
C 3 HOH 77  277 28  HOH HOH A . 
C 3 HOH 78  278 9   HOH HOH A . 
C 3 HOH 79  279 99  HOH HOH A . 
C 3 HOH 80  280 225 HOH HOH A . 
C 3 HOH 81  281 89  HOH HOH A . 
C 3 HOH 82  282 25  HOH HOH A . 
C 3 HOH 83  283 226 HOH HOH A . 
C 3 HOH 84  284 251 HOH HOH A . 
C 3 HOH 85  285 51  HOH HOH A . 
C 3 HOH 86  286 190 HOH HOH A . 
C 3 HOH 87  287 244 HOH HOH A . 
C 3 HOH 88  288 219 HOH HOH A . 
C 3 HOH 89  289 204 HOH HOH A . 
C 3 HOH 90  290 138 HOH HOH A . 
C 3 HOH 91  291 233 HOH HOH A . 
C 3 HOH 92  292 231 HOH HOH A . 
C 3 HOH 93  293 130 HOH HOH A . 
C 3 HOH 94  294 229 HOH HOH A . 
C 3 HOH 95  295 236 HOH HOH A . 
C 3 HOH 96  296 237 HOH HOH A . 
C 3 HOH 97  297 194 HOH HOH A . 
C 3 HOH 98  298 247 HOH HOH A . 
C 3 HOH 99  299 230 HOH HOH A . 
C 3 HOH 100 300 114 HOH HOH A . 
C 3 HOH 101 301 224 HOH HOH A . 
C 3 HOH 102 302 75  HOH HOH A . 
C 3 HOH 103 303 59  HOH HOH A . 
C 3 HOH 104 304 140 HOH HOH A . 
C 3 HOH 105 305 86  HOH HOH A . 
C 3 HOH 106 306 164 HOH HOH A . 
C 3 HOH 107 307 188 HOH HOH A . 
C 3 HOH 108 308 203 HOH HOH A . 
C 3 HOH 109 309 162 HOH HOH A . 
C 3 HOH 110 310 250 HOH HOH A . 
C 3 HOH 111 311 258 HOH HOH A . 
C 3 HOH 112 312 191 HOH HOH A . 
C 3 HOH 113 313 126 HOH HOH A . 
C 3 HOH 114 314 148 HOH HOH A . 
C 3 HOH 115 315 74  HOH HOH A . 
C 3 HOH 116 316 182 HOH HOH A . 
C 3 HOH 117 317 50  HOH HOH A . 
C 3 HOH 118 318 180 HOH HOH A . 
C 3 HOH 119 319 41  HOH HOH A . 
C 3 HOH 120 320 118 HOH HOH A . 
C 3 HOH 121 321 238 HOH HOH A . 
C 3 HOH 122 322 212 HOH HOH A . 
C 3 HOH 123 323 261 HOH HOH A . 
D 3 HOH 1   201 141 HOH HOH B . 
D 3 HOH 2   202 193 HOH HOH B . 
D 3 HOH 3   203 243 HOH HOH B . 
D 3 HOH 4   204 234 HOH HOH B . 
D 3 HOH 5   205 121 HOH HOH B . 
D 3 HOH 6   206 170 HOH HOH B . 
D 3 HOH 7   207 146 HOH HOH B . 
D 3 HOH 8   208 200 HOH HOH B . 
D 3 HOH 9   209 82  HOH HOH B . 
D 3 HOH 10  210 48  HOH HOH B . 
D 3 HOH 11  211 151 HOH HOH B . 
D 3 HOH 12  212 134 HOH HOH B . 
D 3 HOH 13  213 216 HOH HOH B . 
D 3 HOH 14  214 195 HOH HOH B . 
D 3 HOH 15  215 45  HOH HOH B . 
D 3 HOH 16  216 169 HOH HOH B . 
D 3 HOH 17  217 12  HOH HOH B . 
D 3 HOH 18  218 11  HOH HOH B . 
D 3 HOH 19  219 31  HOH HOH B . 
D 3 HOH 20  220 179 HOH HOH B . 
D 3 HOH 21  221 176 HOH HOH B . 
D 3 HOH 22  222 61  HOH HOH B . 
D 3 HOH 23  223 166 HOH HOH B . 
D 3 HOH 24  224 83  HOH HOH B . 
D 3 HOH 25  225 220 HOH HOH B . 
D 3 HOH 26  226 94  HOH HOH B . 
D 3 HOH 27  227 56  HOH HOH B . 
D 3 HOH 28  228 69  HOH HOH B . 
D 3 HOH 29  229 135 HOH HOH B . 
D 3 HOH 30  230 7   HOH HOH B . 
D 3 HOH 31  231 39  HOH HOH B . 
D 3 HOH 32  232 8   HOH HOH B . 
D 3 HOH 33  233 66  HOH HOH B . 
D 3 HOH 34  234 147 HOH HOH B . 
D 3 HOH 35  235 120 HOH HOH B . 
D 3 HOH 36  236 115 HOH HOH B . 
D 3 HOH 37  237 163 HOH HOH B . 
D 3 HOH 38  238 53  HOH HOH B . 
D 3 HOH 39  239 150 HOH HOH B . 
D 3 HOH 40  240 172 HOH HOH B . 
D 3 HOH 41  241 42  HOH HOH B . 
D 3 HOH 42  242 81  HOH HOH B . 
D 3 HOH 43  243 65  HOH HOH B . 
D 3 HOH 44  244 106 HOH HOH B . 
D 3 HOH 45  245 60  HOH HOH B . 
D 3 HOH 46  246 37  HOH HOH B . 
D 3 HOH 47  247 58  HOH HOH B . 
D 3 HOH 48  248 1   HOH HOH B . 
D 3 HOH 49  249 181 HOH HOH B . 
D 3 HOH 50  250 152 HOH HOH B . 
D 3 HOH 51  251 136 HOH HOH B . 
D 3 HOH 52  252 20  HOH HOH B . 
D 3 HOH 53  253 128 HOH HOH B . 
D 3 HOH 54  254 125 HOH HOH B . 
D 3 HOH 55  255 19  HOH HOH B . 
D 3 HOH 56  256 93  HOH HOH B . 
D 3 HOH 57  257 47  HOH HOH B . 
D 3 HOH 58  258 17  HOH HOH B . 
D 3 HOH 59  259 43  HOH HOH B . 
D 3 HOH 60  260 22  HOH HOH B . 
D 3 HOH 61  261 98  HOH HOH B . 
D 3 HOH 62  262 26  HOH HOH B . 
D 3 HOH 63  263 214 HOH HOH B . 
D 3 HOH 64  264 159 HOH HOH B . 
D 3 HOH 65  265 189 HOH HOH B . 
D 3 HOH 66  266 123 HOH HOH B . 
D 3 HOH 67  267 156 HOH HOH B . 
D 3 HOH 68  268 90  HOH HOH B . 
D 3 HOH 69  269 158 HOH HOH B . 
D 3 HOH 70  270 142 HOH HOH B . 
D 3 HOH 71  271 139 HOH HOH B . 
D 3 HOH 72  272 78  HOH HOH B . 
D 3 HOH 73  273 16  HOH HOH B . 
D 3 HOH 74  274 73  HOH HOH B . 
D 3 HOH 75  275 133 HOH HOH B . 
D 3 HOH 76  276 202 HOH HOH B . 
D 3 HOH 77  277 109 HOH HOH B . 
D 3 HOH 78  278 92  HOH HOH B . 
D 3 HOH 79  279 80  HOH HOH B . 
D 3 HOH 80  280 29  HOH HOH B . 
D 3 HOH 81  281 36  HOH HOH B . 
D 3 HOH 82  282 248 HOH HOH B . 
D 3 HOH 83  283 144 HOH HOH B . 
D 3 HOH 84  284 145 HOH HOH B . 
D 3 HOH 85  285 57  HOH HOH B . 
D 3 HOH 86  286 217 HOH HOH B . 
D 3 HOH 87  287 206 HOH HOH B . 
D 3 HOH 88  288 108 HOH HOH B . 
D 3 HOH 89  289 35  HOH HOH B . 
D 3 HOH 90  290 77  HOH HOH B . 
D 3 HOH 91  291 30  HOH HOH B . 
D 3 HOH 92  292 68  HOH HOH B . 
D 3 HOH 93  293 13  HOH HOH B . 
D 3 HOH 94  294 102 HOH HOH B . 
D 3 HOH 95  295 209 HOH HOH B . 
D 3 HOH 96  296 107 HOH HOH B . 
D 3 HOH 97  297 227 HOH HOH B . 
D 3 HOH 98  298 173 HOH HOH B . 
D 3 HOH 99  299 117 HOH HOH B . 
D 3 HOH 100 300 218 HOH HOH B . 
D 3 HOH 101 301 143 HOH HOH B . 
D 3 HOH 102 302 167 HOH HOH B . 
D 3 HOH 103 303 165 HOH HOH B . 
D 3 HOH 104 304 198 HOH HOH B . 
D 3 HOH 105 305 14  HOH HOH B . 
D 3 HOH 106 306 84  HOH HOH B . 
D 3 HOH 107 307 174 HOH HOH B . 
D 3 HOH 108 308 132 HOH HOH B . 
D 3 HOH 109 309 113 HOH HOH B . 
D 3 HOH 110 310 95  HOH HOH B . 
D 3 HOH 111 311 153 HOH HOH B . 
D 3 HOH 112 312 208 HOH HOH B . 
D 3 HOH 113 313 207 HOH HOH B . 
D 3 HOH 114 314 38  HOH HOH B . 
D 3 HOH 115 315 255 HOH HOH B . 
D 3 HOH 116 316 196 HOH HOH B . 
D 3 HOH 117 317 222 HOH HOH B . 
D 3 HOH 118 318 254 HOH HOH B . 
D 3 HOH 119 319 103 HOH HOH B . 
D 3 HOH 120 320 23  HOH HOH B . 
D 3 HOH 121 321 105 HOH HOH B . 
D 3 HOH 122 322 97  HOH HOH B . 
D 3 HOH 123 323 40  HOH HOH B . 
D 3 HOH 124 324 199 HOH HOH B . 
D 3 HOH 125 325 240 HOH HOH B . 
D 3 HOH 126 326 185 HOH HOH B . 
D 3 HOH 127 327 249 HOH HOH B . 
D 3 HOH 128 328 67  HOH HOH B . 
D 3 HOH 129 329 197 HOH HOH B . 
D 3 HOH 130 330 184 HOH HOH B . 
D 3 HOH 131 331 116 HOH HOH B . 
D 3 HOH 132 332 171 HOH HOH B . 
D 3 HOH 133 333 215 HOH HOH B . 
D 3 HOH 134 334 223 HOH HOH B . 
D 3 HOH 135 335 160 HOH HOH B . 
D 3 HOH 136 336 235 HOH HOH B . 
D 3 HOH 137 337 157 HOH HOH B . 
D 3 HOH 138 338 252 HOH HOH B . 
D 3 HOH 139 339 260 HOH HOH B . 
D 3 HOH 140 340 256 HOH HOH B . 
# 
loop_
_software.citation_id 
_software.classification 
_software.compiler_name 
_software.compiler_version 
_software.contact_author 
_software.contact_author_email 
_software.date 
_software.description 
_software.dependencies 
_software.hardware 
_software.language 
_software.location 
_software.mods 
_software.name 
_software.os 
_software.os_version 
_software.type 
_software.version 
_software.pdbx_ordinal 
? refinement       ? ? ? ? ? ? ? ? ? ? ? PHENIX   ? ? ? 1.9_1692 1 
? 'data reduction' ? ? ? ? ? ? ? ? ? ? ? HKL-2000 ? ? ? .        2 
? 'data scaling'   ? ? ? ? ? ? ? ? ? ? ? HKL-2000 ? ? ? .        3 
? phasing          ? ? ? ? ? ? ? ? ? ? ? AutoSol  ? ? ? .        4 
# 
_cell.angle_alpha                  90.00 
_cell.angle_alpha_esd              ? 
_cell.angle_beta                   90.00 
_cell.angle_beta_esd               ? 
_cell.angle_gamma                  90.00 
_cell.angle_gamma_esd              ? 
_cell.entry_id                     5IM0 
_cell.details                      ? 
_cell.formula_units_Z              ? 
_cell.length_a                     39.068 
_cell.length_a_esd                 ? 
_cell.length_b                     39.411 
_cell.length_b_esd                 ? 
_cell.length_c                     93.252 
_cell.length_c_esd                 ? 
_cell.volume                       ? 
_cell.volume_esd                   ? 
_cell.Z_PDB                        4 
_cell.reciprocal_angle_alpha       ? 
_cell.reciprocal_angle_beta        ? 
_cell.reciprocal_angle_gamma       ? 
_cell.reciprocal_angle_alpha_esd   ? 
_cell.reciprocal_angle_beta_esd    ? 
_cell.reciprocal_angle_gamma_esd   ? 
_cell.reciprocal_length_a          ? 
_cell.reciprocal_length_b          ? 
_cell.reciprocal_length_c          ? 
_cell.reciprocal_length_a_esd      ? 
_cell.reciprocal_length_b_esd      ? 
_cell.reciprocal_length_c_esd      ? 
_cell.pdbx_unique_axis             ? 
# 
_symmetry.entry_id                         5IM0 
_symmetry.cell_setting                     ? 
_symmetry.Int_Tables_number                19 
_symmetry.space_group_name_Hall            ? 
_symmetry.space_group_name_H-M             'P 21 21 21' 
_symmetry.pdbx_full_space_group_name_H-M   ? 
# 
_exptl.absorpt_coefficient_mu     ? 
_exptl.absorpt_correction_T_max   ? 
_exptl.absorpt_correction_T_min   ? 
_exptl.absorpt_correction_type    ? 
_exptl.absorpt_process_details    ? 
_exptl.entry_id                   5IM0 
_exptl.crystals_number            1 
_exptl.details                    ? 
_exptl.method                     'X-RAY DIFFRACTION' 
_exptl.method_details             ? 
# 
_exptl_crystal.colour                      ? 
_exptl_crystal.density_diffrn              ? 
_exptl_crystal.density_Matthews            1.83 
_exptl_crystal.density_method              ? 
_exptl_crystal.density_percent_sol         32.86 
_exptl_crystal.description                 ? 
_exptl_crystal.F_000                       ? 
_exptl_crystal.id                          1 
_exptl_crystal.preparation                 ? 
_exptl_crystal.size_max                    ? 
_exptl_crystal.size_mid                    ? 
_exptl_crystal.size_min                    ? 
_exptl_crystal.size_rad                    ? 
_exptl_crystal.colour_lustre               ? 
_exptl_crystal.colour_modifier             ? 
_exptl_crystal.colour_primary              ? 
_exptl_crystal.density_meas                ? 
_exptl_crystal.density_meas_esd            ? 
_exptl_crystal.density_meas_gt             ? 
_exptl_crystal.density_meas_lt             ? 
_exptl_crystal.density_meas_temp           ? 
_exptl_crystal.density_meas_temp_esd       ? 
_exptl_crystal.density_meas_temp_gt        ? 
_exptl_crystal.density_meas_temp_lt        ? 
_exptl_crystal.pdbx_crystal_image_url      ? 
_exptl_crystal.pdbx_crystal_image_format   ? 
_exptl_crystal.pdbx_mosaicity              ? 
_exptl_crystal.pdbx_mosaicity_esd          ? 
# 
_exptl_crystal_grow.apparatus       ? 
_exptl_crystal_grow.atmosphere      ? 
_exptl_crystal_grow.crystal_id      1 
_exptl_crystal_grow.details         ? 
_exptl_crystal_grow.method          'VAPOR DIFFUSION, HANGING DROP' 
_exptl_crystal_grow.method_ref      ? 
_exptl_crystal_grow.pH              6.5 
_exptl_crystal_grow.pressure        ? 
_exptl_crystal_grow.pressure_esd    ? 
_exptl_crystal_grow.seeding         ? 
_exptl_crystal_grow.seeding_ref     ? 
_exptl_crystal_grow.temp            293 
_exptl_crystal_grow.temp_details    ? 
_exptl_crystal_grow.temp_esd        ? 
_exptl_crystal_grow.time            ? 
_exptl_crystal_grow.pdbx_details    'PEG 3350, HEPES' 
_exptl_crystal_grow.pdbx_pH_range   ? 
# 
_diffrn.ambient_environment    ? 
_diffrn.ambient_temp           100 
_diffrn.ambient_temp_details   ? 
_diffrn.ambient_temp_esd       ? 
_diffrn.crystal_id             1 
_diffrn.crystal_support        ? 
_diffrn.crystal_treatment      ? 
_diffrn.details                ? 
_diffrn.id                     1 
_diffrn.ambient_pressure       ? 
_diffrn.ambient_pressure_esd   ? 
_diffrn.ambient_pressure_gt    ? 
_diffrn.ambient_pressure_lt    ? 
_diffrn.ambient_temp_gt        ? 
_diffrn.ambient_temp_lt        ? 
# 
_diffrn_detector.details                      ? 
_diffrn_detector.detector                     CCD 
_diffrn_detector.diffrn_id                    1 
_diffrn_detector.type                         'ADSC QUANTUM 270' 
_diffrn_detector.area_resol_mean              ? 
_diffrn_detector.dtime                        ? 
_diffrn_detector.pdbx_frames_total            ? 
_diffrn_detector.pdbx_collection_time_total   ? 
_diffrn_detector.pdbx_collection_date         2014-12-05 
# 
_diffrn_radiation.collimation                      ? 
_diffrn_radiation.diffrn_id                        1 
_diffrn_radiation.filter_edge                      ? 
_diffrn_radiation.inhomogeneity                    ? 
_diffrn_radiation.monochromator                    ? 
_diffrn_radiation.polarisn_norm                    ? 
_diffrn_radiation.polarisn_ratio                   ? 
_diffrn_radiation.probe                            ? 
_diffrn_radiation.type                             ? 
_diffrn_radiation.xray_symbol                      ? 
_diffrn_radiation.wavelength_id                    1 
_diffrn_radiation.pdbx_monochromatic_or_laue_m_l   M 
_diffrn_radiation.pdbx_wavelength_list             ? 
_diffrn_radiation.pdbx_wavelength                  ? 
_diffrn_radiation.pdbx_diffrn_protocol             'SINGLE WAVELENGTH' 
_diffrn_radiation.pdbx_analyzer                    ? 
_diffrn_radiation.pdbx_scattering_type             x-ray 
# 
_diffrn_radiation_wavelength.id           1 
_diffrn_radiation_wavelength.wavelength   0.9796 
_diffrn_radiation_wavelength.wt           1.0 
# 
_diffrn_source.current                     ? 
_diffrn_source.details                     ? 
_diffrn_source.diffrn_id                   1 
_diffrn_source.power                       ? 
_diffrn_source.size                        ? 
_diffrn_source.source                      SYNCHROTRON 
_diffrn_source.target                      ? 
_diffrn_source.type                        'PAL/PLS BEAMLINE 7A (6B, 6C1)' 
_diffrn_source.voltage                     ? 
_diffrn_source.take-off_angle              ? 
_diffrn_source.pdbx_wavelength_list        0.9796 
_diffrn_source.pdbx_wavelength             ? 
_diffrn_source.pdbx_synchrotron_beamline   '7A (6B, 6C1)' 
_diffrn_source.pdbx_synchrotron_site       PAL/PLS 
# 
_reflns.B_iso_Wilson_estimate            ? 
_reflns.entry_id                         5IM0 
_reflns.data_reduction_details           ? 
_reflns.data_reduction_method            ? 
_reflns.d_resolution_high                1.7 
_reflns.d_resolution_low                 50 
_reflns.details                          ? 
_reflns.limit_h_max                      ? 
_reflns.limit_h_min                      ? 
_reflns.limit_k_max                      ? 
_reflns.limit_k_min                      ? 
_reflns.limit_l_max                      ? 
_reflns.limit_l_min                      ? 
_reflns.number_all                       ? 
_reflns.number_obs                       16559 
_reflns.observed_criterion               ? 
_reflns.observed_criterion_F_max         ? 
_reflns.observed_criterion_F_min         ? 
_reflns.observed_criterion_I_max         ? 
_reflns.observed_criterion_I_min         ? 
_reflns.observed_criterion_sigma_F       ? 
_reflns.observed_criterion_sigma_I       ? 
_reflns.percent_possible_obs             99.9 
_reflns.R_free_details                   ? 
_reflns.Rmerge_F_all                     ? 
_reflns.Rmerge_F_obs                     ? 
_reflns.Friedel_coverage                 ? 
_reflns.number_gt                        ? 
_reflns.threshold_expression             ? 
_reflns.pdbx_redundancy                  7.1 
_reflns.pdbx_Rmerge_I_obs                ? 
_reflns.pdbx_Rmerge_I_all                ? 
_reflns.pdbx_Rsym_value                  ? 
_reflns.pdbx_netI_over_av_sigmaI         ? 
_reflns.pdbx_netI_over_sigmaI            42.2 
_reflns.pdbx_res_netI_over_av_sigmaI_2   ? 
_reflns.pdbx_res_netI_over_sigmaI_2      ? 
_reflns.pdbx_chi_squared                 ? 
_reflns.pdbx_scaling_rejects             ? 
_reflns.pdbx_d_res_high_opt              ? 
_reflns.pdbx_d_res_low_opt               ? 
_reflns.pdbx_d_res_opt_method            ? 
_reflns.phase_calculation_details        ? 
_reflns.pdbx_Rrim_I_all                  ? 
_reflns.pdbx_Rpim_I_all                  ? 
_reflns.pdbx_d_opt                       ? 
_reflns.pdbx_number_measured_all         ? 
_reflns.pdbx_diffrn_id                   1 
_reflns.pdbx_ordinal                     1 
_reflns.pdbx_CC_half                     ? 
_reflns.pdbx_R_split                     ? 
# 
_reflns_shell.d_res_high                  . 
_reflns_shell.d_res_low                   ? 
_reflns_shell.meanI_over_sigI_all         ? 
_reflns_shell.meanI_over_sigI_obs         ? 
_reflns_shell.number_measured_all         ? 
_reflns_shell.number_measured_obs         ? 
_reflns_shell.number_possible             ? 
_reflns_shell.number_unique_all           ? 
_reflns_shell.number_unique_obs           ? 
_reflns_shell.percent_possible_all        ? 
_reflns_shell.percent_possible_obs        ? 
_reflns_shell.Rmerge_F_all                ? 
_reflns_shell.Rmerge_F_obs                ? 
_reflns_shell.Rmerge_I_all                ? 
_reflns_shell.Rmerge_I_obs                ? 
_reflns_shell.meanI_over_sigI_gt          ? 
_reflns_shell.meanI_over_uI_all           ? 
_reflns_shell.meanI_over_uI_gt            ? 
_reflns_shell.number_measured_gt          ? 
_reflns_shell.number_unique_gt            ? 
_reflns_shell.percent_possible_gt         ? 
_reflns_shell.Rmerge_F_gt                 ? 
_reflns_shell.Rmerge_I_gt                 ? 
_reflns_shell.pdbx_redundancy             ? 
_reflns_shell.pdbx_Rsym_value             ? 
_reflns_shell.pdbx_chi_squared            ? 
_reflns_shell.pdbx_netI_over_sigmaI_all   ? 
_reflns_shell.pdbx_netI_over_sigmaI_obs   ? 
_reflns_shell.pdbx_Rrim_I_all             ? 
_reflns_shell.pdbx_Rpim_I_all             ? 
_reflns_shell.pdbx_rejects                ? 
_reflns_shell.pdbx_ordinal                1 
_reflns_shell.pdbx_diffrn_id              1 
_reflns_shell.pdbx_CC_half                ? 
_reflns_shell.pdbx_R_split                ? 
# 
_refine.aniso_B[1][1]                            ? 
_refine.aniso_B[1][2]                            ? 
_refine.aniso_B[1][3]                            ? 
_refine.aniso_B[2][2]                            ? 
_refine.aniso_B[2][3]                            ? 
_refine.aniso_B[3][3]                            ? 
_refine.B_iso_max                                ? 
_refine.B_iso_mean                               ? 
_refine.B_iso_min                                ? 
_refine.correlation_coeff_Fo_to_Fc               ? 
_refine.correlation_coeff_Fo_to_Fc_free          ? 
_refine.details                                  ? 
_refine.diff_density_max                         ? 
_refine.diff_density_max_esd                     ? 
_refine.diff_density_min                         ? 
_refine.diff_density_min_esd                     ? 
_refine.diff_density_rms                         ? 
_refine.diff_density_rms_esd                     ? 
_refine.entry_id                                 5IM0 
_refine.pdbx_refine_id                           'X-RAY DIFFRACTION' 
_refine.ls_abs_structure_details                 ? 
_refine.ls_abs_structure_Flack                   ? 
_refine.ls_abs_structure_Flack_esd               ? 
_refine.ls_abs_structure_Rogers                  ? 
_refine.ls_abs_structure_Rogers_esd              ? 
_refine.ls_d_res_high                            1.7 
_refine.ls_d_res_low                             26.594 
_refine.ls_extinction_coef                       ? 
_refine.ls_extinction_coef_esd                   ? 
_refine.ls_extinction_expression                 ? 
_refine.ls_extinction_method                     ? 
_refine.ls_goodness_of_fit_all                   ? 
_refine.ls_goodness_of_fit_all_esd               ? 
_refine.ls_goodness_of_fit_obs                   ? 
_refine.ls_goodness_of_fit_obs_esd               ? 
_refine.ls_hydrogen_treatment                    ? 
_refine.ls_matrix_type                           ? 
_refine.ls_number_constraints                    ? 
_refine.ls_number_parameters                     ? 
_refine.ls_number_reflns_all                     ? 
_refine.ls_number_reflns_obs                     15364 
_refine.ls_number_reflns_R_free                  1555 
_refine.ls_number_reflns_R_work                  ? 
_refine.ls_number_restraints                     ? 
_refine.ls_percent_reflns_obs                    99.69 
_refine.ls_percent_reflns_R_free                 10.11 
_refine.ls_R_factor_all                          ? 
_refine.ls_R_factor_obs                          0.1733 
_refine.ls_R_factor_R_free                       0.2040 
_refine.ls_R_factor_R_free_error                 ? 
_refine.ls_R_factor_R_free_error_details         ? 
_refine.ls_R_factor_R_work                       0.1698 
_refine.ls_R_Fsqd_factor_obs                     ? 
_refine.ls_R_I_factor_obs                        ? 
_refine.ls_redundancy_reflns_all                 ? 
_refine.ls_redundancy_reflns_obs                 ? 
_refine.ls_restrained_S_all                      ? 
_refine.ls_restrained_S_obs                      ? 
_refine.ls_shift_over_esd_max                    ? 
_refine.ls_shift_over_esd_mean                   ? 
_refine.ls_structure_factor_coef                 ? 
_refine.ls_weighting_details                     ? 
_refine.ls_weighting_scheme                      ? 
_refine.ls_wR_factor_all                         ? 
_refine.ls_wR_factor_obs                         ? 
_refine.ls_wR_factor_R_free                      ? 
_refine.ls_wR_factor_R_work                      ? 
_refine.occupancy_max                            ? 
_refine.occupancy_min                            ? 
_refine.solvent_model_details                    ? 
_refine.solvent_model_param_bsol                 ? 
_refine.solvent_model_param_ksol                 ? 
_refine.ls_R_factor_gt                           ? 
_refine.ls_goodness_of_fit_gt                    ? 
_refine.ls_goodness_of_fit_ref                   ? 
_refine.ls_shift_over_su_max                     ? 
_refine.ls_shift_over_su_max_lt                  ? 
_refine.ls_shift_over_su_mean                    ? 
_refine.ls_shift_over_su_mean_lt                 ? 
_refine.pdbx_ls_sigma_I                          ? 
_refine.pdbx_ls_sigma_F                          1.36 
_refine.pdbx_ls_sigma_Fsqd                       ? 
_refine.pdbx_data_cutoff_high_absF               ? 
_refine.pdbx_data_cutoff_high_rms_absF           ? 
_refine.pdbx_data_cutoff_low_absF                ? 
_refine.pdbx_isotropic_thermal_model             ? 
_refine.pdbx_ls_cross_valid_method               'FREE R-VALUE' 
_refine.pdbx_method_to_determine_struct          SAD 
_refine.pdbx_starting_model                      ? 
_refine.pdbx_stereochemistry_target_values       ? 
_refine.pdbx_R_Free_selection_details            ? 
_refine.pdbx_stereochem_target_val_spec_case     ? 
_refine.pdbx_overall_ESU_R                       ? 
_refine.pdbx_overall_ESU_R_Free                  ? 
_refine.pdbx_solvent_vdw_probe_radii             1.11 
_refine.pdbx_solvent_ion_probe_radii             ? 
_refine.pdbx_solvent_shrinkage_radii             0.90 
_refine.pdbx_real_space_R                        ? 
_refine.pdbx_density_correlation                 ? 
_refine.pdbx_pd_number_of_powder_patterns        ? 
_refine.pdbx_pd_number_of_points                 ? 
_refine.pdbx_pd_meas_number_of_points            ? 
_refine.pdbx_pd_proc_ls_prof_R_factor            ? 
_refine.pdbx_pd_proc_ls_prof_wR_factor           ? 
_refine.pdbx_pd_Marquardt_correlation_coeff      ? 
_refine.pdbx_pd_Fsqrd_R_factor                   ? 
_refine.pdbx_pd_ls_matrix_band_width             ? 
_refine.pdbx_overall_phase_error                 21.04 
_refine.pdbx_overall_SU_R_free_Cruickshank_DPI   ? 
_refine.pdbx_overall_SU_R_free_Blow_DPI          ? 
_refine.pdbx_overall_SU_R_Blow_DPI               ? 
_refine.pdbx_TLS_residual_ADP_flag               ? 
_refine.pdbx_diffrn_id                           1 
_refine.overall_SU_B                             ? 
_refine.overall_SU_ML                            0.16 
_refine.overall_SU_R_Cruickshank_DPI             ? 
_refine.overall_SU_R_free                        ? 
_refine.overall_FOM_free_R_set                   ? 
_refine.overall_FOM_work_R_set                   ? 
_refine.pdbx_average_fsc_overall                 ? 
_refine.pdbx_average_fsc_work                    ? 
_refine.pdbx_average_fsc_free                    ? 
# 
_refine_hist.pdbx_refine_id                   'X-RAY DIFFRACTION' 
_refine_hist.cycle_id                         LAST 
_refine_hist.pdbx_number_atoms_protein        1280 
_refine_hist.pdbx_number_atoms_nucleic_acid   0 
_refine_hist.pdbx_number_atoms_ligand         0 
_refine_hist.number_atoms_solvent             263 
_refine_hist.number_atoms_total               1543 
_refine_hist.d_res_high                       1.7 
_refine_hist.d_res_low                        26.594 
# 
loop_
_refine_ls_restr.pdbx_refine_id 
_refine_ls_restr.criterion 
_refine_ls_restr.dev_ideal 
_refine_ls_restr.dev_ideal_target 
_refine_ls_restr.number 
_refine_ls_restr.rejects 
_refine_ls_restr.type 
_refine_ls_restr.weight 
_refine_ls_restr.pdbx_restraint_function 
'X-RAY DIFFRACTION' ? 0.006  ? 1302 ? f_bond_d           ? ? 
'X-RAY DIFFRACTION' ? 0.987  ? 1730 ? f_angle_d          ? ? 
'X-RAY DIFFRACTION' ? 11.945 ? 504  ? f_dihedral_angle_d ? ? 
'X-RAY DIFFRACTION' ? 0.041  ? 183  ? f_chiral_restr     ? ? 
'X-RAY DIFFRACTION' ? 0.005  ? 217  ? f_plane_restr      ? ? 
# 
loop_
_refine_ls_shell.pdbx_refine_id 
_refine_ls_shell.d_res_high 
_refine_ls_shell.d_res_low 
_refine_ls_shell.number_reflns_all 
_refine_ls_shell.number_reflns_obs 
_refine_ls_shell.number_reflns_R_free 
_refine_ls_shell.number_reflns_R_work 
_refine_ls_shell.percent_reflns_obs 
_refine_ls_shell.percent_reflns_R_free 
_refine_ls_shell.R_factor_all 
_refine_ls_shell.R_factor_obs 
_refine_ls_shell.R_factor_R_free 
_refine_ls_shell.R_factor_R_free_error 
_refine_ls_shell.R_factor_R_work 
_refine_ls_shell.redundancy_reflns_all 
_refine_ls_shell.redundancy_reflns_obs 
_refine_ls_shell.wR_factor_all 
_refine_ls_shell.wR_factor_obs 
_refine_ls_shell.wR_factor_R_free 
_refine_ls_shell.wR_factor_R_work 
_refine_ls_shell.pdbx_total_number_of_bins_used 
_refine_ls_shell.pdbx_phase_error 
_refine_ls_shell.pdbx_fsc_work 
_refine_ls_shell.pdbx_fsc_free 
'X-RAY DIFFRACTION' 1.6952 1.7217  . . 139 1196 95.00  . . . 0.2339 . 0.2039 . . . . . . . . . . 
'X-RAY DIFFRACTION' 1.7217 1.7499  . . 141 1261 100.00 . . . 0.2518 . 0.2136 . . . . . . . . . . 
'X-RAY DIFFRACTION' 1.7499 1.7801  . . 142 1269 100.00 . . . 0.2771 . 0.2105 . . . . . . . . . . 
'X-RAY DIFFRACTION' 1.7801 1.8125  . . 128 1232 99.00  . . . 0.2551 . 0.1918 . . . . . . . . . . 
'X-RAY DIFFRACTION' 1.8125 1.8473  . . 143 1268 100.00 . . . 0.2460 . 0.1884 . . . . . . . . . . 
'X-RAY DIFFRACTION' 1.8473 1.8850  . . 138 1248 100.00 . . . 0.2147 . 0.1873 . . . . . . . . . . 
'X-RAY DIFFRACTION' 1.8850 1.9260  . . 137 1262 100.00 . . . 0.2156 . 0.1755 . . . . . . . . . . 
'X-RAY DIFFRACTION' 1.9260 1.9708  . . 147 1295 100.00 . . . 0.2687 . 0.1765 . . . . . . . . . . 
'X-RAY DIFFRACTION' 1.9708 2.0201  . . 140 1219 100.00 . . . 0.2359 . 0.1724 . . . . . . . . . . 
'X-RAY DIFFRACTION' 2.0201 2.0747  . . 150 1285 100.00 . . . 0.2115 . 0.1712 . . . . . . . . . . 
'X-RAY DIFFRACTION' 2.0747 2.1357  . . 142 1254 100.00 . . . 0.2027 . 0.1715 . . . . . . . . . . 
'X-RAY DIFFRACTION' 2.1357 2.2046  . . 140 1275 100.00 . . . 0.2380 . 0.1832 . . . . . . . . . . 
'X-RAY DIFFRACTION' 2.2046 2.2833  . . 139 1242 100.00 . . . 0.2331 . 0.1696 . . . . . . . . . . 
'X-RAY DIFFRACTION' 2.2833 2.3747  . . 140 1260 100.00 . . . 0.1884 . 0.1652 . . . . . . . . . . 
'X-RAY DIFFRACTION' 2.3747 2.4827  . . 147 1261 100.00 . . . 0.2378 . 0.1815 . . . . . . . . . . 
'X-RAY DIFFRACTION' 2.4827 2.6135  . . 127 1277 100.00 . . . 0.2168 . 0.1851 . . . . . . . . . . 
'X-RAY DIFFRACTION' 2.6135 2.7771  . . 151 1269 100.00 . . . 0.2160 . 0.1777 . . . . . . . . . . 
'X-RAY DIFFRACTION' 2.7771 2.9912  . . 144 1246 100.00 . . . 0.2303 . 0.1749 . . . . . . . . . . 
'X-RAY DIFFRACTION' 2.9912 3.2918  . . 150 1272 100.00 . . . 0.1780 . 0.1604 . . . . . . . . . . 
'X-RAY DIFFRACTION' 3.2918 3.7669  . . 134 1235 100.00 . . . 0.1644 . 0.1408 . . . . . . . . . . 
'X-RAY DIFFRACTION' 3.7669 4.7416  . . 148 1261 100.00 . . . 0.1551 . 0.1360 . . . . . . . . . . 
'X-RAY DIFFRACTION' 4.7416 26.5968 . . 143 1251 99.00  . . . 0.1747 . 0.1847 . . . . . . . . . . 
# 
_struct.entry_id                     5IM0 
_struct.title                        'Crystal structure of the RNA recognition motif of mRNA decay regulator AUF1' 
_struct.pdbx_model_details           ? 
_struct.pdbx_formula_weight          ? 
_struct.pdbx_formula_weight_method   ? 
_struct.pdbx_model_type_details      ? 
_struct.pdbx_CASP_flag               ? 
# 
_struct_keywords.entry_id        5IM0 
_struct_keywords.text            'mRNA decay, hnRNP D0, AUF1, RNA recognition motif, crystallization, RNA BINDING PROTEIN' 
_struct_keywords.pdbx_keywords   'RNA BINDING PROTEIN' 
# 
loop_
_struct_asym.id 
_struct_asym.pdbx_blank_PDB_chainid_flag 
_struct_asym.pdbx_modified 
_struct_asym.entity_id 
_struct_asym.details 
A N N 1 ? 
B N N 2 ? 
C N N 3 ? 
D N N 3 ? 
# 
loop_
_struct_ref.id 
_struct_ref.db_name 
_struct_ref.db_code 
_struct_ref.pdbx_db_accession 
_struct_ref.pdbx_db_isoform 
_struct_ref.entity_id 
_struct_ref.pdbx_seq_one_letter_code 
_struct_ref.pdbx_align_begin 
1 UNP HNRPD_HUMAN Q14103 Q14103-2 1 
;SKNEEDEGKMFIGGLSWDTTKKDLKDYFSKFGEVVDCTLKLDPITGRSRGFGFVLFKESESVDKVMDQKEHKLNGKVIDP
KRAKAM
;
71 
2 UNP HNRPD_HUMAN Q14103 Q14103-2 2 
;EGKMFIGGLSWDTTKKDLKDYFSKFGEVVDCTLKLDPITGRSRGFGFVLFKESESVDKVMDQKEHKLNGKVIDPKRAKAM

;
77 
# 
loop_
_struct_ref_seq.align_id 
_struct_ref_seq.ref_id 
_struct_ref_seq.pdbx_PDB_id_code 
_struct_ref_seq.pdbx_strand_id 
_struct_ref_seq.seq_align_beg 
_struct_ref_seq.pdbx_seq_align_beg_ins_code 
_struct_ref_seq.seq_align_end 
_struct_ref_seq.pdbx_seq_align_end_ins_code 
_struct_ref_seq.pdbx_db_accession 
_struct_ref_seq.db_align_beg 
_struct_ref_seq.pdbx_db_align_beg_ins_code 
_struct_ref_seq.db_align_end 
_struct_ref_seq.pdbx_db_align_end_ins_code 
_struct_ref_seq.pdbx_auth_seq_align_beg 
_struct_ref_seq.pdbx_auth_seq_align_end 
1 1 5IM0 A 2 ? 87 ? Q14103 71 ? 156 ? 71 156 
2 2 5IM0 B 2 ? 81 ? Q14103 77 ? 156 ? 77 156 
# 
loop_
_struct_ref_seq_dif.align_id 
_struct_ref_seq_dif.pdbx_pdb_id_code 
_struct_ref_seq_dif.mon_id 
_struct_ref_seq_dif.pdbx_pdb_strand_id 
_struct_ref_seq_dif.seq_num 
_struct_ref_seq_dif.pdbx_pdb_ins_code 
_struct_ref_seq_dif.pdbx_seq_db_name 
_struct_ref_seq_dif.pdbx_seq_db_accession_code 
_struct_ref_seq_dif.db_mon_id 
_struct_ref_seq_dif.pdbx_seq_db_seq_num 
_struct_ref_seq_dif.details 
_struct_ref_seq_dif.pdbx_auth_seq_num 
_struct_ref_seq_dif.pdbx_ordinal 
1 5IM0 MSE A 1  ? UNP Q14103 ?   ?  'expression tag' 70  1 
1 5IM0 MSE A 7  ? UNP Q14103 ASP 76 conflict         76  2 
2 5IM0 MSE B 1  ? UNP Q14103 ?   ?  'expression tag' 76  3 
2 5IM0 ALA B 82 ? UNP Q14103 ?   ?  'expression tag' 157 4 
# 
_pdbx_struct_assembly.id                   1 
_pdbx_struct_assembly.details              author_defined_assembly 
_pdbx_struct_assembly.method_details       ? 
_pdbx_struct_assembly.oligomeric_details   dimeric 
_pdbx_struct_assembly.oligomeric_count     2 
# 
loop_
_pdbx_struct_assembly_prop.biol_id 
_pdbx_struct_assembly_prop.type 
_pdbx_struct_assembly_prop.value 
_pdbx_struct_assembly_prop.details 
1 'ABSA (A^2)' 650  ? 
1 MORE         1    ? 
1 'SSA (A^2)'  9970 ? 
# 
_pdbx_struct_assembly_gen.assembly_id       1 
_pdbx_struct_assembly_gen.oper_expression   1 
_pdbx_struct_assembly_gen.asym_id_list      A,B,C,D 
# 
_pdbx_struct_oper_list.id                   1 
_pdbx_struct_oper_list.type                 'identity operation' 
_pdbx_struct_oper_list.name                 1_555 
_pdbx_struct_oper_list.symmetry_operation   x,y,z 
_pdbx_struct_oper_list.matrix[1][1]         1.0000000000 
_pdbx_struct_oper_list.matrix[1][2]         0.0000000000 
_pdbx_struct_oper_list.matrix[1][3]         0.0000000000 
_pdbx_struct_oper_list.vector[1]            0.0000000000 
_pdbx_struct_oper_list.matrix[2][1]         0.0000000000 
_pdbx_struct_oper_list.matrix[2][2]         1.0000000000 
_pdbx_struct_oper_list.matrix[2][3]         0.0000000000 
_pdbx_struct_oper_list.vector[2]            0.0000000000 
_pdbx_struct_oper_list.matrix[3][1]         0.0000000000 
_pdbx_struct_oper_list.matrix[3][2]         0.0000000000 
_pdbx_struct_oper_list.matrix[3][3]         1.0000000000 
_pdbx_struct_oper_list.vector[3]            0.0000000000 
# 
loop_
_struct_conf.conf_type_id 
_struct_conf.id 
_struct_conf.pdbx_PDB_helix_id 
_struct_conf.beg_label_comp_id 
_struct_conf.beg_label_asym_id 
_struct_conf.beg_label_seq_id 
_struct_conf.pdbx_beg_PDB_ins_code 
_struct_conf.end_label_comp_id 
_struct_conf.end_label_asym_id 
_struct_conf.end_label_seq_id 
_struct_conf.pdbx_end_PDB_ins_code 
_struct_conf.beg_auth_comp_id 
_struct_conf.beg_auth_asym_id 
_struct_conf.beg_auth_seq_id 
_struct_conf.end_auth_comp_id 
_struct_conf.end_auth_asym_id 
_struct_conf.end_auth_seq_id 
_struct_conf.pdbx_PDB_helix_class 
_struct_conf.details 
_struct_conf.pdbx_PDB_helix_length 
HELX_P HELX_P1 AA1 THR A 21 ? SER A 30 ? THR A 90  SER A 99  1 ? 10 
HELX_P HELX_P2 AA2 LYS A 31 ? GLY A 33 ? LYS A 100 GLY A 102 5 ? 3  
HELX_P HELX_P3 AA3 SER A 60 ? ASP A 68 ? SER A 129 ASP A 137 1 ? 9  
HELX_P HELX_P4 AA4 THR B 15 ? SER B 24 ? THR B 90  SER B 99  1 ? 10 
HELX_P HELX_P5 AA5 LYS B 25 ? GLY B 27 ? LYS B 100 GLY B 102 5 ? 3  
HELX_P HELX_P6 AA6 SER B 54 ? GLN B 63 ? SER B 129 GLN B 138 1 ? 10 
HELX_P HELX_P7 AA7 LYS B 79 ? MSE B 81 ? LYS B 154 MSE B 156 5 ? 3  
# 
_struct_conf_type.id          HELX_P 
_struct_conf_type.criteria    ? 
_struct_conf_type.reference   ? 
# 
loop_
_struct_conn.id 
_struct_conn.conn_type_id 
_struct_conn.pdbx_leaving_atom_flag 
_struct_conn.pdbx_PDB_id 
_struct_conn.ptnr1_label_asym_id 
_struct_conn.ptnr1_label_comp_id 
_struct_conn.ptnr1_label_seq_id 
_struct_conn.ptnr1_label_atom_id 
_struct_conn.pdbx_ptnr1_label_alt_id 
_struct_conn.pdbx_ptnr1_PDB_ins_code 
_struct_conn.pdbx_ptnr1_standard_comp_id 
_struct_conn.ptnr1_symmetry 
_struct_conn.ptnr2_label_asym_id 
_struct_conn.ptnr2_label_comp_id 
_struct_conn.ptnr2_label_seq_id 
_struct_conn.ptnr2_label_atom_id 
_struct_conn.pdbx_ptnr2_label_alt_id 
_struct_conn.pdbx_ptnr2_PDB_ins_code 
_struct_conn.ptnr1_auth_asym_id 
_struct_conn.ptnr1_auth_comp_id 
_struct_conn.ptnr1_auth_seq_id 
_struct_conn.ptnr2_auth_asym_id 
_struct_conn.ptnr2_auth_comp_id 
_struct_conn.ptnr2_auth_seq_id 
_struct_conn.ptnr2_symmetry 
_struct_conn.pdbx_ptnr3_label_atom_id 
_struct_conn.pdbx_ptnr3_label_seq_id 
_struct_conn.pdbx_ptnr3_label_comp_id 
_struct_conn.pdbx_ptnr3_label_asym_id 
_struct_conn.pdbx_ptnr3_label_alt_id 
_struct_conn.pdbx_ptnr3_PDB_ins_code 
_struct_conn.details 
_struct_conn.pdbx_dist_value 
_struct_conn.pdbx_value_order 
_struct_conn.pdbx_role 
covale1  covale both ? A MSE 7  C ? ? ? 1_555 A GLU 8  N ? ? A MSE 76  A GLU 77  1_555 ? ? ? ? ? ? ? 1.327 ? ? 
covale2  covale both ? A LYS 10 C ? ? ? 1_555 A MSE 11 N ? ? A LYS 79  A MSE 80  1_555 ? ? ? ? ? ? ? 1.335 ? ? 
covale3  covale both ? A MSE 11 C ? ? ? 1_555 A PHE 12 N ? ? A MSE 80  A PHE 81  1_555 ? ? ? ? ? ? ? 1.327 ? ? 
covale4  covale both ? A VAL 66 C ? ? ? 1_555 A MSE 67 N ? ? A VAL 135 A MSE 136 1_555 ? ? ? ? ? ? ? 1.329 ? ? 
covale5  covale both ? A MSE 67 C ? ? ? 1_555 A ASP 68 N ? ? A MSE 136 A ASP 137 1_555 ? ? ? ? ? ? ? 1.328 ? ? 
covale6  covale both ? B MSE 1  C ? ? ? 1_555 B GLU 2  N ? ? B MSE 76  B GLU 77  1_555 ? ? ? ? ? ? ? 1.330 ? ? 
covale7  covale both ? B LYS 4  C ? ? ? 1_555 B MSE 5  N ? ? B LYS 79  B MSE 80  1_555 ? ? ? ? ? ? ? 1.327 ? ? 
covale8  covale both ? B MSE 5  C ? ? ? 1_555 B PHE 6  N ? ? B MSE 80  B PHE 81  1_555 ? ? ? ? ? ? ? 1.329 ? ? 
covale9  covale both ? B VAL 60 C ? ? ? 1_555 B MSE 61 N ? ? B VAL 135 B MSE 136 1_555 ? ? ? ? ? ? ? 1.328 ? ? 
covale10 covale both ? B MSE 61 C ? ? ? 1_555 B ASP 62 N ? ? B MSE 136 B ASP 137 1_555 ? ? ? ? ? ? ? 1.335 ? ? 
covale11 covale both ? B ALA 80 C ? ? ? 1_555 B MSE 81 N ? ? B ALA 155 B MSE 156 1_555 ? ? ? ? ? ? ? 1.329 ? ? 
covale12 covale both ? B MSE 81 C ? ? ? 1_555 B ALA 82 N ? ? B MSE 156 B ALA 157 1_555 ? ? ? ? ? ? ? 1.330 ? ? 
# 
_struct_conn_type.id          covale 
_struct_conn_type.criteria    ? 
_struct_conn_type.reference   ? 
# 
loop_
_pdbx_modification_feature.ordinal 
_pdbx_modification_feature.label_comp_id 
_pdbx_modification_feature.label_asym_id 
_pdbx_modification_feature.label_seq_id 
_pdbx_modification_feature.label_alt_id 
_pdbx_modification_feature.modified_residue_label_comp_id 
_pdbx_modification_feature.modified_residue_label_asym_id 
_pdbx_modification_feature.modified_residue_label_seq_id 
_pdbx_modification_feature.modified_residue_label_alt_id 
_pdbx_modification_feature.auth_comp_id 
_pdbx_modification_feature.auth_asym_id 
_pdbx_modification_feature.auth_seq_id 
_pdbx_modification_feature.PDB_ins_code 
_pdbx_modification_feature.symmetry 
_pdbx_modification_feature.modified_residue_auth_comp_id 
_pdbx_modification_feature.modified_residue_auth_asym_id 
_pdbx_modification_feature.modified_residue_auth_seq_id 
_pdbx_modification_feature.modified_residue_PDB_ins_code 
_pdbx_modification_feature.modified_residue_symmetry 
_pdbx_modification_feature.comp_id_linking_atom 
_pdbx_modification_feature.modified_residue_id_linking_atom 
_pdbx_modification_feature.modified_residue_id 
_pdbx_modification_feature.ref_pcm_id 
_pdbx_modification_feature.ref_comp_id 
_pdbx_modification_feature.type 
_pdbx_modification_feature.category 
1 MSE A 7  ? . . . . MSE A 76  ? 1_555 . . . . . . . MET 1 MSE Selenomethionine 'Named protein modification' 
2 MSE A 11 ? . . . . MSE A 80  ? 1_555 . . . . . . . MET 1 MSE Selenomethionine 'Named protein modification' 
3 MSE A 67 ? . . . . MSE A 136 ? 1_555 . . . . . . . MET 1 MSE Selenomethionine 'Named protein modification' 
4 MSE B 1  ? . . . . MSE B 76  ? 1_555 . . . . . . . MET 1 MSE Selenomethionine 'Named protein modification' 
5 MSE B 5  ? . . . . MSE B 80  ? 1_555 . . . . . . . MET 1 MSE Selenomethionine 'Named protein modification' 
6 MSE B 61 ? . . . . MSE B 136 ? 1_555 . . . . . . . MET 1 MSE Selenomethionine 'Named protein modification' 
7 MSE B 81 ? . . . . MSE B 156 ? 1_555 . . . . . . . MET 1 MSE Selenomethionine 'Named protein modification' 
# 
loop_
_struct_sheet.id 
_struct_sheet.type 
_struct_sheet.number_strands 
_struct_sheet.details 
AA1 ? 5 ? 
AA2 ? 4 ? 
AA3 ? 2 ? 
# 
loop_
_struct_sheet_order.sheet_id 
_struct_sheet_order.range_id_1 
_struct_sheet_order.range_id_2 
_struct_sheet_order.offset 
_struct_sheet_order.sense 
AA1 1 2 ? anti-parallel 
AA1 2 3 ? anti-parallel 
AA1 3 4 ? anti-parallel 
AA1 4 5 ? anti-parallel 
AA2 1 2 ? anti-parallel 
AA2 2 3 ? anti-parallel 
AA2 3 4 ? anti-parallel 
AA3 1 2 ? anti-parallel 
# 
loop_
_struct_sheet_range.sheet_id 
_struct_sheet_range.id 
_struct_sheet_range.beg_label_comp_id 
_struct_sheet_range.beg_label_asym_id 
_struct_sheet_range.beg_label_seq_id 
_struct_sheet_range.pdbx_beg_PDB_ins_code 
_struct_sheet_range.end_label_comp_id 
_struct_sheet_range.end_label_asym_id 
_struct_sheet_range.end_label_seq_id 
_struct_sheet_range.pdbx_end_PDB_ins_code 
_struct_sheet_range.beg_auth_comp_id 
_struct_sheet_range.beg_auth_asym_id 
_struct_sheet_range.beg_auth_seq_id 
_struct_sheet_range.end_auth_comp_id 
_struct_sheet_range.end_auth_asym_id 
_struct_sheet_range.end_auth_seq_id 
AA1 1 VAL A 35 ? LEU A 42 ? VAL A 104 LEU A 111 
AA1 2 SER A 49 ? PHE A 57 ? SER A 118 PHE A 126 
AA1 3 GLY A 9  ? GLY A 14 ? GLY A 78  GLY A 83  
AA1 4 LYS A 77 ? ARG A 83 ? LYS A 146 ARG A 152 
AA1 5 HIS A 72 ? LEU A 74 ? HIS A 141 LEU A 143 
AA2 1 VAL B 29 ? LEU B 36 ? VAL B 104 LEU B 111 
AA2 2 SER B 43 ? PHE B 51 ? SER B 118 PHE B 126 
AA2 3 GLY B 3  ? GLY B 8  ? GLY B 78  GLY B 83  
AA2 4 ASP B 74 ? ARG B 77 ? ASP B 149 ARG B 152 
AA3 1 LYS B 67 ? LEU B 68 ? LYS B 142 LEU B 143 
AA3 2 LYS B 71 ? VAL B 72 ? LYS B 146 VAL B 147 
# 
loop_
_pdbx_struct_sheet_hbond.sheet_id 
_pdbx_struct_sheet_hbond.range_id_1 
_pdbx_struct_sheet_hbond.range_id_2 
_pdbx_struct_sheet_hbond.range_1_label_atom_id 
_pdbx_struct_sheet_hbond.range_1_label_comp_id 
_pdbx_struct_sheet_hbond.range_1_label_asym_id 
_pdbx_struct_sheet_hbond.range_1_label_seq_id 
_pdbx_struct_sheet_hbond.range_1_PDB_ins_code 
_pdbx_struct_sheet_hbond.range_1_auth_atom_id 
_pdbx_struct_sheet_hbond.range_1_auth_comp_id 
_pdbx_struct_sheet_hbond.range_1_auth_asym_id 
_pdbx_struct_sheet_hbond.range_1_auth_seq_id 
_pdbx_struct_sheet_hbond.range_2_label_atom_id 
_pdbx_struct_sheet_hbond.range_2_label_comp_id 
_pdbx_struct_sheet_hbond.range_2_label_asym_id 
_pdbx_struct_sheet_hbond.range_2_label_seq_id 
_pdbx_struct_sheet_hbond.range_2_PDB_ins_code 
_pdbx_struct_sheet_hbond.range_2_auth_atom_id 
_pdbx_struct_sheet_hbond.range_2_auth_comp_id 
_pdbx_struct_sheet_hbond.range_2_auth_asym_id 
_pdbx_struct_sheet_hbond.range_2_auth_seq_id 
AA1 1 2 N ASP A 37 ? N ASP A 106 O LEU A 56 ? O LEU A 125 
AA1 2 3 O PHE A 57 ? O PHE A 126 N GLY A 9  ? N GLY A 78  
AA1 3 4 N PHE A 12 ? N PHE A 81  O LYS A 82 ? O LYS A 151 
AA1 4 5 O LYS A 77 ? O LYS A 146 N LEU A 74 ? N LEU A 143 
AA2 1 2 N ASP B 31 ? N ASP B 106 O LEU B 50 ? O LEU B 125 
AA2 2 3 O GLY B 47 ? O GLY B 122 N ILE B 7  ? N ILE B 82  
AA2 3 4 N PHE B 6  ? N PHE B 81  O LYS B 76 ? O LYS B 151 
AA3 1 2 N LEU B 68 ? N LEU B 143 O LYS B 71 ? O LYS B 146 
# 
_pdbx_entry_details.compound_details           ? 
_pdbx_entry_details.entry_id                   5IM0 
_pdbx_entry_details.nonpolymer_details         ? 
_pdbx_entry_details.sequence_details           'The sequence database of chain A and B is Isoform 2 of Q14103.' 
_pdbx_entry_details.source_details             ? 
_pdbx_entry_details.has_ligand_of_interest     ? 
_pdbx_entry_details.has_protein_modification   Y 
# 
loop_
_pdbx_validate_close_contact.id 
_pdbx_validate_close_contact.PDB_model_num 
_pdbx_validate_close_contact.auth_atom_id_1 
_pdbx_validate_close_contact.auth_asym_id_1 
_pdbx_validate_close_contact.auth_comp_id_1 
_pdbx_validate_close_contact.auth_seq_id_1 
_pdbx_validate_close_contact.PDB_ins_code_1 
_pdbx_validate_close_contact.label_alt_id_1 
_pdbx_validate_close_contact.auth_atom_id_2 
_pdbx_validate_close_contact.auth_asym_id_2 
_pdbx_validate_close_contact.auth_comp_id_2 
_pdbx_validate_close_contact.auth_seq_id_2 
_pdbx_validate_close_contact.PDB_ins_code_2 
_pdbx_validate_close_contact.label_alt_id_2 
_pdbx_validate_close_contact.dist 
1  1 O   B HOH 282 ? ? O B HOH 300 ? ? 1.85 
2  1 O   B HOH 315 ? ? O B HOH 339 ? ? 1.88 
3  1 O   A HOH 251 ? ? O A HOH 288 ? ? 1.93 
4  1 O   B ARG 119 ? ? O B HOH 201 ? ? 1.97 
5  1 O   B HOH 256 ? ? O B HOH 335 ? ? 1.99 
6  1 NZ  A LYS 100 ? ? O A HOH 201 ? ? 2.08 
7  1 OE2 A GLU 128 ? ? O A HOH 202 ? ? 2.13 
8  1 OE1 A GLU 140 ? ? O A HOH 203 ? ? 2.13 
9  1 O   A HOH 299 ? ? O B HOH 295 ? ? 2.14 
10 1 O   A HOH 294 ? ? O A HOH 296 ? ? 2.14 
11 1 O   B HOH 291 ? ? O B HOH 310 ? ? 2.17 
12 1 O   A HOH 219 ? ? O A HOH 313 ? ? 2.19 
# 
loop_
_pdbx_validate_symm_contact.id 
_pdbx_validate_symm_contact.PDB_model_num 
_pdbx_validate_symm_contact.auth_atom_id_1 
_pdbx_validate_symm_contact.auth_asym_id_1 
_pdbx_validate_symm_contact.auth_comp_id_1 
_pdbx_validate_symm_contact.auth_seq_id_1 
_pdbx_validate_symm_contact.PDB_ins_code_1 
_pdbx_validate_symm_contact.label_alt_id_1 
_pdbx_validate_symm_contact.site_symmetry_1 
_pdbx_validate_symm_contact.auth_atom_id_2 
_pdbx_validate_symm_contact.auth_asym_id_2 
_pdbx_validate_symm_contact.auth_comp_id_2 
_pdbx_validate_symm_contact.auth_seq_id_2 
_pdbx_validate_symm_contact.PDB_ins_code_2 
_pdbx_validate_symm_contact.label_alt_id_2 
_pdbx_validate_symm_contact.site_symmetry_2 
_pdbx_validate_symm_contact.dist 
1 1 O B HOH 297 ? ? 1_555 O B HOH 327 ? ? 3_556 2.12 
2 1 O B HOH 327 ? ? 1_555 O B HOH 330 ? ? 1_455 2.15 
3 1 O A HOH 293 ? ? 1_555 O B HOH 307 ? ? 4_456 2.16 
4 1 O B HOH 313 ? ? 1_555 O B HOH 333 ? ? 3_556 2.18 
5 1 O B HOH 207 ? ? 1_555 O B HOH 241 ? ? 3_646 2.19 
# 
loop_
_pdbx_struct_mod_residue.id 
_pdbx_struct_mod_residue.label_asym_id 
_pdbx_struct_mod_residue.label_comp_id 
_pdbx_struct_mod_residue.label_seq_id 
_pdbx_struct_mod_residue.auth_asym_id 
_pdbx_struct_mod_residue.auth_comp_id 
_pdbx_struct_mod_residue.auth_seq_id 
_pdbx_struct_mod_residue.PDB_ins_code 
_pdbx_struct_mod_residue.parent_comp_id 
_pdbx_struct_mod_residue.details 
1 A MSE 11 A MSE 80  ? MET 'modified residue' 
2 A MSE 67 A MSE 136 ? MET 'modified residue' 
3 B MSE 5  B MSE 80  ? MET 'modified residue' 
4 B MSE 61 B MSE 136 ? MET 'modified residue' 
5 B MSE 81 B MSE 156 ? MET 'modified residue' 
# 
loop_
_pdbx_distant_solvent_atoms.id 
_pdbx_distant_solvent_atoms.PDB_model_num 
_pdbx_distant_solvent_atoms.auth_atom_id 
_pdbx_distant_solvent_atoms.label_alt_id 
_pdbx_distant_solvent_atoms.auth_asym_id 
_pdbx_distant_solvent_atoms.auth_comp_id 
_pdbx_distant_solvent_atoms.auth_seq_id 
_pdbx_distant_solvent_atoms.PDB_ins_code 
_pdbx_distant_solvent_atoms.neighbor_macromolecule_distance 
_pdbx_distant_solvent_atoms.neighbor_ligand_distance 
1 1 O ? A HOH 323 ? 5.90 . 
2 1 O ? B HOH 340 ? 7.13 . 
# 
loop_
_pdbx_unobs_or_zero_occ_residues.id 
_pdbx_unobs_or_zero_occ_residues.PDB_model_num 
_pdbx_unobs_or_zero_occ_residues.polymer_flag 
_pdbx_unobs_or_zero_occ_residues.occupancy_flag 
_pdbx_unobs_or_zero_occ_residues.auth_asym_id 
_pdbx_unobs_or_zero_occ_residues.auth_comp_id 
_pdbx_unobs_or_zero_occ_residues.auth_seq_id 
_pdbx_unobs_or_zero_occ_residues.PDB_ins_code 
_pdbx_unobs_or_zero_occ_residues.label_asym_id 
_pdbx_unobs_or_zero_occ_residues.label_comp_id 
_pdbx_unobs_or_zero_occ_residues.label_seq_id 
1 1 Y 1 A MSE 70  ? A MSE 1  
2 1 Y 1 A SER 71  ? A SER 2  
3 1 Y 1 A LYS 72  ? A LYS 3  
4 1 Y 1 A ASN 73  ? A ASN 4  
5 1 Y 1 A GLU 74  ? A GLU 5  
6 1 Y 1 A GLU 75  ? A GLU 6  
7 1 Y 1 A ALA 155 ? A ALA 86 
8 1 Y 1 A MSE 156 ? A MSE 87 
# 
loop_
_chem_comp_atom.comp_id 
_chem_comp_atom.atom_id 
_chem_comp_atom.type_symbol 
_chem_comp_atom.pdbx_aromatic_flag 
_chem_comp_atom.pdbx_stereo_config 
_chem_comp_atom.pdbx_ordinal 
ALA N    N  N N 1   
ALA CA   C  N S 2   
ALA C    C  N N 3   
ALA O    O  N N 4   
ALA CB   C  N N 5   
ALA OXT  O  N N 6   
ALA H    H  N N 7   
ALA H2   H  N N 8   
ALA HA   H  N N 9   
ALA HB1  H  N N 10  
ALA HB2  H  N N 11  
ALA HB3  H  N N 12  
ALA HXT  H  N N 13  
ARG N    N  N N 14  
ARG CA   C  N S 15  
ARG C    C  N N 16  
ARG O    O  N N 17  
ARG CB   C  N N 18  
ARG CG   C  N N 19  
ARG CD   C  N N 20  
ARG NE   N  N N 21  
ARG CZ   C  N N 22  
ARG NH1  N  N N 23  
ARG NH2  N  N N 24  
ARG OXT  O  N N 25  
ARG H    H  N N 26  
ARG H2   H  N N 27  
ARG HA   H  N N 28  
ARG HB2  H  N N 29  
ARG HB3  H  N N 30  
ARG HG2  H  N N 31  
ARG HG3  H  N N 32  
ARG HD2  H  N N 33  
ARG HD3  H  N N 34  
ARG HE   H  N N 35  
ARG HH11 H  N N 36  
ARG HH12 H  N N 37  
ARG HH21 H  N N 38  
ARG HH22 H  N N 39  
ARG HXT  H  N N 40  
ASN N    N  N N 41  
ASN CA   C  N S 42  
ASN C    C  N N 43  
ASN O    O  N N 44  
ASN CB   C  N N 45  
ASN CG   C  N N 46  
ASN OD1  O  N N 47  
ASN ND2  N  N N 48  
ASN OXT  O  N N 49  
ASN H    H  N N 50  
ASN H2   H  N N 51  
ASN HA   H  N N 52  
ASN HB2  H  N N 53  
ASN HB3  H  N N 54  
ASN HD21 H  N N 55  
ASN HD22 H  N N 56  
ASN HXT  H  N N 57  
ASP N    N  N N 58  
ASP CA   C  N S 59  
ASP C    C  N N 60  
ASP O    O  N N 61  
ASP CB   C  N N 62  
ASP CG   C  N N 63  
ASP OD1  O  N N 64  
ASP OD2  O  N N 65  
ASP OXT  O  N N 66  
ASP H    H  N N 67  
ASP H2   H  N N 68  
ASP HA   H  N N 69  
ASP HB2  H  N N 70  
ASP HB3  H  N N 71  
ASP HD2  H  N N 72  
ASP HXT  H  N N 73  
CYS N    N  N N 74  
CYS CA   C  N R 75  
CYS C    C  N N 76  
CYS O    O  N N 77  
CYS CB   C  N N 78  
CYS SG   S  N N 79  
CYS OXT  O  N N 80  
CYS H    H  N N 81  
CYS H2   H  N N 82  
CYS HA   H  N N 83  
CYS HB2  H  N N 84  
CYS HB3  H  N N 85  
CYS HG   H  N N 86  
CYS HXT  H  N N 87  
GLN N    N  N N 88  
GLN CA   C  N S 89  
GLN C    C  N N 90  
GLN O    O  N N 91  
GLN CB   C  N N 92  
GLN CG   C  N N 93  
GLN CD   C  N N 94  
GLN OE1  O  N N 95  
GLN NE2  N  N N 96  
GLN OXT  O  N N 97  
GLN H    H  N N 98  
GLN H2   H  N N 99  
GLN HA   H  N N 100 
GLN HB2  H  N N 101 
GLN HB3  H  N N 102 
GLN HG2  H  N N 103 
GLN HG3  H  N N 104 
GLN HE21 H  N N 105 
GLN HE22 H  N N 106 
GLN HXT  H  N N 107 
GLU N    N  N N 108 
GLU CA   C  N S 109 
GLU C    C  N N 110 
GLU O    O  N N 111 
GLU CB   C  N N 112 
GLU CG   C  N N 113 
GLU CD   C  N N 114 
GLU OE1  O  N N 115 
GLU OE2  O  N N 116 
GLU OXT  O  N N 117 
GLU H    H  N N 118 
GLU H2   H  N N 119 
GLU HA   H  N N 120 
GLU HB2  H  N N 121 
GLU HB3  H  N N 122 
GLU HG2  H  N N 123 
GLU HG3  H  N N 124 
GLU HE2  H  N N 125 
GLU HXT  H  N N 126 
GLY N    N  N N 127 
GLY CA   C  N N 128 
GLY C    C  N N 129 
GLY O    O  N N 130 
GLY OXT  O  N N 131 
GLY H    H  N N 132 
GLY H2   H  N N 133 
GLY HA2  H  N N 134 
GLY HA3  H  N N 135 
GLY HXT  H  N N 136 
HIS N    N  N N 137 
HIS CA   C  N S 138 
HIS C    C  N N 139 
HIS O    O  N N 140 
HIS CB   C  N N 141 
HIS CG   C  Y N 142 
HIS ND1  N  Y N 143 
HIS CD2  C  Y N 144 
HIS CE1  C  Y N 145 
HIS NE2  N  Y N 146 
HIS OXT  O  N N 147 
HIS H    H  N N 148 
HIS H2   H  N N 149 
HIS HA   H  N N 150 
HIS HB2  H  N N 151 
HIS HB3  H  N N 152 
HIS HD1  H  N N 153 
HIS HD2  H  N N 154 
HIS HE1  H  N N 155 
HIS HE2  H  N N 156 
HIS HXT  H  N N 157 
HOH O    O  N N 158 
HOH H1   H  N N 159 
HOH H2   H  N N 160 
ILE N    N  N N 161 
ILE CA   C  N S 162 
ILE C    C  N N 163 
ILE O    O  N N 164 
ILE CB   C  N S 165 
ILE CG1  C  N N 166 
ILE CG2  C  N N 167 
ILE CD1  C  N N 168 
ILE OXT  O  N N 169 
ILE H    H  N N 170 
ILE H2   H  N N 171 
ILE HA   H  N N 172 
ILE HB   H  N N 173 
ILE HG12 H  N N 174 
ILE HG13 H  N N 175 
ILE HG21 H  N N 176 
ILE HG22 H  N N 177 
ILE HG23 H  N N 178 
ILE HD11 H  N N 179 
ILE HD12 H  N N 180 
ILE HD13 H  N N 181 
ILE HXT  H  N N 182 
LEU N    N  N N 183 
LEU CA   C  N S 184 
LEU C    C  N N 185 
LEU O    O  N N 186 
LEU CB   C  N N 187 
LEU CG   C  N N 188 
LEU CD1  C  N N 189 
LEU CD2  C  N N 190 
LEU OXT  O  N N 191 
LEU H    H  N N 192 
LEU H2   H  N N 193 
LEU HA   H  N N 194 
LEU HB2  H  N N 195 
LEU HB3  H  N N 196 
LEU HG   H  N N 197 
LEU HD11 H  N N 198 
LEU HD12 H  N N 199 
LEU HD13 H  N N 200 
LEU HD21 H  N N 201 
LEU HD22 H  N N 202 
LEU HD23 H  N N 203 
LEU HXT  H  N N 204 
LYS N    N  N N 205 
LYS CA   C  N S 206 
LYS C    C  N N 207 
LYS O    O  N N 208 
LYS CB   C  N N 209 
LYS CG   C  N N 210 
LYS CD   C  N N 211 
LYS CE   C  N N 212 
LYS NZ   N  N N 213 
LYS OXT  O  N N 214 
LYS H    H  N N 215 
LYS H2   H  N N 216 
LYS HA   H  N N 217 
LYS HB2  H  N N 218 
LYS HB3  H  N N 219 
LYS HG2  H  N N 220 
LYS HG3  H  N N 221 
LYS HD2  H  N N 222 
LYS HD3  H  N N 223 
LYS HE2  H  N N 224 
LYS HE3  H  N N 225 
LYS HZ1  H  N N 226 
LYS HZ2  H  N N 227 
LYS HZ3  H  N N 228 
LYS HXT  H  N N 229 
MSE N    N  N N 230 
MSE CA   C  N S 231 
MSE C    C  N N 232 
MSE O    O  N N 233 
MSE OXT  O  N N 234 
MSE CB   C  N N 235 
MSE CG   C  N N 236 
MSE SE   SE N N 237 
MSE CE   C  N N 238 
MSE H    H  N N 239 
MSE H2   H  N N 240 
MSE HA   H  N N 241 
MSE HXT  H  N N 242 
MSE HB2  H  N N 243 
MSE HB3  H  N N 244 
MSE HG2  H  N N 245 
MSE HG3  H  N N 246 
MSE HE1  H  N N 247 
MSE HE2  H  N N 248 
MSE HE3  H  N N 249 
PHE N    N  N N 250 
PHE CA   C  N S 251 
PHE C    C  N N 252 
PHE O    O  N N 253 
PHE CB   C  N N 254 
PHE CG   C  Y N 255 
PHE CD1  C  Y N 256 
PHE CD2  C  Y N 257 
PHE CE1  C  Y N 258 
PHE CE2  C  Y N 259 
PHE CZ   C  Y N 260 
PHE OXT  O  N N 261 
PHE H    H  N N 262 
PHE H2   H  N N 263 
PHE HA   H  N N 264 
PHE HB2  H  N N 265 
PHE HB3  H  N N 266 
PHE HD1  H  N N 267 
PHE HD2  H  N N 268 
PHE HE1  H  N N 269 
PHE HE2  H  N N 270 
PHE HZ   H  N N 271 
PHE HXT  H  N N 272 
PRO N    N  N N 273 
PRO CA   C  N S 274 
PRO C    C  N N 275 
PRO O    O  N N 276 
PRO CB   C  N N 277 
PRO CG   C  N N 278 
PRO CD   C  N N 279 
PRO OXT  O  N N 280 
PRO H    H  N N 281 
PRO HA   H  N N 282 
PRO HB2  H  N N 283 
PRO HB3  H  N N 284 
PRO HG2  H  N N 285 
PRO HG3  H  N N 286 
PRO HD2  H  N N 287 
PRO HD3  H  N N 288 
PRO HXT  H  N N 289 
SER N    N  N N 290 
SER CA   C  N S 291 
SER C    C  N N 292 
SER O    O  N N 293 
SER CB   C  N N 294 
SER OG   O  N N 295 
SER OXT  O  N N 296 
SER H    H  N N 297 
SER H2   H  N N 298 
SER HA   H  N N 299 
SER HB2  H  N N 300 
SER HB3  H  N N 301 
SER HG   H  N N 302 
SER HXT  H  N N 303 
THR N    N  N N 304 
THR CA   C  N S 305 
THR C    C  N N 306 
THR O    O  N N 307 
THR CB   C  N R 308 
THR OG1  O  N N 309 
THR CG2  C  N N 310 
THR OXT  O  N N 311 
THR H    H  N N 312 
THR H2   H  N N 313 
THR HA   H  N N 314 
THR HB   H  N N 315 
THR HG1  H  N N 316 
THR HG21 H  N N 317 
THR HG22 H  N N 318 
THR HG23 H  N N 319 
THR HXT  H  N N 320 
TRP N    N  N N 321 
TRP CA   C  N S 322 
TRP C    C  N N 323 
TRP O    O  N N 324 
TRP CB   C  N N 325 
TRP CG   C  Y N 326 
TRP CD1  C  Y N 327 
TRP CD2  C  Y N 328 
TRP NE1  N  Y N 329 
TRP CE2  C  Y N 330 
TRP CE3  C  Y N 331 
TRP CZ2  C  Y N 332 
TRP CZ3  C  Y N 333 
TRP CH2  C  Y N 334 
TRP OXT  O  N N 335 
TRP H    H  N N 336 
TRP H2   H  N N 337 
TRP HA   H  N N 338 
TRP HB2  H  N N 339 
TRP HB3  H  N N 340 
TRP HD1  H  N N 341 
TRP HE1  H  N N 342 
TRP HE3  H  N N 343 
TRP HZ2  H  N N 344 
TRP HZ3  H  N N 345 
TRP HH2  H  N N 346 
TRP HXT  H  N N 347 
TYR N    N  N N 348 
TYR CA   C  N S 349 
TYR C    C  N N 350 
TYR O    O  N N 351 
TYR CB   C  N N 352 
TYR CG   C  Y N 353 
TYR CD1  C  Y N 354 
TYR CD2  C  Y N 355 
TYR CE1  C  Y N 356 
TYR CE2  C  Y N 357 
TYR CZ   C  Y N 358 
TYR OH   O  N N 359 
TYR OXT  O  N N 360 
TYR H    H  N N 361 
TYR H2   H  N N 362 
TYR HA   H  N N 363 
TYR HB2  H  N N 364 
TYR HB3  H  N N 365 
TYR HD1  H  N N 366 
TYR HD2  H  N N 367 
TYR HE1  H  N N 368 
TYR HE2  H  N N 369 
TYR HH   H  N N 370 
TYR HXT  H  N N 371 
VAL N    N  N N 372 
VAL CA   C  N S 373 
VAL C    C  N N 374 
VAL O    O  N N 375 
VAL CB   C  N N 376 
VAL CG1  C  N N 377 
VAL CG2  C  N N 378 
VAL OXT  O  N N 379 
VAL H    H  N N 380 
VAL H2   H  N N 381 
VAL HA   H  N N 382 
VAL HB   H  N N 383 
VAL HG11 H  N N 384 
VAL HG12 H  N N 385 
VAL HG13 H  N N 386 
VAL HG21 H  N N 387 
VAL HG22 H  N N 388 
VAL HG23 H  N N 389 
VAL HXT  H  N N 390 
# 
loop_
_chem_comp_bond.comp_id 
_chem_comp_bond.atom_id_1 
_chem_comp_bond.atom_id_2 
_chem_comp_bond.value_order 
_chem_comp_bond.pdbx_aromatic_flag 
_chem_comp_bond.pdbx_stereo_config 
_chem_comp_bond.pdbx_ordinal 
ALA N   CA   sing N N 1   
ALA N   H    sing N N 2   
ALA N   H2   sing N N 3   
ALA CA  C    sing N N 4   
ALA CA  CB   sing N N 5   
ALA CA  HA   sing N N 6   
ALA C   O    doub N N 7   
ALA C   OXT  sing N N 8   
ALA CB  HB1  sing N N 9   
ALA CB  HB2  sing N N 10  
ALA CB  HB3  sing N N 11  
ALA OXT HXT  sing N N 12  
ARG N   CA   sing N N 13  
ARG N   H    sing N N 14  
ARG N   H2   sing N N 15  
ARG CA  C    sing N N 16  
ARG CA  CB   sing N N 17  
ARG CA  HA   sing N N 18  
ARG C   O    doub N N 19  
ARG C   OXT  sing N N 20  
ARG CB  CG   sing N N 21  
ARG CB  HB2  sing N N 22  
ARG CB  HB3  sing N N 23  
ARG CG  CD   sing N N 24  
ARG CG  HG2  sing N N 25  
ARG CG  HG3  sing N N 26  
ARG CD  NE   sing N N 27  
ARG CD  HD2  sing N N 28  
ARG CD  HD3  sing N N 29  
ARG NE  CZ   sing N N 30  
ARG NE  HE   sing N N 31  
ARG CZ  NH1  sing N N 32  
ARG CZ  NH2  doub N N 33  
ARG NH1 HH11 sing N N 34  
ARG NH1 HH12 sing N N 35  
ARG NH2 HH21 sing N N 36  
ARG NH2 HH22 sing N N 37  
ARG OXT HXT  sing N N 38  
ASN N   CA   sing N N 39  
ASN N   H    sing N N 40  
ASN N   H2   sing N N 41  
ASN CA  C    sing N N 42  
ASN CA  CB   sing N N 43  
ASN CA  HA   sing N N 44  
ASN C   O    doub N N 45  
ASN C   OXT  sing N N 46  
ASN CB  CG   sing N N 47  
ASN CB  HB2  sing N N 48  
ASN CB  HB3  sing N N 49  
ASN CG  OD1  doub N N 50  
ASN CG  ND2  sing N N 51  
ASN ND2 HD21 sing N N 52  
ASN ND2 HD22 sing N N 53  
ASN OXT HXT  sing N N 54  
ASP N   CA   sing N N 55  
ASP N   H    sing N N 56  
ASP N   H2   sing N N 57  
ASP CA  C    sing N N 58  
ASP CA  CB   sing N N 59  
ASP CA  HA   sing N N 60  
ASP C   O    doub N N 61  
ASP C   OXT  sing N N 62  
ASP CB  CG   sing N N 63  
ASP CB  HB2  sing N N 64  
ASP CB  HB3  sing N N 65  
ASP CG  OD1  doub N N 66  
ASP CG  OD2  sing N N 67  
ASP OD2 HD2  sing N N 68  
ASP OXT HXT  sing N N 69  
CYS N   CA   sing N N 70  
CYS N   H    sing N N 71  
CYS N   H2   sing N N 72  
CYS CA  C    sing N N 73  
CYS CA  CB   sing N N 74  
CYS CA  HA   sing N N 75  
CYS C   O    doub N N 76  
CYS C   OXT  sing N N 77  
CYS CB  SG   sing N N 78  
CYS CB  HB2  sing N N 79  
CYS CB  HB3  sing N N 80  
CYS SG  HG   sing N N 81  
CYS OXT HXT  sing N N 82  
GLN N   CA   sing N N 83  
GLN N   H    sing N N 84  
GLN N   H2   sing N N 85  
GLN CA  C    sing N N 86  
GLN CA  CB   sing N N 87  
GLN CA  HA   sing N N 88  
GLN C   O    doub N N 89  
GLN C   OXT  sing N N 90  
GLN CB  CG   sing N N 91  
GLN CB  HB2  sing N N 92  
GLN CB  HB3  sing N N 93  
GLN CG  CD   sing N N 94  
GLN CG  HG2  sing N N 95  
GLN CG  HG3  sing N N 96  
GLN CD  OE1  doub N N 97  
GLN CD  NE2  sing N N 98  
GLN NE2 HE21 sing N N 99  
GLN NE2 HE22 sing N N 100 
GLN OXT HXT  sing N N 101 
GLU N   CA   sing N N 102 
GLU N   H    sing N N 103 
GLU N   H2   sing N N 104 
GLU CA  C    sing N N 105 
GLU CA  CB   sing N N 106 
GLU CA  HA   sing N N 107 
GLU C   O    doub N N 108 
GLU C   OXT  sing N N 109 
GLU CB  CG   sing N N 110 
GLU CB  HB2  sing N N 111 
GLU CB  HB3  sing N N 112 
GLU CG  CD   sing N N 113 
GLU CG  HG2  sing N N 114 
GLU CG  HG3  sing N N 115 
GLU CD  OE1  doub N N 116 
GLU CD  OE2  sing N N 117 
GLU OE2 HE2  sing N N 118 
GLU OXT HXT  sing N N 119 
GLY N   CA   sing N N 120 
GLY N   H    sing N N 121 
GLY N   H2   sing N N 122 
GLY CA  C    sing N N 123 
GLY CA  HA2  sing N N 124 
GLY CA  HA3  sing N N 125 
GLY C   O    doub N N 126 
GLY C   OXT  sing N N 127 
GLY OXT HXT  sing N N 128 
HIS N   CA   sing N N 129 
HIS N   H    sing N N 130 
HIS N   H2   sing N N 131 
HIS CA  C    sing N N 132 
HIS CA  CB   sing N N 133 
HIS CA  HA   sing N N 134 
HIS C   O    doub N N 135 
HIS C   OXT  sing N N 136 
HIS CB  CG   sing N N 137 
HIS CB  HB2  sing N N 138 
HIS CB  HB3  sing N N 139 
HIS CG  ND1  sing Y N 140 
HIS CG  CD2  doub Y N 141 
HIS ND1 CE1  doub Y N 142 
HIS ND1 HD1  sing N N 143 
HIS CD2 NE2  sing Y N 144 
HIS CD2 HD2  sing N N 145 
HIS CE1 NE2  sing Y N 146 
HIS CE1 HE1  sing N N 147 
HIS NE2 HE2  sing N N 148 
HIS OXT HXT  sing N N 149 
HOH O   H1   sing N N 150 
HOH O   H2   sing N N 151 
ILE N   CA   sing N N 152 
ILE N   H    sing N N 153 
ILE N   H2   sing N N 154 
ILE CA  C    sing N N 155 
ILE CA  CB   sing N N 156 
ILE CA  HA   sing N N 157 
ILE C   O    doub N N 158 
ILE C   OXT  sing N N 159 
ILE CB  CG1  sing N N 160 
ILE CB  CG2  sing N N 161 
ILE CB  HB   sing N N 162 
ILE CG1 CD1  sing N N 163 
ILE CG1 HG12 sing N N 164 
ILE CG1 HG13 sing N N 165 
ILE CG2 HG21 sing N N 166 
ILE CG2 HG22 sing N N 167 
ILE CG2 HG23 sing N N 168 
ILE CD1 HD11 sing N N 169 
ILE CD1 HD12 sing N N 170 
ILE CD1 HD13 sing N N 171 
ILE OXT HXT  sing N N 172 
LEU N   CA   sing N N 173 
LEU N   H    sing N N 174 
LEU N   H2   sing N N 175 
LEU CA  C    sing N N 176 
LEU CA  CB   sing N N 177 
LEU CA  HA   sing N N 178 
LEU C   O    doub N N 179 
LEU C   OXT  sing N N 180 
LEU CB  CG   sing N N 181 
LEU CB  HB2  sing N N 182 
LEU CB  HB3  sing N N 183 
LEU CG  CD1  sing N N 184 
LEU CG  CD2  sing N N 185 
LEU CG  HG   sing N N 186 
LEU CD1 HD11 sing N N 187 
LEU CD1 HD12 sing N N 188 
LEU CD1 HD13 sing N N 189 
LEU CD2 HD21 sing N N 190 
LEU CD2 HD22 sing N N 191 
LEU CD2 HD23 sing N N 192 
LEU OXT HXT  sing N N 193 
LYS N   CA   sing N N 194 
LYS N   H    sing N N 195 
LYS N   H2   sing N N 196 
LYS CA  C    sing N N 197 
LYS CA  CB   sing N N 198 
LYS CA  HA   sing N N 199 
LYS C   O    doub N N 200 
LYS C   OXT  sing N N 201 
LYS CB  CG   sing N N 202 
LYS CB  HB2  sing N N 203 
LYS CB  HB3  sing N N 204 
LYS CG  CD   sing N N 205 
LYS CG  HG2  sing N N 206 
LYS CG  HG3  sing N N 207 
LYS CD  CE   sing N N 208 
LYS CD  HD2  sing N N 209 
LYS CD  HD3  sing N N 210 
LYS CE  NZ   sing N N 211 
LYS CE  HE2  sing N N 212 
LYS CE  HE3  sing N N 213 
LYS NZ  HZ1  sing N N 214 
LYS NZ  HZ2  sing N N 215 
LYS NZ  HZ3  sing N N 216 
LYS OXT HXT  sing N N 217 
MSE N   CA   sing N N 218 
MSE N   H    sing N N 219 
MSE N   H2   sing N N 220 
MSE CA  C    sing N N 221 
MSE CA  CB   sing N N 222 
MSE CA  HA   sing N N 223 
MSE C   O    doub N N 224 
MSE C   OXT  sing N N 225 
MSE OXT HXT  sing N N 226 
MSE CB  CG   sing N N 227 
MSE CB  HB2  sing N N 228 
MSE CB  HB3  sing N N 229 
MSE CG  SE   sing N N 230 
MSE CG  HG2  sing N N 231 
MSE CG  HG3  sing N N 232 
MSE SE  CE   sing N N 233 
MSE CE  HE1  sing N N 234 
MSE CE  HE2  sing N N 235 
MSE CE  HE3  sing N N 236 
PHE N   CA   sing N N 237 
PHE N   H    sing N N 238 
PHE N   H2   sing N N 239 
PHE CA  C    sing N N 240 
PHE CA  CB   sing N N 241 
PHE CA  HA   sing N N 242 
PHE C   O    doub N N 243 
PHE C   OXT  sing N N 244 
PHE CB  CG   sing N N 245 
PHE CB  HB2  sing N N 246 
PHE CB  HB3  sing N N 247 
PHE CG  CD1  doub Y N 248 
PHE CG  CD2  sing Y N 249 
PHE CD1 CE1  sing Y N 250 
PHE CD1 HD1  sing N N 251 
PHE CD2 CE2  doub Y N 252 
PHE CD2 HD2  sing N N 253 
PHE CE1 CZ   doub Y N 254 
PHE CE1 HE1  sing N N 255 
PHE CE2 CZ   sing Y N 256 
PHE CE2 HE2  sing N N 257 
PHE CZ  HZ   sing N N 258 
PHE OXT HXT  sing N N 259 
PRO N   CA   sing N N 260 
PRO N   CD   sing N N 261 
PRO N   H    sing N N 262 
PRO CA  C    sing N N 263 
PRO CA  CB   sing N N 264 
PRO CA  HA   sing N N 265 
PRO C   O    doub N N 266 
PRO C   OXT  sing N N 267 
PRO CB  CG   sing N N 268 
PRO CB  HB2  sing N N 269 
PRO CB  HB3  sing N N 270 
PRO CG  CD   sing N N 271 
PRO CG  HG2  sing N N 272 
PRO CG  HG3  sing N N 273 
PRO CD  HD2  sing N N 274 
PRO CD  HD3  sing N N 275 
PRO OXT HXT  sing N N 276 
SER N   CA   sing N N 277 
SER N   H    sing N N 278 
SER N   H2   sing N N 279 
SER CA  C    sing N N 280 
SER CA  CB   sing N N 281 
SER CA  HA   sing N N 282 
SER C   O    doub N N 283 
SER C   OXT  sing N N 284 
SER CB  OG   sing N N 285 
SER CB  HB2  sing N N 286 
SER CB  HB3  sing N N 287 
SER OG  HG   sing N N 288 
SER OXT HXT  sing N N 289 
THR N   CA   sing N N 290 
THR N   H    sing N N 291 
THR N   H2   sing N N 292 
THR CA  C    sing N N 293 
THR CA  CB   sing N N 294 
THR CA  HA   sing N N 295 
THR C   O    doub N N 296 
THR C   OXT  sing N N 297 
THR CB  OG1  sing N N 298 
THR CB  CG2  sing N N 299 
THR CB  HB   sing N N 300 
THR OG1 HG1  sing N N 301 
THR CG2 HG21 sing N N 302 
THR CG2 HG22 sing N N 303 
THR CG2 HG23 sing N N 304 
THR OXT HXT  sing N N 305 
TRP N   CA   sing N N 306 
TRP N   H    sing N N 307 
TRP N   H2   sing N N 308 
TRP CA  C    sing N N 309 
TRP CA  CB   sing N N 310 
TRP CA  HA   sing N N 311 
TRP C   O    doub N N 312 
TRP C   OXT  sing N N 313 
TRP CB  CG   sing N N 314 
TRP CB  HB2  sing N N 315 
TRP CB  HB3  sing N N 316 
TRP CG  CD1  doub Y N 317 
TRP CG  CD2  sing Y N 318 
TRP CD1 NE1  sing Y N 319 
TRP CD1 HD1  sing N N 320 
TRP CD2 CE2  doub Y N 321 
TRP CD2 CE3  sing Y N 322 
TRP NE1 CE2  sing Y N 323 
TRP NE1 HE1  sing N N 324 
TRP CE2 CZ2  sing Y N 325 
TRP CE3 CZ3  doub Y N 326 
TRP CE3 HE3  sing N N 327 
TRP CZ2 CH2  doub Y N 328 
TRP CZ2 HZ2  sing N N 329 
TRP CZ3 CH2  sing Y N 330 
TRP CZ3 HZ3  sing N N 331 
TRP CH2 HH2  sing N N 332 
TRP OXT HXT  sing N N 333 
TYR N   CA   sing N N 334 
TYR N   H    sing N N 335 
TYR N   H2   sing N N 336 
TYR CA  C    sing N N 337 
TYR CA  CB   sing N N 338 
TYR CA  HA   sing N N 339 
TYR C   O    doub N N 340 
TYR C   OXT  sing N N 341 
TYR CB  CG   sing N N 342 
TYR CB  HB2  sing N N 343 
TYR CB  HB3  sing N N 344 
TYR CG  CD1  doub Y N 345 
TYR CG  CD2  sing Y N 346 
TYR CD1 CE1  sing Y N 347 
TYR CD1 HD1  sing N N 348 
TYR CD2 CE2  doub Y N 349 
TYR CD2 HD2  sing N N 350 
TYR CE1 CZ   doub Y N 351 
TYR CE1 HE1  sing N N 352 
TYR CE2 CZ   sing Y N 353 
TYR CE2 HE2  sing N N 354 
TYR CZ  OH   sing N N 355 
TYR OH  HH   sing N N 356 
TYR OXT HXT  sing N N 357 
VAL N   CA   sing N N 358 
VAL N   H    sing N N 359 
VAL N   H2   sing N N 360 
VAL CA  C    sing N N 361 
VAL CA  CB   sing N N 362 
VAL CA  HA   sing N N 363 
VAL C   O    doub N N 364 
VAL C   OXT  sing N N 365 
VAL CB  CG1  sing N N 366 
VAL CB  CG2  sing N N 367 
VAL CB  HB   sing N N 368 
VAL CG1 HG11 sing N N 369 
VAL CG1 HG12 sing N N 370 
VAL CG1 HG13 sing N N 371 
VAL CG2 HG21 sing N N 372 
VAL CG2 HG22 sing N N 373 
VAL CG2 HG23 sing N N 374 
VAL OXT HXT  sing N N 375 
# 
_pdbx_audit_support.funding_organization   'National Research Foundation of Korea (NRF)' 
_pdbx_audit_support.country                'Korea, Republic Of' 
_pdbx_audit_support.grant_number           2013R1A1A1061391 
_pdbx_audit_support.ordinal                1 
# 
_atom_sites.entry_id                    5IM0 
_atom_sites.fract_transf_matrix[1][1]   -0.00087305 
_atom_sites.fract_transf_matrix[1][2]   0.02089659 
_atom_sites.fract_transf_matrix[1][3]   -0.01475553 
_atom_sites.fract_transf_matrix[2][1]   0.00239618 
_atom_sites.fract_transf_matrix[2][2]   -0.01450378 
_atom_sites.fract_transf_matrix[2][3]   -0.02068184 
_atom_sites.fract_transf_matrix[3][1]   -0.01066981 
_atom_sites.fract_transf_matrix[3][2]   -0.00088195 
_atom_sites.fract_transf_matrix[3][3]   -0.00061770 
_atom_sites.fract_transf_vector[1]      0.255869 
_atom_sites.fract_transf_vector[2]      0.290080 
_atom_sites.fract_transf_vector[3]      0.620194 
# 
loop_
_atom_type.symbol 
C  
N  
O  
S  
SE 
# 
loop_
_atom_site.group_PDB 
_atom_site.id 
_atom_site.type_symbol 
_atom_site.label_atom_id 
_atom_site.label_alt_id 
_atom_site.label_comp_id 
_atom_site.label_asym_id 
_atom_site.label_entity_id 
_atom_site.label_seq_id 
_atom_site.pdbx_PDB_ins_code 
_atom_site.Cartn_x 
_atom_site.Cartn_y 
_atom_site.Cartn_z 
_atom_site.occupancy 
_atom_site.B_iso_or_equiv 
_atom_site.pdbx_formal_charge 
_atom_site.auth_seq_id 
_atom_site.auth_comp_id 
_atom_site.auth_asym_id 
_atom_site.auth_atom_id 
_atom_site.pdbx_PDB_model_num 
HETATM 1    N  N   . MSE A 1 7  ? 16.501  -6.373  6.819   1.00 32.68 ? 76  MSE A N   1 
HETATM 2    C  CA  . MSE A 1 7  ? 16.040  -7.313  5.808   1.00 24.71 ? 76  MSE A CA  1 
HETATM 3    C  C   . MSE A 1 7  ? 15.900  -6.662  4.447   1.00 22.96 ? 76  MSE A C   1 
HETATM 4    O  O   . MSE A 1 7  ? 15.520  -5.500  4.343   1.00 22.16 ? 76  MSE A O   1 
HETATM 5    C  CB  . MSE A 1 7  ? 14.697  -7.922  6.199   1.00 28.82 ? 76  MSE A CB  1 
HETATM 6    C  CG  . MSE A 1 7  ? 14.717  -8.779  7.434   1.00 34.50 ? 76  MSE A CG  1 
HETATM 7    SE SE  . MSE A 1 7  ? 12.932  -9.466  7.723   1.00 54.89 ? 76  MSE A SE  1 
HETATM 8    C  CE  . MSE A 1 7  ? 12.005  -7.758  7.776   1.00 19.55 ? 76  MSE A CE  1 
ATOM   9    N  N   . GLU A 1 8  ? 16.198  -7.435  3.410   1.00 24.73 ? 77  GLU A N   1 
ATOM   10   C  CA  . GLU A 1 8  ? 15.994  -6.985  2.043   1.00 23.91 ? 77  GLU A CA  1 
ATOM   11   C  C   . GLU A 1 8  ? 14.501  -7.003  1.724   1.00 22.44 ? 77  GLU A C   1 
ATOM   12   O  O   . GLU A 1 8  ? 13.721  -7.627  2.433   1.00 26.44 ? 77  GLU A O   1 
ATOM   13   C  CB  . GLU A 1 8  ? 16.766  -7.868  1.062   1.00 19.49 ? 77  GLU A CB  1 
ATOM   14   C  CG  . GLU A 1 8  ? 16.192  -9.262  0.940   1.00 25.84 ? 77  GLU A CG  1 
ATOM   15   C  CD  . GLU A 1 8  ? 17.031  -10.175 0.066   1.00 29.26 ? 77  GLU A CD  1 
ATOM   16   O  OE1 . GLU A 1 8  ? 18.239  -9.893  -0.111  1.00 27.23 ? 77  GLU A OE1 1 
ATOM   17   O  OE2 . GLU A 1 8  ? 16.477  -11.174 -0.449  1.00 28.47 ? 77  GLU A OE2 1 
ATOM   18   N  N   . GLY A 1 9  ? 14.114  -6.310  0.660   1.00 20.43 ? 78  GLY A N   1 
ATOM   19   C  CA  . GLY A 1 9  ? 12.734  -6.310  0.211   1.00 18.16 ? 78  GLY A CA  1 
ATOM   20   C  C   . GLY A 1 9  ? 12.683  -6.540  -1.288  1.00 17.59 ? 78  GLY A C   1 
ATOM   21   O  O   . GLY A 1 9  ? 13.242  -5.774  -2.067  1.00 18.32 ? 78  GLY A O   1 
ATOM   22   N  N   . LYS A 1 10 ? 12.002  -7.600  -1.690  1.00 14.80 ? 79  LYS A N   1 
ATOM   23   C  CA  . LYS A 1 10 ? 11.918  -7.952  -3.103  1.00 13.40 ? 79  LYS A CA  1 
ATOM   24   C  C   . LYS A 1 10 ? 10.524  -7.653  -3.633  1.00 16.86 ? 79  LYS A C   1 
ATOM   25   O  O   . LYS A 1 10 ? 9.528   -7.958  -2.968  1.00 16.91 ? 79  LYS A O   1 
ATOM   26   C  CB  . LYS A 1 10 ? 12.263  -9.431  -3.302  1.00 17.01 ? 79  LYS A CB  1 
ATOM   27   C  CG  . LYS A 1 10 ? 12.495  -9.827  -4.747  1.00 15.90 ? 79  LYS A CG  1 
ATOM   28   C  CD  . LYS A 1 10 ? 12.738  -11.330 -4.893  1.00 23.95 ? 79  LYS A CD  1 
ATOM   29   C  CE  . LYS A 1 10 ? 13.853  -11.809 -3.982  1.00 23.31 ? 79  LYS A CE  1 
ATOM   30   N  NZ  . LYS A 1 10 ? 14.094  -13.279 -4.123  1.00 28.81 ? 79  LYS A NZ  1 
HETATM 31   N  N   . MSE A 1 11 ? 10.453  -7.049  -4.821  1.00 14.65 ? 80  MSE A N   1 
HETATM 32   C  CA  . MSE A 1 11 ? 9.174   -6.699  -5.429  1.00 13.98 ? 80  MSE A CA  1 
HETATM 33   C  C   . MSE A 1 11 ? 9.037   -7.208  -6.851  1.00 13.66 ? 80  MSE A C   1 
HETATM 34   O  O   . MSE A 1 11 ? 10.010  -7.274  -7.602  1.00 15.02 ? 80  MSE A O   1 
HETATM 35   C  CB  . MSE A 1 11 ? 8.971   -5.180  -5.444  1.00 11.72 ? 80  MSE A CB  1 
HETATM 36   C  CG  . MSE A 1 11 ? 9.149   -4.524  -4.105  1.00 15.85 ? 80  MSE A CG  1 
HETATM 37   SE SE  . MSE A 1 11 ? 8.313   -2.764  -4.081  0.68 18.55 ? 80  MSE A SE  1 
HETATM 38   C  CE  . MSE A 1 11 ? 6.435   -3.314  -3.959  1.00 17.90 ? 80  MSE A CE  1 
ATOM   39   N  N   . PHE A 1 12 ? 7.809   -7.571  -7.198  1.00 14.84 ? 81  PHE A N   1 
ATOM   40   C  CA  . PHE A 1 12 ? 7.392   -7.817  -8.567  1.00 15.53 ? 81  PHE A CA  1 
ATOM   41   C  C   . PHE A 1 12 ? 6.847   -6.500  -9.103  1.00 14.53 ? 81  PHE A C   1 
ATOM   42   O  O   . PHE A 1 12 ? 6.052   -5.844  -8.429  1.00 12.65 ? 81  PHE A O   1 
ATOM   43   C  CB  . PHE A 1 12 ? 6.341   -8.933  -8.590  1.00 17.97 ? 81  PHE A CB  1 
ATOM   44   C  CG  . PHE A 1 12 ? 5.571   -9.042  -9.874  1.00 17.06 ? 81  PHE A CG  1 
ATOM   45   C  CD1 . PHE A 1 12 ? 4.449   -8.251  -10.099 1.00 20.47 ? 81  PHE A CD1 1 
ATOM   46   C  CD2 . PHE A 1 12 ? 5.936   -9.963  -10.836 1.00 27.19 ? 81  PHE A CD2 1 
ATOM   47   C  CE1 . PHE A 1 12 ? 3.727   -8.357  -11.276 1.00 21.75 ? 81  PHE A CE1 1 
ATOM   48   C  CE2 . PHE A 1 12 ? 5.216   -10.075 -12.016 1.00 25.53 ? 81  PHE A CE2 1 
ATOM   49   C  CZ  . PHE A 1 12 ? 4.115   -9.266  -12.236 1.00 20.78 ? 81  PHE A CZ  1 
ATOM   50   N  N   . ILE A 1 13 ? 7.291   -6.079  -10.287 1.00 13.02 ? 82  ILE A N   1 
ATOM   51   C  CA  . ILE A 1 13 ? 6.796   -4.822  -10.847 1.00 13.62 ? 82  ILE A CA  1 
ATOM   52   C  C   . ILE A 1 13 ? 6.038   -5.101  -12.125 1.00 13.85 ? 82  ILE A C   1 
ATOM   53   O  O   . ILE A 1 13 ? 6.644   -5.329  -13.180 1.00 15.03 ? 82  ILE A O   1 
ATOM   54   C  CB  . ILE A 1 13 ? 7.932   -3.819  -11.156 1.00 13.04 ? 82  ILE A CB  1 
ATOM   55   C  CG1 . ILE A 1 13 ? 8.928   -3.741  -9.985  1.00 14.29 ? 82  ILE A CG1 1 
ATOM   56   C  CG2 . ILE A 1 13 ? 7.345   -2.453  -11.488 1.00 13.52 ? 82  ILE A CG2 1 
ATOM   57   C  CD1 . ILE A 1 13 ? 8.307   -3.334  -8.642  1.00 13.10 ? 82  ILE A CD1 1 
ATOM   58   N  N   . GLY A 1 14 ? 4.713   -5.089  -12.040 1.00 13.23 ? 83  GLY A N   1 
ATOM   59   C  CA  . GLY A 1 14 ? 3.904   -5.430  -13.197 1.00 17.71 ? 83  GLY A CA  1 
ATOM   60   C  C   . GLY A 1 14 ? 3.637   -4.254  -14.116 1.00 14.03 ? 83  GLY A C   1 
ATOM   61   O  O   . GLY A 1 14 ? 3.811   -3.101  -13.740 1.00 15.06 ? 83  GLY A O   1 
ATOM   62   N  N   . GLY A 1 15 ? 3.220   -4.563  -15.337 1.00 14.93 ? 84  GLY A N   1 
ATOM   63   C  CA  . GLY A 1 15 ? 2.694   -3.567  -16.252 1.00 18.64 ? 84  GLY A CA  1 
ATOM   64   C  C   . GLY A 1 15 ? 3.697   -2.626  -16.891 1.00 16.53 ? 84  GLY A C   1 
ATOM   65   O  O   . GLY A 1 15 ? 3.340   -1.516  -17.240 1.00 19.16 ? 84  GLY A O   1 
ATOM   66   N  N   . LEU A 1 16 ? 4.941   -3.065  -17.049 1.00 15.52 ? 85  LEU A N   1 
ATOM   67   C  CA  . LEU A 1 16 ? 5.986   -2.200  -17.605 1.00 16.29 ? 85  LEU A CA  1 
ATOM   68   C  C   . LEU A 1 16 ? 5.751   -1.924  -19.085 1.00 16.82 ? 85  LEU A C   1 
ATOM   69   O  O   . LEU A 1 16 ? 5.327   -2.811  -19.822 1.00 17.21 ? 85  LEU A O   1 
ATOM   70   C  CB  . LEU A 1 16 ? 7.368   -2.836  -17.415 1.00 16.41 ? 85  LEU A CB  1 
ATOM   71   C  CG  . LEU A 1 16 ? 7.814   -3.108  -15.979 1.00 13.23 ? 85  LEU A CG  1 
ATOM   72   C  CD1 . LEU A 1 16 ? 9.211   -3.689  -15.929 1.00 13.78 ? 85  LEU A CD1 1 
ATOM   73   C  CD2 . LEU A 1 16 ? 7.725   -1.814  -15.154 1.00 15.51 ? 85  LEU A CD2 1 
ATOM   74   N  N   . SER A 1 17 ? 6.014   -0.690  -19.513 1.00 15.91 ? 86  SER A N   1 
ATOM   75   C  CA  . SER A 1 17 ? 5.939   -0.337  -20.929 1.00 14.18 ? 86  SER A CA  1 
ATOM   76   C  C   . SER A 1 17 ? 7.031   -1.070  -21.705 1.00 15.00 ? 86  SER A C   1 
ATOM   77   O  O   . SER A 1 17 ? 8.058   -1.449  -21.136 1.00 13.36 ? 86  SER A O   1 
ATOM   78   C  CB  . SER A 1 17 ? 6.080   1.183   -21.129 1.00 14.16 ? 86  SER A CB  1 
ATOM   79   O  OG  . SER A 1 17 ? 7.412   1.606   -20.870 1.00 14.54 ? 86  SER A OG  1 
ATOM   80   N  N   . TRP A 1 18 ? 6.820   -1.266  -23.006 1.00 15.58 ? 87  TRP A N   1 
ATOM   81   C  CA  . TRP A 1 18 ? 7.788   -2.008  -23.816 1.00 14.07 ? 87  TRP A CA  1 
ATOM   82   C  C   . TRP A 1 18 ? 9.161   -1.337  -23.828 1.00 13.48 ? 87  TRP A C   1 
ATOM   83   O  O   . TRP A 1 18 ? 10.181  -2.006  -24.006 1.00 15.63 ? 87  TRP A O   1 
ATOM   84   C  CB  . TRP A 1 18 ? 7.279   -2.168  -25.257 1.00 15.57 ? 87  TRP A CB  1 
ATOM   85   C  CG  . TRP A 1 18 ? 7.127   -0.858  -25.978 1.00 16.34 ? 87  TRP A CG  1 
ATOM   86   C  CD1 . TRP A 1 18 ? 6.015   -0.071  -26.010 1.00 18.17 ? 87  TRP A CD1 1 
ATOM   87   C  CD2 . TRP A 1 18 ? 8.123   -0.172  -26.760 1.00 13.72 ? 87  TRP A CD2 1 
ATOM   88   N  NE1 . TRP A 1 18 ? 6.248   1.054   -26.761 1.00 20.34 ? 87  TRP A NE1 1 
ATOM   89   C  CE2 . TRP A 1 18 ? 7.536   1.017   -27.231 1.00 15.56 ? 87  TRP A CE2 1 
ATOM   90   C  CE3 . TRP A 1 18 ? 9.448   -0.453  -27.109 1.00 14.41 ? 87  TRP A CE3 1 
ATOM   91   C  CZ2 . TRP A 1 18 ? 8.229   1.931   -28.032 1.00 16.46 ? 87  TRP A CZ2 1 
ATOM   92   C  CZ3 . TRP A 1 18 ? 10.135  0.456   -27.903 1.00 14.91 ? 87  TRP A CZ3 1 
ATOM   93   C  CH2 . TRP A 1 18 ? 9.522   1.625   -28.362 1.00 13.09 ? 87  TRP A CH2 1 
ATOM   94   N  N   . ASP A 1 19 ? 9.184   -0.017  -23.661 1.00 14.48 ? 88  ASP A N   1 
ATOM   95   C  CA  . ASP A 1 19 ? 10.437  0.728   -23.766 1.00 12.72 ? 88  ASP A CA  1 
ATOM   96   C  C   . ASP A 1 19 ? 11.118  0.914   -22.420 1.00 13.67 ? 88  ASP A C   1 
ATOM   97   O  O   . ASP A 1 19 ? 12.120  1.621   -22.324 1.00 15.64 ? 88  ASP A O   1 
ATOM   98   C  CB  . ASP A 1 19 ? 10.207  2.103   -24.429 1.00 13.68 ? 88  ASP A CB  1 
ATOM   99   C  CG  . ASP A 1 19 ? 9.227   2.967   -23.671 1.00 17.10 ? 88  ASP A CG  1 
ATOM   100  O  OD1 . ASP A 1 19 ? 8.242   2.423   -23.131 1.00 15.54 ? 88  ASP A OD1 1 
ATOM   101  O  OD2 . ASP A 1 19 ? 9.431   4.202   -23.637 1.00 18.73 ? 88  ASP A OD2 1 
ATOM   102  N  N   . THR A 1 20 ? 10.580  0.289   -21.377 1.00 13.78 ? 89  THR A N   1 
ATOM   103  C  CA  . THR A 1 20 ? 11.186  0.422   -20.059 1.00 14.36 ? 89  THR A CA  1 
ATOM   104  C  C   . THR A 1 20 ? 12.479  -0.369  -19.990 1.00 13.86 ? 89  THR A C   1 
ATOM   105  O  O   . THR A 1 20 ? 12.532  -1.527  -20.400 1.00 14.96 ? 89  THR A O   1 
ATOM   106  C  CB  . THR A 1 20 ? 10.221  -0.047  -18.945 1.00 12.99 ? 89  THR A CB  1 
ATOM   107  O  OG1 . THR A 1 20 ? 9.090   0.831   -18.919 1.00 15.52 ? 89  THR A OG1 1 
ATOM   108  C  CG2 . THR A 1 20 ? 10.900  -0.008  -17.601 1.00 13.17 ? 89  THR A CG2 1 
ATOM   109  N  N   . THR A 1 21 ? 13.534  0.271   -19.501 1.00 14.60 ? 90  THR A N   1 
ATOM   110  C  CA  . THR A 1 21 ? 14.813  -0.410  -19.360 1.00 16.31 ? 90  THR A CA  1 
ATOM   111  C  C   . THR A 1 21 ? 15.083  -0.787  -17.915 1.00 14.53 ? 90  THR A C   1 
ATOM   112  O  O   . THR A 1 21 ? 14.401  -0.325  -17.005 1.00 13.96 ? 90  THR A O   1 
ATOM   113  C  CB  . THR A 1 21 ? 15.970  0.464   -19.847 1.00 13.62 ? 90  THR A CB  1 
ATOM   114  O  OG1 . THR A 1 21 ? 16.015  1.654   -19.062 1.00 17.20 ? 90  THR A OG1 1 
ATOM   115  C  CG2 . THR A 1 21 ? 15.760  0.845   -21.307 1.00 16.94 ? 90  THR A CG2 1 
ATOM   116  N  N   . LYS A 1 22 ? 16.086  -1.631  -17.717 1.00 14.79 ? 91  LYS A N   1 
ATOM   117  C  CA  . LYS A 1 22 ? 16.543  -1.962  -16.369 1.00 16.15 ? 91  LYS A CA  1 
ATOM   118  C  C   . LYS A 1 22 ? 16.959  -0.701  -15.605 1.00 16.10 ? 91  LYS A C   1 
ATOM   119  O  O   . LYS A 1 22 ? 16.655  -0.530  -14.419 1.00 14.59 ? 91  LYS A O   1 
ATOM   120  C  CB  . LYS A 1 22 ? 17.699  -2.978  -16.463 1.00 19.47 ? 91  LYS A CB  1 
ATOM   121  C  CG  . LYS A 1 22 ? 18.502  -3.209  -15.200 1.00 19.32 ? 91  LYS A CG  1 
ATOM   122  C  CD  . LYS A 1 22 ? 19.668  -4.145  -15.520 1.00 24.10 ? 91  LYS A CD  1 
ATOM   123  C  CE  . LYS A 1 22 ? 20.653  -4.248  -14.366 1.00 26.92 ? 91  LYS A CE  1 
ATOM   124  N  NZ  . LYS A 1 22 ? 20.388  -5.434  -13.503 1.00 30.16 ? 91  LYS A NZ  1 
ATOM   125  N  N   . LYS A 1 23 ? 17.629  0.204   -16.305 1.00 16.29 ? 92  LYS A N   1 
ATOM   126  C  CA  . LYS A 1 23 ? 18.069  1.439   -15.703 1.00 15.48 ? 92  LYS A CA  1 
ATOM   127  C  C   . LYS A 1 23 ? 16.876  2.322   -15.317 1.00 13.85 ? 92  LYS A C   1 
ATOM   128  O  O   . LYS A 1 23 ? 16.911  2.982   -14.283 1.00 15.03 ? 92  LYS A O   1 
ATOM   129  C  CB  . LYS A 1 23 ? 19.004  2.173   -16.661 1.00 19.15 ? 92  LYS A CB  1 
ATOM   130  C  CG  . LYS A 1 23 ? 19.676  3.373   -16.065 1.00 19.93 ? 92  LYS A CG  1 
ATOM   131  C  CD  . LYS A 1 23 ? 20.541  4.039   -17.105 1.00 26.83 ? 92  LYS A CD  1 
ATOM   132  C  CE  . LYS A 1 23 ? 21.115  5.312   -16.573 1.00 27.32 ? 92  LYS A CE  1 
ATOM   133  N  NZ  . LYS A 1 23 ? 20.035  6.321   -16.378 1.00 25.48 ? 92  LYS A NZ  1 
ATOM   134  N  N   . ASP A 1 24 ? 15.826  2.321   -16.139 1.00 14.38 ? 93  ASP A N   1 
ATOM   135  C  CA  . ASP A 1 24 ? 14.598  3.042   -15.790 1.00 14.97 ? 93  ASP A CA  1 
ATOM   136  C  C   . ASP A 1 24 ? 14.087  2.570   -14.432 1.00 12.58 ? 93  ASP A C   1 
ATOM   137  O  O   . ASP A 1 24 ? 13.699  3.375   -13.584 1.00 13.72 ? 93  ASP A O   1 
ATOM   138  C  CB  . ASP A 1 24 ? 13.487  2.823   -16.824 1.00 13.93 ? 93  ASP A CB  1 
ATOM   139  C  CG  . ASP A 1 24 ? 13.697  3.595   -18.113 1.00 14.70 ? 93  ASP A CG  1 
ATOM   140  O  OD1 . ASP A 1 24 ? 14.492  4.563   -18.147 1.00 16.14 ? 93  ASP A OD1 1 
ATOM   141  O  OD2 . ASP A 1 24 ? 13.024  3.225   -19.095 1.00 15.95 ? 93  ASP A OD2 1 
ATOM   142  N  N   . LEU A 1 25 ? 14.066  1.256   -14.246 1.00 12.33 ? 94  LEU A N   1 
ATOM   143  C  CA  . LEU A 1 25 ? 13.585  0.682   -12.992 1.00 11.84 ? 94  LEU A CA  1 
ATOM   144  C  C   . LEU A 1 25 ? 14.450  1.139   -11.831 1.00 13.11 ? 94  LEU A C   1 
ATOM   145  O  O   . LEU A 1 25 ? 13.950  1.535   -10.788 1.00 12.29 ? 94  LEU A O   1 
ATOM   146  C  CB  . LEU A 1 25 ? 13.583  -0.848  -13.058 1.00 13.04 ? 94  LEU A CB  1 
ATOM   147  C  CG  . LEU A 1 25 ? 12.502  -1.518  -13.896 1.00 16.77 ? 94  LEU A CG  1 
ATOM   148  C  CD1 . LEU A 1 25 ? 12.675  -3.028  -13.820 1.00 16.79 ? 94  LEU A CD1 1 
ATOM   149  C  CD2 . LEU A 1 25 ? 11.124  -1.107  -13.398 1.00 18.21 ? 94  LEU A CD2 1 
ATOM   150  N  N   . LYS A 1 26 ? 15.763  1.072   -12.026 1.00 16.12 ? 95  LYS A N   1 
ATOM   151  C  CA  . LYS A 1 26 ? 16.698  1.416   -10.966 1.00 14.63 ? 95  LYS A CA  1 
ATOM   152  C  C   . LYS A 1 26 ? 16.526  2.872   -10.580 1.00 14.54 ? 95  LYS A C   1 
ATOM   153  O  O   . LYS A 1 26 ? 16.440  3.197   -9.397  1.00 15.72 ? 95  LYS A O   1 
ATOM   154  C  CB  . LYS A 1 26 ? 18.141  1.160   -11.386 1.00 14.11 ? 95  LYS A CB  1 
ATOM   155  C  CG  . LYS A 1 26 ? 19.127  1.467   -10.263 1.00 24.21 ? 95  LYS A CG  1 
ATOM   156  C  CD  . LYS A 1 26 ? 20.531  1.008   -10.597 1.00 33.09 ? 95  LYS A CD  1 
ATOM   157  C  CE  . LYS A 1 26 ? 21.488  1.372   -9.469  1.00 36.55 ? 95  LYS A CE  1 
ATOM   158  N  NZ  . LYS A 1 26 ? 20.930  1.029   -8.126  1.00 37.39 ? 95  LYS A NZ  1 
ATOM   159  N  N   . ASP A 1 27 ? 16.471  3.740   -11.594 1.00 13.91 ? 96  ASP A N   1 
ATOM   160  C  CA  . ASP A 1 27 ? 16.327  5.175   -11.362 1.00 15.06 ? 96  ASP A CA  1 
ATOM   161  C  C   . ASP A 1 27 ? 15.025  5.502   -10.651 1.00 16.06 ? 96  ASP A C   1 
ATOM   162  O  O   . ASP A 1 27 ? 15.008  6.322   -9.726  1.00 16.60 ? 96  ASP A O   1 
ATOM   163  C  CB  . ASP A 1 27 ? 16.389  5.959   -12.680 1.00 19.51 ? 96  ASP A CB  1 
ATOM   164  C  CG  . ASP A 1 27 ? 17.745  5.874   -13.355 1.00 20.21 ? 96  ASP A CG  1 
ATOM   165  O  OD1 . ASP A 1 27 ? 18.744  5.585   -12.666 1.00 18.82 ? 96  ASP A OD1 1 
ATOM   166  O  OD2 . ASP A 1 27 ? 17.814  6.097   -14.582 1.00 21.45 ? 96  ASP A OD2 1 
ATOM   167  N  N   . TYR A 1 28 ? 13.930  4.886   -11.091 1.00 13.98 ? 97  TYR A N   1 
ATOM   168  C  CA  . TYR A 1 28 ? 12.627  5.208   -10.528 1.00 13.06 ? 97  TYR A CA  1 
ATOM   169  C  C   . TYR A 1 28 ? 12.535  4.742   -9.083  1.00 12.90 ? 97  TYR A C   1 
ATOM   170  O  O   . TYR A 1 28 ? 12.133  5.497   -8.197  1.00 15.67 ? 97  TYR A O   1 
ATOM   171  C  CB  . TYR A 1 28 ? 11.483  4.587   -11.344 1.00 13.46 ? 97  TYR A CB  1 
ATOM   172  C  CG  . TYR A 1 28 ? 10.131  4.877   -10.725 1.00 15.16 ? 97  TYR A CG  1 
ATOM   173  C  CD1 . TYR A 1 28 ? 9.495   6.095   -10.943 1.00 17.64 ? 97  TYR A CD1 1 
ATOM   174  C  CD2 . TYR A 1 28 ? 9.510   3.951   -9.889  1.00 12.95 ? 97  TYR A CD2 1 
ATOM   175  C  CE1 . TYR A 1 28 ? 8.268   6.377   -10.356 1.00 17.43 ? 97  TYR A CE1 1 
ATOM   176  C  CE2 . TYR A 1 28 ? 8.288   4.217   -9.308  1.00 13.52 ? 97  TYR A CE2 1 
ATOM   177  C  CZ  . TYR A 1 28 ? 7.673   5.432   -9.538  1.00 16.21 ? 97  TYR A CZ  1 
ATOM   178  O  OH  . TYR A 1 28 ? 6.457   5.698   -8.947  1.00 14.55 ? 97  TYR A OH  1 
ATOM   179  N  N   . PHE A 1 29 ? 12.918  3.499   -8.826  1.00 11.82 ? 98  PHE A N   1 
ATOM   180  C  CA  . PHE A 1 29 ? 12.678  2.961   -7.498  1.00 12.29 ? 98  PHE A CA  1 
ATOM   181  C  C   . PHE A 1 29 ? 13.728  3.399   -6.501  1.00 13.34 ? 98  PHE A C   1 
ATOM   182  O  O   . PHE A 1 29 ? 13.525  3.271   -5.302  1.00 13.81 ? 98  PHE A O   1 
ATOM   183  C  CB  . PHE A 1 29 ? 12.546  1.439   -7.566  1.00 13.30 ? 98  PHE A CB  1 
ATOM   184  C  CG  . PHE A 1 29 ? 11.213  1.017   -8.084  1.00 12.61 ? 98  PHE A CG  1 
ATOM   185  C  CD1 . PHE A 1 29 ? 10.095  1.095   -7.276  1.00 11.57 ? 98  PHE A CD1 1 
ATOM   186  C  CD2 . PHE A 1 29 ? 11.050  0.639   -9.400  1.00 11.27 ? 98  PHE A CD2 1 
ATOM   187  C  CE1 . PHE A 1 29 ? 8.846   0.756   -7.759  1.00 12.69 ? 98  PHE A CE1 1 
ATOM   188  C  CE2 . PHE A 1 29 ? 9.803   0.297   -9.883  1.00 11.03 ? 98  PHE A CE2 1 
ATOM   189  C  CZ  . PHE A 1 29 ? 8.708   0.352   -9.074  1.00 11.26 ? 98  PHE A CZ  1 
ATOM   190  N  N   . SER A 1 30 ? 14.817  3.981   -6.990  1.00 13.49 ? 99  SER A N   1 
ATOM   191  C  CA  . SER A 1 30 ? 15.854  4.487   -6.089  1.00 16.87 ? 99  SER A CA  1 
ATOM   192  C  C   . SER A 1 30 ? 15.363  5.632   -5.195  1.00 17.09 ? 99  SER A C   1 
ATOM   193  O  O   . SER A 1 30 ? 15.986  5.939   -4.177  1.00 21.73 ? 99  SER A O   1 
ATOM   194  C  CB  . SER A 1 30 ? 17.076  4.949   -6.886  1.00 20.25 ? 99  SER A CB  1 
ATOM   195  O  OG  . SER A 1 30 ? 17.848  3.829   -7.301  1.00 21.06 ? 99  SER A OG  1 
ATOM   196  N  N   . LYS A 1 31 ? 14.250  6.258   -5.555  1.00 17.36 ? 100 LYS A N   1 
ATOM   197  C  CA  . LYS A 1 31 ? 13.745  7.345   -4.723  1.00 20.19 ? 100 LYS A CA  1 
ATOM   198  C  C   . LYS A 1 31 ? 13.170  6.818   -3.413  1.00 20.73 ? 100 LYS A C   1 
ATOM   199  O  O   . LYS A 1 31 ? 12.998  7.579   -2.460  1.00 20.90 ? 100 LYS A O   1 
ATOM   200  C  CB  . LYS A 1 31 ? 12.682  8.154   -5.463  1.00 21.87 ? 100 LYS A CB  1 
ATOM   201  C  CG  . LYS A 1 31 ? 11.328  7.495   -5.442  1.00 19.59 ? 100 LYS A CG  1 
ATOM   202  C  CD  . LYS A 1 31 ? 10.242  8.454   -5.861  1.00 25.54 ? 100 LYS A CD  1 
ATOM   203  C  CE  . LYS A 1 31 ? 10.391  8.821   -7.318  1.00 26.40 ? 100 LYS A CE  1 
ATOM   204  N  NZ  . LYS A 1 31 ? 9.060   9.105   -7.918  1.00 32.29 ? 100 LYS A NZ  1 
ATOM   205  N  N   . PHE A 1 32 ? 12.882  5.519   -3.355  1.00 15.25 ? 101 PHE A N   1 
ATOM   206  C  CA  . PHE A 1 32 ? 12.293  4.941   -2.149  1.00 17.86 ? 101 PHE A CA  1 
ATOM   207  C  C   . PHE A 1 32 ? 13.352  4.334   -1.232  1.00 18.02 ? 101 PHE A C   1 
ATOM   208  O  O   . PHE A 1 32 ? 13.052  3.935   -0.111  1.00 18.81 ? 101 PHE A O   1 
ATOM   209  C  CB  . PHE A 1 32 ? 11.235  3.890   -2.518  1.00 15.90 ? 101 PHE A CB  1 
ATOM   210  C  CG  . PHE A 1 32 ? 10.145  4.426   -3.416  1.00 16.44 ? 101 PHE A CG  1 
ATOM   211  C  CD1 . PHE A 1 32 ? 9.087   5.148   -2.884  1.00 17.62 ? 101 PHE A CD1 1 
ATOM   212  C  CD2 . PHE A 1 32 ? 10.178  4.206   -4.786  1.00 13.80 ? 101 PHE A CD2 1 
ATOM   213  C  CE1 . PHE A 1 32 ? 8.090   5.652   -3.694  1.00 17.59 ? 101 PHE A CE1 1 
ATOM   214  C  CE2 . PHE A 1 32 ? 9.180   4.700   -5.605  1.00 12.21 ? 101 PHE A CE2 1 
ATOM   215  C  CZ  . PHE A 1 32 ? 8.136   5.423   -5.067  1.00 18.01 ? 101 PHE A CZ  1 
ATOM   216  N  N   . GLY A 1 33 ? 14.591  4.278   -1.710  1.00 19.13 ? 102 GLY A N   1 
ATOM   217  C  CA  . GLY A 1 33 ? 15.685  3.710   -0.939  1.00 17.27 ? 102 GLY A CA  1 
ATOM   218  C  C   . GLY A 1 33 ? 16.672  2.999   -1.842  1.00 19.72 ? 102 GLY A C   1 
ATOM   219  O  O   . GLY A 1 33 ? 16.456  2.894   -3.051  1.00 17.91 ? 102 GLY A O   1 
ATOM   220  N  N   . GLU A 1 34 ? 17.754  2.492   -1.259  1.00 18.26 ? 103 GLU A N   1 
ATOM   221  C  CA  . GLU A 1 34 ? 18.799  1.855   -2.051  1.00 22.04 ? 103 GLU A CA  1 
ATOM   222  C  C   . GLU A 1 34 ? 18.320  0.605   -2.776  1.00 15.21 ? 103 GLU A C   1 
ATOM   223  O  O   . GLU A 1 34 ? 17.741  -0.310  -2.179  1.00 16.21 ? 103 GLU A O   1 
ATOM   224  C  CB  . GLU A 1 34 ? 19.997  1.499   -1.174  1.00 25.41 ? 103 GLU A CB  1 
ATOM   225  C  CG  . GLU A 1 34 ? 21.214  1.075   -1.975  1.00 27.72 ? 103 GLU A CG  1 
ATOM   226  C  CD  . GLU A 1 34 ? 22.440  0.869   -1.106  1.00 31.99 ? 103 GLU A CD  1 
ATOM   227  O  OE1 . GLU A 1 34 ? 22.558  1.558   -0.071  1.00 36.46 ? 103 GLU A OE1 1 
ATOM   228  O  OE2 . GLU A 1 34 ? 23.283  0.021   -1.460  1.00 37.94 ? 103 GLU A OE2 1 
ATOM   229  N  N   . VAL A 1 35 ? 18.584  0.573   -4.078  1.00 15.99 ? 104 VAL A N   1 
ATOM   230  C  CA  . VAL A 1 35 ? 18.282  -0.598  -4.894  1.00 17.70 ? 104 VAL A CA  1 
ATOM   231  C  C   . VAL A 1 35 ? 19.530  -1.461  -5.061  1.00 15.75 ? 104 VAL A C   1 
ATOM   232  O  O   . VAL A 1 35 ? 20.543  -0.989  -5.567  1.00 19.48 ? 104 VAL A O   1 
ATOM   233  C  CB  . VAL A 1 35 ? 17.750  -0.181  -6.271  1.00 16.95 ? 104 VAL A CB  1 
ATOM   234  C  CG1 . VAL A 1 35 ? 17.637  -1.395  -7.197  1.00 18.62 ? 104 VAL A CG1 1 
ATOM   235  C  CG2 . VAL A 1 35 ? 16.419  0.539   -6.130  1.00 15.49 ? 104 VAL A CG2 1 
ATOM   236  N  N   . VAL A 1 36 ? 19.462  -2.715  -4.617  1.00 18.68 ? 105 VAL A N   1 
ATOM   237  C  CA  . VAL A 1 36 ? 20.604  -3.622  -4.744  1.00 20.05 ? 105 VAL A CA  1 
ATOM   238  C  C   . VAL A 1 36 ? 20.757  -4.032  -6.197  1.00 21.92 ? 105 VAL A C   1 
ATOM   239  O  O   . VAL A 1 36 ? 21.853  -4.008  -6.744  1.00 22.10 ? 105 VAL A O   1 
ATOM   240  C  CB  . VAL A 1 36 ? 20.450  -4.868  -3.862  1.00 19.93 ? 105 VAL A CB  1 
ATOM   241  C  CG1 . VAL A 1 36 ? 21.630  -5.827  -4.063  1.00 21.72 ? 105 VAL A CG1 1 
ATOM   242  C  CG2 . VAL A 1 36 ? 20.343  -4.466  -2.406  1.00 20.93 ? 105 VAL A CG2 1 
ATOM   243  N  N   . ASP A 1 37 ? 19.639  -4.395  -6.817  1.00 18.33 ? 106 ASP A N   1 
ATOM   244  C  CA  . ASP A 1 37 ? 19.608  -4.756  -8.228  1.00 17.76 ? 106 ASP A CA  1 
ATOM   245  C  C   . ASP A 1 37 ? 18.163  -4.705  -8.693  1.00 15.59 ? 106 ASP A C   1 
ATOM   246  O  O   . ASP A 1 37 ? 17.228  -4.645  -7.876  1.00 15.71 ? 106 ASP A O   1 
ATOM   247  C  CB  . ASP A 1 37 ? 20.206  -6.160  -8.459  1.00 20.42 ? 106 ASP A CB  1 
ATOM   248  C  CG  . ASP A 1 37 ? 20.501  -6.458  -9.940  1.00 20.73 ? 106 ASP A CG  1 
ATOM   249  O  OD1 . ASP A 1 37 ? 20.663  -5.513  -10.739 1.00 16.76 ? 106 ASP A OD1 1 
ATOM   250  O  OD2 . ASP A 1 37 ? 20.576  -7.658  -10.305 1.00 24.78 ? 106 ASP A OD2 1 
ATOM   251  N  N   . CYS A 1 38 ? 17.984  -4.738  -10.003 1.00 17.91 ? 107 CYS A N   1 
ATOM   252  C  CA  . CYS A 1 38 ? 16.659  -4.835  -10.596 1.00 16.01 ? 107 CYS A CA  1 
ATOM   253  C  C   . CYS A 1 38 ? 16.800  -5.421  -11.996 1.00 16.14 ? 107 CYS A C   1 
ATOM   254  O  O   . CYS A 1 38 ? 17.869  -5.366  -12.604 1.00 18.53 ? 107 CYS A O   1 
ATOM   255  C  CB  . CYS A 1 38 ? 15.975  -3.476  -10.631 1.00 19.51 ? 107 CYS A CB  1 
ATOM   256  S  SG  . CYS A 1 38 ? 16.963  -2.193  -11.412 1.00 21.63 ? 107 CYS A SG  1 
ATOM   257  N  N   . THR A 1 39 ? 15.729  -6.007  -12.503 1.00 14.77 ? 108 THR A N   1 
ATOM   258  C  CA  . THR A 1 39 ? 15.814  -6.727  -13.770 1.00 11.26 ? 108 THR A CA  1 
ATOM   259  C  C   . THR A 1 39 ? 14.533  -6.643  -14.572 1.00 12.76 ? 108 THR A C   1 
ATOM   260  O  O   . THR A 1 39 ? 13.452  -6.460  -14.024 1.00 14.96 ? 108 THR A O   1 
ATOM   261  C  CB  . THR A 1 39 ? 16.123  -8.236  -13.555 1.00 15.62 ? 108 THR A CB  1 
ATOM   262  O  OG1 . THR A 1 39 ? 15.046  -8.837  -12.833 1.00 16.14 ? 108 THR A OG1 1 
ATOM   263  C  CG2 . THR A 1 39 ? 17.417  -8.453  -12.765 1.00 16.01 ? 108 THR A CG2 1 
ATOM   264  N  N   . LEU A 1 40 ? 14.660  -6.802  -15.884 1.00 13.14 ? 109 LEU A N   1 
ATOM   265  C  CA  . LEU A 1 40 ? 13.510  -7.039  -16.739 1.00 12.14 ? 109 LEU A CA  1 
ATOM   266  C  C   . LEU A 1 40 ? 13.415  -8.536  -16.946 1.00 15.26 ? 109 LEU A C   1 
ATOM   267  O  O   . LEU A 1 40 ? 14.364  -9.144  -17.449 1.00 18.01 ? 109 LEU A O   1 
ATOM   268  C  CB  . LEU A 1 40 ? 13.661  -6.325  -18.078 1.00 15.25 ? 109 LEU A CB  1 
ATOM   269  C  CG  . LEU A 1 40 ? 13.867  -4.817  -17.993 1.00 15.48 ? 109 LEU A CG  1 
ATOM   270  C  CD1 . LEU A 1 40 ? 14.202  -4.255  -19.374 1.00 21.86 ? 109 LEU A CD1 1 
ATOM   271  C  CD2 . LEU A 1 40 ? 12.622  -4.152  -17.427 1.00 16.49 ? 109 LEU A CD2 1 
ATOM   272  N  N   . LYS A 1 41 ? 12.288  -9.140  -16.586 1.00 12.40 ? 110 LYS A N   1 
ATOM   273  C  CA  . LYS A 1 41 ? 12.174  -10.589 -16.745 1.00 13.08 ? 110 LYS A CA  1 
ATOM   274  C  C   . LYS A 1 41 ? 11.956  -11.019 -18.202 1.00 15.97 ? 110 LYS A C   1 
ATOM   275  O  O   . LYS A 1 41 ? 11.166  -10.427 -18.943 1.00 16.23 ? 110 LYS A O   1 
ATOM   276  C  CB  . LYS A 1 41 ? 11.045  -11.147 -15.879 1.00 12.41 ? 110 LYS A CB  1 
ATOM   277  C  CG  . LYS A 1 41 ? 11.240  -10.966 -14.364 1.00 14.15 ? 110 LYS A CG  1 
ATOM   278  C  CD  . LYS A 1 41 ? 12.612  -11.441 -13.870 1.00 13.74 ? 110 LYS A CD  1 
ATOM   279  C  CE  . LYS A 1 41 ? 12.838  -12.944 -14.083 1.00 15.74 ? 110 LYS A CE  1 
ATOM   280  N  NZ  . LYS A 1 41 ? 11.964  -13.781 -13.218 1.00 15.98 ? 110 LYS A NZ  1 
ATOM   281  N  N   . LEU A 1 42 ? 12.667  -12.075 -18.589 1.00 14.10 ? 111 LEU A N   1 
ATOM   282  C  CA  . LEU A 1 42 ? 12.540  -12.661 -19.923 1.00 14.11 ? 111 LEU A CA  1 
ATOM   283  C  C   . LEU A 1 42 ? 12.038  -14.093 -19.823 1.00 16.10 ? 111 LEU A C   1 
ATOM   284  O  O   . LEU A 1 42 ? 12.284  -14.769 -18.831 1.00 15.68 ? 111 LEU A O   1 
ATOM   285  C  CB  . LEU A 1 42 ? 13.881  -12.626 -20.657 1.00 15.19 ? 111 LEU A CB  1 
ATOM   286  C  CG  . LEU A 1 42 ? 14.595  -11.277 -20.703 1.00 19.76 ? 111 LEU A CG  1 
ATOM   287  C  CD1 . LEU A 1 42 ? 15.970  -11.422 -21.340 1.00 25.02 ? 111 LEU A CD1 1 
ATOM   288  C  CD2 . LEU A 1 42 ? 13.747  -10.260 -21.454 1.00 24.01 ? 111 LEU A CD2 1 
ATOM   289  N  N   . ASP A 1 43 ? 11.337  -14.549 -20.858 1.00 17.29 ? 112 ASP A N   1 
ATOM   290  C  CA  . ASP A 1 43 ? 10.906  -15.938 -20.951 1.00 17.58 ? 112 ASP A CA  1 
ATOM   291  C  C   . ASP A 1 43 ? 12.148  -16.838 -20.922 1.00 17.86 ? 112 ASP A C   1 
ATOM   292  O  O   . ASP A 1 43 ? 13.061  -16.646 -21.721 1.00 15.69 ? 112 ASP A O   1 
ATOM   293  C  CB  . ASP A 1 43 ? 10.098  -16.141 -22.236 1.00 16.68 ? 112 ASP A CB  1 
ATOM   294  C  CG  . ASP A 1 43 ? 9.420   -17.497 -22.313 1.00 21.05 ? 112 ASP A CG  1 
ATOM   295  O  OD1 . ASP A 1 43 ? 10.121  -18.511 -22.482 1.00 20.14 ? 112 ASP A OD1 1 
ATOM   296  O  OD2 . ASP A 1 43 ? 8.174   -17.542 -22.245 1.00 26.08 ? 112 ASP A OD2 1 
ATOM   297  N  N   . PRO A 1 44 ? 12.203  -17.801 -19.980 1.00 15.44 ? 113 PRO A N   1 
ATOM   298  C  CA  . PRO A 1 44 ? 13.406  -18.640 -19.849 1.00 17.92 ? 113 PRO A CA  1 
ATOM   299  C  C   . PRO A 1 44 ? 13.677  -19.539 -21.050 1.00 16.87 ? 113 PRO A C   1 
ATOM   300  O  O   . PRO A 1 44 ? 14.769  -20.105 -21.148 1.00 19.46 ? 113 PRO A O   1 
ATOM   301  C  CB  . PRO A 1 44 ? 13.116  -19.494 -18.612 1.00 18.37 ? 113 PRO A CB  1 
ATOM   302  C  CG  . PRO A 1 44 ? 11.650  -19.433 -18.435 1.00 20.59 ? 113 PRO A CG  1 
ATOM   303  C  CD  . PRO A 1 44 ? 11.221  -18.083 -18.924 1.00 15.42 ? 113 PRO A CD  1 
ATOM   304  N  N   . ILE A 1 45 ? 12.703  -19.671 -21.941 1.00 14.61 ? 114 ILE A N   1 
ATOM   305  C  CA  . ILE A 1 45 ? 12.890  -20.458 -23.151 1.00 17.67 ? 114 ILE A CA  1 
ATOM   306  C  C   . ILE A 1 45 ? 13.174  -19.553 -24.346 1.00 18.51 ? 114 ILE A C   1 
ATOM   307  O  O   . ILE A 1 45 ? 14.209  -19.671 -25.005 1.00 18.04 ? 114 ILE A O   1 
ATOM   308  C  CB  . ILE A 1 45 ? 11.651  -21.324 -23.451 1.00 15.18 ? 114 ILE A CB  1 
ATOM   309  C  CG1 . ILE A 1 45 ? 11.337  -22.242 -22.264 1.00 17.89 ? 114 ILE A CG1 1 
ATOM   310  C  CG2 . ILE A 1 45 ? 11.844  -22.104 -24.751 1.00 18.67 ? 114 ILE A CG2 1 
ATOM   311  C  CD1 . ILE A 1 45 ? 12.467  -23.191 -21.913 1.00 22.07 ? 114 ILE A CD1 1 
ATOM   312  N  N   . THR A 1 46 ? 12.253  -18.641 -24.627 1.00 17.06 ? 115 THR A N   1 
ATOM   313  C  CA  . THR A 1 46 ? 12.349  -17.845 -25.847 1.00 18.10 ? 115 THR A CA  1 
ATOM   314  C  C   . THR A 1 46 ? 13.187  -16.569 -25.699 1.00 20.86 ? 115 THR A C   1 
ATOM   315  O  O   . THR A 1 46 ? 13.596  -15.975 -26.701 1.00 21.31 ? 115 THR A O   1 
ATOM   316  C  CB  . THR A 1 46 ? 10.954  -17.451 -26.355 1.00 21.29 ? 115 THR A CB  1 
ATOM   317  O  OG1 . THR A 1 46 ? 10.339  -16.556 -25.423 1.00 21.97 ? 115 THR A OG1 1 
ATOM   318  C  CG2 . THR A 1 46 ? 10.085  -18.681 -26.538 1.00 20.26 ? 115 THR A CG2 1 
ATOM   319  N  N   . GLY A 1 47 ? 13.436  -16.146 -24.463 1.00 17.17 ? 116 GLY A N   1 
ATOM   320  C  CA  . GLY A 1 47 ? 14.197  -14.929 -24.222 1.00 20.80 ? 116 GLY A CA  1 
ATOM   321  C  C   . GLY A 1 47 ? 13.369  -13.683 -24.476 1.00 22.30 ? 116 GLY A C   1 
ATOM   322  O  O   . GLY A 1 47 ? 13.865  -12.554 -24.409 1.00 22.07 ? 116 GLY A O   1 
ATOM   323  N  N   . ARG A 1 48 ? 12.089  -13.888 -24.757 1.00 19.14 ? 117 ARG A N   1 
ATOM   324  C  CA  . ARG A 1 48 ? 11.179  -12.794 -25.038 1.00 19.45 ? 117 ARG A CA  1 
ATOM   325  C  C   . ARG A 1 48 ? 10.801  -12.030 -23.776 1.00 21.94 ? 117 ARG A C   1 
ATOM   326  O  O   . ARG A 1 48 ? 10.727  -12.607 -22.696 1.00 18.98 ? 117 ARG A O   1 
ATOM   327  C  CB  . ARG A 1 48 ? 9.919   -13.320 -25.702 1.00 27.58 ? 117 ARG A CB  1 
ATOM   328  C  CG  . ARG A 1 48 ? 9.023   -12.229 -26.224 1.00 30.58 ? 117 ARG A CG  1 
ATOM   329  C  CD  . ARG A 1 48 ? 7.609   -12.733 -26.291 1.00 27.44 ? 117 ARG A CD  1 
ATOM   330  N  NE  . ARG A 1 48 ? 7.010   -12.455 -27.583 1.00 38.40 ? 117 ARG A NE  1 
ATOM   331  C  CZ  . ARG A 1 48 ? 5.734   -12.684 -27.852 1.00 39.29 ? 117 ARG A CZ  1 
ATOM   332  N  NH1 . ARG A 1 48 ? 4.953   -13.189 -26.905 1.00 32.29 ? 117 ARG A NH1 1 
ATOM   333  N  NH2 . ARG A 1 48 ? 5.242   -12.411 -29.055 1.00 38.48 ? 117 ARG A NH2 1 
ATOM   334  N  N   . SER A 1 49 ? 10.544  -10.735 -23.927 1.00 18.62 ? 118 SER A N   1 
ATOM   335  C  CA  . SER A 1 49 ? 10.151  -9.902  -22.795 1.00 19.30 ? 118 SER A CA  1 
ATOM   336  C  C   . SER A 1 49 ? 8.863   -10.405 -22.141 1.00 17.59 ? 118 SER A C   1 
ATOM   337  O  O   . SER A 1 49 ? 7.924   -10.809 -22.826 1.00 17.39 ? 118 SER A O   1 
ATOM   338  C  CB  . SER A 1 49 ? 9.979   -8.455  -23.249 1.00 20.30 ? 118 SER A CB  1 
ATOM   339  O  OG  . SER A 1 49 ? 9.585   -7.640  -22.160 1.00 26.82 ? 118 SER A OG  1 
ATOM   340  N  N   . ARG A 1 50 ? 8.817   -10.385 -20.813 1.00 18.89 ? 119 ARG A N   1 
ATOM   341  C  CA  . ARG A 1 50 ? 7.603   -10.780 -20.100 1.00 16.54 ? 119 ARG A CA  1 
ATOM   342  C  C   . ARG A 1 50 ? 6.751   -9.563  -19.741 1.00 16.13 ? 119 ARG A C   1 
ATOM   343  O  O   . ARG A 1 50 ? 5.610   -9.707  -19.309 1.00 17.51 ? 119 ARG A O   1 
ATOM   344  C  CB  . ARG A 1 50 ? 7.952   -11.588 -18.845 1.00 18.13 ? 119 ARG A CB  1 
ATOM   345  C  CG  . ARG A 1 50 ? 8.299   -13.052 -19.140 1.00 20.51 ? 119 ARG A CG  1 
ATOM   346  C  CD  . ARG A 1 50 ? 8.088   -13.936 -17.925 1.00 25.61 ? 119 ARG A CD  1 
ATOM   347  N  NE  . ARG A 1 50 ? 8.245   -15.356 -18.238 1.00 26.98 ? 119 ARG A NE  1 
ATOM   348  C  CZ  . ARG A 1 50 ? 7.316   -16.103 -18.827 1.00 30.73 ? 119 ARG A CZ  1 
ATOM   349  N  NH1 . ARG A 1 50 ? 6.151   -15.571 -19.179 1.00 25.84 ? 119 ARG A NH1 1 
ATOM   350  N  NH2 . ARG A 1 50 ? 7.554   -17.387 -19.071 1.00 24.17 ? 119 ARG A NH2 1 
ATOM   351  N  N   . GLY A 1 51 ? 7.301   -8.368  -19.930 1.00 14.44 ? 120 GLY A N   1 
ATOM   352  C  CA  . GLY A 1 51 ? 6.556   -7.145  -19.680 1.00 13.35 ? 120 GLY A CA  1 
ATOM   353  C  C   . GLY A 1 51 ? 6.421   -6.833  -18.195 1.00 15.61 ? 120 GLY A C   1 
ATOM   354  O  O   . GLY A 1 51 ? 5.576   -6.044  -17.783 1.00 15.87 ? 120 GLY A O   1 
ATOM   355  N  N   . PHE A 1 52 ? 7.242   -7.483  -17.384 1.00 15.36 ? 121 PHE A N   1 
ATOM   356  C  CA  . PHE A 1 52 ? 7.344   -7.111  -15.981 1.00 13.50 ? 121 PHE A CA  1 
ATOM   357  C  C   . PHE A 1 52 ? 8.778   -7.246  -15.519 1.00 12.64 ? 121 PHE A C   1 
ATOM   358  O  O   . PHE A 1 52 ? 9.643   -7.746  -16.249 1.00 14.00 ? 121 PHE A O   1 
ATOM   359  C  CB  . PHE A 1 52 ? 6.384   -7.931  -15.094 1.00 13.70 ? 121 PHE A CB  1 
ATOM   360  C  CG  . PHE A 1 52 ? 6.581   -9.426  -15.146 1.00 13.97 ? 121 PHE A CG  1 
ATOM   361  C  CD1 . PHE A 1 52 ? 7.534   -10.047 -14.354 1.00 14.21 ? 121 PHE A CD1 1 
ATOM   362  C  CD2 . PHE A 1 52 ? 5.763   -10.217 -15.938 1.00 15.12 ? 121 PHE A CD2 1 
ATOM   363  C  CE1 . PHE A 1 52 ? 7.693   -11.429 -14.368 1.00 15.35 ? 121 PHE A CE1 1 
ATOM   364  C  CE2 . PHE A 1 52 ? 5.923   -11.598 -15.965 1.00 14.79 ? 121 PHE A CE2 1 
ATOM   365  C  CZ  . PHE A 1 52 ? 6.888   -12.203 -15.174 1.00 16.65 ? 121 PHE A CZ  1 
ATOM   366  N  N   . GLY A 1 53 ? 9.036   -6.757  -14.314 1.00 13.53 ? 122 GLY A N   1 
ATOM   367  C  CA  . GLY A 1 53 ? 10.380  -6.716  -13.791 1.00 14.82 ? 122 GLY A CA  1 
ATOM   368  C  C   . GLY A 1 53 ? 10.402  -7.042  -12.313 1.00 12.61 ? 122 GLY A C   1 
ATOM   369  O  O   . GLY A 1 53 ? 9.360   -7.258  -11.691 1.00 12.73 ? 122 GLY A O   1 
ATOM   370  N  N   . PHE A 1 54 ? 11.607  -7.096  -11.759 1.00 12.57 ? 123 PHE A N   1 
ATOM   371  C  CA  . PHE A 1 54 ? 11.790  -7.318  -10.338 1.00 15.60 ? 123 PHE A CA  1 
ATOM   372  C  C   . PHE A 1 54 ? 12.712  -6.248  -9.790  1.00 14.18 ? 123 PHE A C   1 
ATOM   373  O  O   . PHE A 1 54 ? 13.606  -5.775  -10.494 1.00 12.12 ? 123 PHE A O   1 
ATOM   374  C  CB  . PHE A 1 54 ? 12.369  -8.697  -10.055 1.00 15.66 ? 123 PHE A CB  1 
ATOM   375  C  CG  . PHE A 1 54 ? 11.327  -9.781  -9.940  1.00 13.07 ? 123 PHE A CG  1 
ATOM   376  C  CD1 . PHE A 1 54 ? 10.792  -10.357 -11.073 1.00 16.88 ? 123 PHE A CD1 1 
ATOM   377  C  CD2 . PHE A 1 54 ? 10.878  -10.202 -8.699  1.00 21.60 ? 123 PHE A CD2 1 
ATOM   378  C  CE1 . PHE A 1 54 ? 9.835   -11.352 -10.985 1.00 16.99 ? 123 PHE A CE1 1 
ATOM   379  C  CE2 . PHE A 1 54 ? 9.922   -11.202 -8.595  1.00 24.95 ? 123 PHE A CE2 1 
ATOM   380  C  CZ  . PHE A 1 54 ? 9.401   -11.775 -9.739  1.00 19.82 ? 123 PHE A CZ  1 
ATOM   381  N  N   . VAL A 1 55 ? 12.496  -5.889  -8.527  1.00 12.31 ? 124 VAL A N   1 
ATOM   382  C  CA  . VAL A 1 55 ? 13.351  -4.942  -7.819  1.00 10.99 ? 124 VAL A CA  1 
ATOM   383  C  C   . VAL A 1 55 ? 13.779  -5.539  -6.481  1.00 13.29 ? 124 VAL A C   1 
ATOM   384  O  O   . VAL A 1 55 ? 12.950  -6.087  -5.738  1.00 13.78 ? 124 VAL A O   1 
ATOM   385  C  CB  . VAL A 1 55 ? 12.627  -3.595  -7.569  1.00 9.43  ? 124 VAL A CB  1 
ATOM   386  C  CG1 . VAL A 1 55 ? 13.406  -2.714  -6.562  1.00 14.02 ? 124 VAL A CG1 1 
ATOM   387  C  CG2 . VAL A 1 55 ? 12.368  -2.857  -8.874  1.00 12.99 ? 124 VAL A CG2 1 
ATOM   388  N  N   . LEU A 1 56 ? 15.074  -5.451  -6.190  1.00 12.94 ? 125 LEU A N   1 
ATOM   389  C  CA  . LEU A 1 56 ? 15.611  -5.874  -4.903  1.00 14.45 ? 125 LEU A CA  1 
ATOM   390  C  C   . LEU A 1 56 ? 16.096  -4.664  -4.132  1.00 13.54 ? 125 LEU A C   1 
ATOM   391  O  O   . LEU A 1 56 ? 17.108  -4.059  -4.481  1.00 14.55 ? 125 LEU A O   1 
ATOM   392  C  CB  . LEU A 1 56 ? 16.756  -6.881  -5.076  1.00 13.43 ? 125 LEU A CB  1 
ATOM   393  C  CG  . LEU A 1 56 ? 17.331  -7.412  -3.759  1.00 17.80 ? 125 LEU A CG  1 
ATOM   394  C  CD1 . LEU A 1 56 ? 16.259  -8.099  -2.926  1.00 15.13 ? 125 LEU A CD1 1 
ATOM   395  C  CD2 . LEU A 1 56 ? 18.491  -8.367  -4.032  1.00 19.90 ? 125 LEU A CD2 1 
ATOM   396  N  N   . PHE A 1 57 ? 15.353  -4.306  -3.089  1.00 12.75 ? 126 PHE A N   1 
ATOM   397  C  CA  . PHE A 1 57 ? 15.733  -3.211  -2.197  1.00 14.32 ? 126 PHE A CA  1 
ATOM   398  C  C   . PHE A 1 57 ? 16.664  -3.713  -1.094  1.00 16.92 ? 126 PHE A C   1 
ATOM   399  O  O   . PHE A 1 57 ? 16.471  -4.808  -0.578  1.00 19.82 ? 126 PHE A O   1 
ATOM   400  C  CB  . PHE A 1 57 ? 14.497  -2.592  -1.546  1.00 14.95 ? 126 PHE A CB  1 
ATOM   401  C  CG  . PHE A 1 57 ? 13.734  -1.641  -2.426  1.00 12.89 ? 126 PHE A CG  1 
ATOM   402  C  CD1 . PHE A 1 57 ? 14.315  -0.456  -2.868  1.00 11.85 ? 126 PHE A CD1 1 
ATOM   403  C  CD2 . PHE A 1 57 ? 12.416  -1.903  -2.755  1.00 11.81 ? 126 PHE A CD2 1 
ATOM   404  C  CE1 . PHE A 1 57 ? 13.594  0.440   -3.650  1.00 14.28 ? 126 PHE A CE1 1 
ATOM   405  C  CE2 . PHE A 1 57 ? 11.691  -1.022  -3.528  1.00 12.34 ? 126 PHE A CE2 1 
ATOM   406  C  CZ  . PHE A 1 57 ? 12.277  0.158   -3.973  1.00 14.14 ? 126 PHE A CZ  1 
ATOM   407  N  N   . LYS A 1 58 ? 17.650  -2.904  -0.721  1.00 16.51 ? 127 LYS A N   1 
ATOM   408  C  CA  . LYS A 1 58 ? 18.543  -3.253  0.389   1.00 22.46 ? 127 LYS A CA  1 
ATOM   409  C  C   . LYS A 1 58 ? 17.787  -3.358  1.712   1.00 21.76 ? 127 LYS A C   1 
ATOM   410  O  O   . LYS A 1 58 ? 18.078  -4.228  2.545   1.00 20.14 ? 127 LYS A O   1 
ATOM   411  C  CB  . LYS A 1 58 ? 19.670  -2.222  0.507   1.00 22.03 ? 127 LYS A CB  1 
ATOM   412  C  CG  . LYS A 1 58 ? 20.715  -2.561  1.562   1.00 25.17 ? 127 LYS A CG  1 
ATOM   413  C  CD  . LYS A 1 58 ? 21.847  -1.542  1.571   1.00 28.43 ? 127 LYS A CD  1 
ATOM   414  C  CE  . LYS A 1 58 ? 22.854  -1.868  2.667   1.00 34.16 ? 127 LYS A CE  1 
ATOM   415  N  NZ  . LYS A 1 58 ? 23.902  -0.818  2.819   1.00 34.63 ? 127 LYS A NZ  1 
ATOM   416  N  N   . GLU A 1 59 ? 16.819  -2.470  1.907   1.00 20.10 ? 128 GLU A N   1 
ATOM   417  C  CA  . GLU A 1 59 ? 16.023  -2.454  3.131   1.00 20.44 ? 128 GLU A CA  1 
ATOM   418  C  C   . GLU A 1 59 ? 14.544  -2.664  2.841   1.00 18.35 ? 128 GLU A C   1 
ATOM   419  O  O   . GLU A 1 59 ? 13.985  -2.017  1.954   1.00 18.44 ? 128 GLU A O   1 
ATOM   420  C  CB  . GLU A 1 59 ? 16.218  -1.135  3.894   1.00 22.60 ? 128 GLU A CB  1 
ATOM   421  C  CG  . GLU A 1 59 ? 17.672  -0.743  4.144   1.00 24.43 ? 128 GLU A CG  1 
ATOM   422  C  CD  . GLU A 1 59 ? 18.217  0.217   3.093   1.00 35.95 ? 128 GLU A CD  1 
ATOM   423  O  OE1 . GLU A 1 59 ? 17.428  0.727   2.263   1.00 33.94 ? 128 GLU A OE1 1 
ATOM   424  O  OE2 . GLU A 1 59 ? 19.443  0.476   3.100   1.00 37.79 ? 128 GLU A OE2 1 
ATOM   425  N  N   . SER A 1 60 ? 13.906  -3.538  3.614   1.00 19.06 ? 129 SER A N   1 
ATOM   426  C  CA  . SER A 1 60 ? 12.504  -3.871  3.388   1.00 19.50 ? 129 SER A CA  1 
ATOM   427  C  C   . SER A 1 60 ? 11.581  -2.670  3.574   1.00 21.44 ? 129 SER A C   1 
ATOM   428  O  O   . SER A 1 60 ? 10.490  -2.632  2.994   1.00 20.29 ? 129 SER A O   1 
ATOM   429  C  CB  . SER A 1 60 ? 12.064  -5.000  4.311   1.00 23.37 ? 129 SER A CB  1 
ATOM   430  O  OG  . SER A 1 60 ? 12.169  -4.603  5.665   1.00 19.80 ? 129 SER A OG  1 
ATOM   431  N  N   . GLU A 1 61 ? 12.015  -1.698  4.378   1.00 17.92 ? 130 GLU A N   1 
ATOM   432  C  CA  . GLU A 1 61 ? 11.281  -0.437  4.547   1.00 21.53 ? 130 GLU A CA  1 
ATOM   433  C  C   . GLU A 1 61 ? 10.918  0.242   3.230   1.00 20.14 ? 130 GLU A C   1 
ATOM   434  O  O   . GLU A 1 61 ? 9.900   0.938   3.126   1.00 17.50 ? 130 GLU A O   1 
ATOM   435  C  CB  . GLU A 1 61 ? 12.093  0.567   5.381   1.00 21.58 ? 130 GLU A CB  1 
ATOM   436  C  CG  . GLU A 1 61 ? 12.155  0.267   6.839   1.00 27.00 ? 130 GLU A CG  1 
ATOM   437  C  CD  . GLU A 1 61 ? 13.358  -0.558  7.212   1.00 27.73 ? 130 GLU A CD  1 
ATOM   438  O  OE1 . GLU A 1 61 ? 13.941  -1.199  6.318   1.00 20.77 ? 130 GLU A OE1 1 
ATOM   439  O  OE2 . GLU A 1 61 ? 13.704  -0.581  8.416   1.00 22.93 ? 130 GLU A OE2 1 
ATOM   440  N  N   . SER A 1 62 ? 11.780  0.082   2.234   1.00 17.63 ? 131 SER A N   1 
ATOM   441  C  CA  . SER A 1 62 ? 11.567  0.725   0.948   1.00 15.25 ? 131 SER A CA  1 
ATOM   442  C  C   . SER A 1 62 ? 10.300  0.196   0.282   1.00 14.54 ? 131 SER A C   1 
ATOM   443  O  O   . SER A 1 62 ? 9.598   0.941   -0.402  1.00 12.59 ? 131 SER A O   1 
ATOM   444  C  CB  . SER A 1 62 ? 12.776  0.511   0.041   1.00 13.30 ? 131 SER A CB  1 
ATOM   445  O  OG  . SER A 1 62 ? 13.973  0.978   0.649   1.00 17.54 ? 131 SER A OG  1 
ATOM   446  N  N   . VAL A 1 63 ? 10.014  -1.088  0.493   1.00 17.36 ? 132 VAL A N   1 
ATOM   447  C  CA  . VAL A 1 63 ? 8.819   -1.734  -0.066  1.00 14.90 ? 132 VAL A CA  1 
ATOM   448  C  C   . VAL A 1 63 ? 7.554   -1.109  0.509   1.00 18.35 ? 132 VAL A C   1 
ATOM   449  O  O   . VAL A 1 63 ? 6.590   -0.832  -0.215  1.00 14.57 ? 132 VAL A O   1 
ATOM   450  C  CB  . VAL A 1 63 ? 8.811   -3.253  0.220   1.00 15.70 ? 132 VAL A CB  1 
ATOM   451  C  CG1 . VAL A 1 63 ? 7.512   -3.879  -0.237  1.00 13.04 ? 132 VAL A CG1 1 
ATOM   452  C  CG2 . VAL A 1 63 ? 9.989   -3.927  -0.469  1.00 15.42 ? 132 VAL A CG2 1 
ATOM   453  N  N   . ASP A 1 64 ? 7.572   -0.881  1.820   1.00 16.72 ? 133 ASP A N   1 
ATOM   454  C  CA  . ASP A 1 64 ? 6.471   -0.203  2.496   1.00 15.16 ? 133 ASP A CA  1 
ATOM   455  C  C   . ASP A 1 64 ? 6.255   1.208   1.951   1.00 13.14 ? 133 ASP A C   1 
ATOM   456  O  O   . ASP A 1 64 ? 5.116   1.646   1.797   1.00 16.46 ? 133 ASP A O   1 
ATOM   457  C  CB  . ASP A 1 64 ? 6.730   -0.161  3.998   1.00 15.26 ? 133 ASP A CB  1 
ATOM   458  C  CG  . ASP A 1 64 ? 6.884   -1.542  4.587   1.00 22.46 ? 133 ASP A CG  1 
ATOM   459  O  OD1 . ASP A 1 64 ? 5.869   -2.104  5.045   1.00 28.58 ? 133 ASP A OD1 1 
ATOM   460  O  OD2 . ASP A 1 64 ? 8.010   -2.079  4.546   1.00 23.91 ? 133 ASP A OD2 1 
ATOM   461  N  N   . LYS A 1 65 ? 7.344   1.917   1.667   1.00 12.59 ? 134 LYS A N   1 
ATOM   462  C  CA  . LYS A 1 65 ? 7.248   3.260   1.109   1.00 12.30 ? 134 LYS A CA  1 
ATOM   463  C  C   . LYS A 1 65 ? 6.595   3.224   -0.272  1.00 14.19 ? 134 LYS A C   1 
ATOM   464  O  O   . LYS A 1 65 ? 5.745   4.054   -0.600  1.00 14.34 ? 134 LYS A O   1 
ATOM   465  C  CB  . LYS A 1 65 ? 8.625   3.915   1.010   1.00 15.12 ? 134 LYS A CB  1 
ATOM   466  C  CG  . LYS A 1 65 ? 9.309   4.234   2.342   1.00 16.54 ? 134 LYS A CG  1 
ATOM   467  C  CD  . LYS A 1 65 ? 10.530  5.104   2.076   1.00 19.42 ? 134 LYS A CD  1 
ATOM   468  C  CE  . LYS A 1 65 ? 11.724  4.643   2.873   1.00 26.07 ? 134 LYS A CE  1 
ATOM   469  N  NZ  . LYS A 1 65 ? 12.962  5.373   2.494   1.00 23.42 ? 134 LYS A NZ  1 
ATOM   470  N  N   . VAL A 1 66 ? 7.014   2.263   -1.087  1.00 14.75 ? 135 VAL A N   1 
ATOM   471  C  CA  . VAL A 1 66 ? 6.424   2.071   -2.404  1.00 14.95 ? 135 VAL A CA  1 
ATOM   472  C  C   . VAL A 1 66 ? 4.926   1.823   -2.271  1.00 13.96 ? 135 VAL A C   1 
ATOM   473  O  O   . VAL A 1 66 ? 4.130   2.402   -2.992  1.00 16.02 ? 135 VAL A O   1 
ATOM   474  C  CB  . VAL A 1 66 ? 7.106   0.895   -3.162  1.00 13.58 ? 135 VAL A CB  1 
ATOM   475  C  CG1 . VAL A 1 66 ? 6.382   0.568   -4.468  1.00 13.41 ? 135 VAL A CG1 1 
ATOM   476  C  CG2 . VAL A 1 66 ? 8.553   1.224   -3.463  1.00 13.97 ? 135 VAL A CG2 1 
HETATM 477  N  N   . MSE A 1 67 ? 4.529   0.999   -1.307  1.00 15.60 ? 136 MSE A N   1 
HETATM 478  C  CA  . MSE A 1 67 ? 3.118   0.647   -1.195  1.00 15.58 ? 136 MSE A CA  1 
HETATM 479  C  C   . MSE A 1 67 ? 2.245   1.714   -0.541  1.00 15.41 ? 136 MSE A C   1 
HETATM 480  O  O   . MSE A 1 67 ? 1.018   1.609   -0.579  1.00 19.52 ? 136 MSE A O   1 
HETATM 481  C  CB  . MSE A 1 67 ? 2.998   -0.701  -0.483  1.00 18.45 ? 136 MSE A CB  1 
HETATM 482  C  CG  . MSE A 1 67 ? 3.780   -1.768  -1.227  1.00 24.13 ? 136 MSE A CG  1 
HETATM 483  SE SE  . MSE A 1 67 ? 3.070   -2.242  -2.993  0.66 29.24 ? 136 MSE A SE  1 
HETATM 484  C  CE  . MSE A 1 67 ? 3.340   -0.757  -4.203  1.00 32.90 ? 136 MSE A CE  1 
ATOM   485  N  N   . ASP A 1 68 ? 2.866   2.744   0.021   1.00 15.71 ? 137 ASP A N   1 
ATOM   486  C  CA  . ASP A 1 68 ? 2.133   3.875   0.578   1.00 16.73 ? 137 ASP A CA  1 
ATOM   487  C  C   . ASP A 1 68 ? 1.727   4.871   -0.506  1.00 18.69 ? 137 ASP A C   1 
ATOM   488  O  O   . ASP A 1 68 ? 0.968   5.817   -0.254  1.00 18.42 ? 137 ASP A O   1 
ATOM   489  C  CB  . ASP A 1 68 ? 2.974   4.611   1.620   1.00 19.27 ? 137 ASP A CB  1 
ATOM   490  C  CG  . ASP A 1 68 ? 2.795   4.065   3.031   1.00 22.63 ? 137 ASP A CG  1 
ATOM   491  O  OD1 . ASP A 1 68 ? 1.929   3.196   3.252   1.00 24.34 ? 137 ASP A OD1 1 
ATOM   492  O  OD2 . ASP A 1 68 ? 3.525   4.533   3.921   1.00 26.30 ? 137 ASP A OD2 1 
ATOM   493  N  N   . GLN A 1 69 ? 2.269   4.696   -1.704  1.00 18.40 ? 138 GLN A N   1 
ATOM   494  C  CA  . GLN A 1 69 ? 2.069   5.698   -2.743  1.00 17.46 ? 138 GLN A CA  1 
ATOM   495  C  C   . GLN A 1 69 ? 0.791   5.423   -3.518  1.00 14.85 ? 138 GLN A C   1 
ATOM   496  O  O   . GLN A 1 69 ? 0.452   4.274   -3.759  1.00 17.69 ? 138 GLN A O   1 
ATOM   497  C  CB  . GLN A 1 69 ? 3.279   5.739   -3.683  1.00 17.00 ? 138 GLN A CB  1 
ATOM   498  C  CG  . GLN A 1 69 ? 4.596   5.928   -2.958  1.00 21.91 ? 138 GLN A CG  1 
ATOM   499  C  CD  . GLN A 1 69 ? 4.542   7.044   -1.920  1.00 25.92 ? 138 GLN A CD  1 
ATOM   500  O  OE1 . GLN A 1 69 ? 4.008   8.123   -2.183  1.00 33.00 ? 138 GLN A OE1 1 
ATOM   501  N  NE2 . GLN A 1 69 ? 5.098   6.786   -0.731  1.00 24.71 ? 138 GLN A NE2 1 
ATOM   502  N  N   . LYS A 1 70 ? 0.090   6.486   -3.902  1.00 15.22 ? 139 LYS A N   1 
ATOM   503  C  CA  . LYS A 1 70 ? -1.172  6.382   -4.638  1.00 14.10 ? 139 LYS A CA  1 
ATOM   504  C  C   . LYS A 1 70 ? -1.043  5.581   -5.929  1.00 16.93 ? 139 LYS A C   1 
ATOM   505  O  O   . LYS A 1 70 ? -1.787  4.630   -6.163  1.00 17.02 ? 139 LYS A O   1 
ATOM   506  C  CB  . LYS A 1 70 ? -1.693  7.783   -4.959  1.00 19.07 ? 139 LYS A CB  1 
ATOM   507  C  CG  . LYS A 1 70 ? -2.958  7.827   -5.796  1.00 17.04 ? 139 LYS A CG  1 
ATOM   508  C  CD  . LYS A 1 70 ? -3.283  9.273   -6.205  1.00 19.84 ? 139 LYS A CD  1 
ATOM   509  C  CE  . LYS A 1 70 ? -4.443  9.335   -7.207  1.00 19.35 ? 139 LYS A CE  1 
ATOM   510  N  NZ  . LYS A 1 70 ? -5.718  8.838   -6.592  1.00 21.05 ? 139 LYS A NZ  1 
ATOM   511  N  N   . GLU A 1 71 ? -0.111  6.000   -6.771  1.00 15.61 ? 140 GLU A N   1 
ATOM   512  C  CA  . GLU A 1 71 ? 0.085   5.360   -8.077  1.00 17.95 ? 140 GLU A CA  1 
ATOM   513  C  C   . GLU A 1 71 ? 1.531   5.479   -8.505  1.00 16.15 ? 140 GLU A C   1 
ATOM   514  O  O   . GLU A 1 71 ? 2.226   6.430   -8.133  1.00 18.10 ? 140 GLU A O   1 
ATOM   515  C  CB  . GLU A 1 71 ? -0.821  5.987   -9.138  1.00 16.48 ? 140 GLU A CB  1 
ATOM   516  C  CG  . GLU A 1 71 ? -0.407  7.400   -9.539  1.00 25.80 ? 140 GLU A CG  1 
ATOM   517  C  CD  . GLU A 1 71 ? -0.996  7.857   -10.871 1.00 30.81 ? 140 GLU A CD  1 
ATOM   518  O  OE1 . GLU A 1 71 ? -1.709  7.067   -11.536 1.00 28.52 ? 140 GLU A OE1 1 
ATOM   519  O  OE2 . GLU A 1 71 ? -0.731  9.020   -11.255 1.00 38.92 ? 140 GLU A OE2 1 
ATOM   520  N  N   . HIS A 1 72 ? 1.983   4.512   -9.292  1.00 13.03 ? 141 HIS A N   1 
ATOM   521  C  CA  . HIS A 1 72 ? 3.333   4.554   -9.834  1.00 12.05 ? 141 HIS A CA  1 
ATOM   522  C  C   . HIS A 1 72 ? 3.262   4.640   -11.352 1.00 12.42 ? 141 HIS A C   1 
ATOM   523  O  O   . HIS A 1 72 ? 2.600   3.825   -11.988 1.00 13.42 ? 141 HIS A O   1 
ATOM   524  C  CB  . HIS A 1 72 ? 4.126   3.326   -9.388  1.00 12.37 ? 141 HIS A CB  1 
ATOM   525  C  CG  . HIS A 1 72 ? 4.325   3.251   -7.909  1.00 12.99 ? 141 HIS A CG  1 
ATOM   526  N  ND1 . HIS A 1 72 ? 5.310   3.966   -7.254  1.00 14.47 ? 141 HIS A ND1 1 
ATOM   527  C  CD2 . HIS A 1 72 ? 3.660   2.571   -6.948  1.00 14.07 ? 141 HIS A CD2 1 
ATOM   528  C  CE1 . HIS A 1 72 ? 5.243   3.717   -5.960  1.00 14.57 ? 141 HIS A CE1 1 
ATOM   529  N  NE2 . HIS A 1 72 ? 4.245   2.875   -5.744  1.00 12.94 ? 141 HIS A NE2 1 
ATOM   530  N  N   . LYS A 1 73 ? 3.898   5.667   -11.909 1.00 14.98 ? 142 LYS A N   1 
ATOM   531  C  CA  . LYS A 1 73 ? 3.884   5.866   -13.351 1.00 16.30 ? 142 LYS A CA  1 
ATOM   532  C  C   . LYS A 1 73 ? 5.307   5.863   -13.870 1.00 13.56 ? 142 LYS A C   1 
ATOM   533  O  O   . LYS A 1 73 ? 6.178   6.528   -13.321 1.00 16.06 ? 142 LYS A O   1 
ATOM   534  C  CB  . LYS A 1 73 ? 3.177   7.169   -13.717 1.00 23.08 ? 142 LYS A CB  1 
ATOM   535  C  CG  . LYS A 1 73 ? 1.664   7.111   -13.566 1.00 28.21 ? 142 LYS A CG  1 
ATOM   536  C  CD  . LYS A 1 73 ? 0.989   8.360   -14.105 1.00 32.64 ? 142 LYS A CD  1 
ATOM   537  C  CE  . LYS A 1 73 ? 1.147   8.479   -15.609 1.00 32.38 ? 142 LYS A CE  1 
ATOM   538  N  NZ  . LYS A 1 73 ? 0.414   7.398   -16.327 1.00 30.56 ? 142 LYS A NZ  1 
ATOM   539  N  N   . LEU A 1 74 ? 5.532   5.111   -14.940 1.00 13.55 ? 143 LEU A N   1 
ATOM   540  C  CA  . LEU A 1 74 ? 6.858   4.998   -15.519 1.00 12.25 ? 143 LEU A CA  1 
ATOM   541  C  C   . LEU A 1 74 ? 6.711   4.926   -17.035 1.00 14.23 ? 143 LEU A C   1 
ATOM   542  O  O   . LEU A 1 74 ? 6.021   4.055   -17.553 1.00 13.69 ? 143 LEU A O   1 
ATOM   543  C  CB  . LEU A 1 74 ? 7.578   3.760   -14.966 1.00 14.29 ? 143 LEU A CB  1 
ATOM   544  C  CG  . LEU A 1 74 ? 9.022   3.535   -15.425 1.00 13.27 ? 143 LEU A CG  1 
ATOM   545  C  CD1 . LEU A 1 74 ? 9.871   4.766   -15.127 1.00 11.73 ? 143 LEU A CD1 1 
ATOM   546  C  CD2 . LEU A 1 74 ? 9.609   2.293   -14.751 1.00 14.18 ? 143 LEU A CD2 1 
ATOM   547  N  N   . ASN A 1 75 ? 7.333   5.875   -17.726 1.00 13.47 ? 144 ASN A N   1 
ATOM   548  C  CA  . ASN A 1 75 ? 7.266   5.967   -19.187 1.00 15.60 ? 144 ASN A CA  1 
ATOM   549  C  C   . ASN A 1 75 ? 5.820   6.040   -19.686 1.00 17.39 ? 144 ASN A C   1 
ATOM   550  O  O   . ASN A 1 75 ? 5.447   5.383   -20.658 1.00 19.79 ? 144 ASN A O   1 
ATOM   551  C  CB  . ASN A 1 75 ? 8.014   4.792   -19.820 1.00 14.93 ? 144 ASN A CB  1 
ATOM   552  C  CG  . ASN A 1 75 ? 9.490   4.778   -19.450 1.00 14.68 ? 144 ASN A CG  1 
ATOM   553  O  OD1 . ASN A 1 75 ? 10.139  5.809   -19.471 1.00 15.53 ? 144 ASN A OD1 1 
ATOM   554  N  ND2 . ASN A 1 75 ? 10.018  3.605   -19.087 1.00 14.70 ? 144 ASN A ND2 1 
ATOM   555  N  N   . GLY A 1 76 ? 5.011   6.838   -18.992 1.00 20.72 ? 145 GLY A N   1 
ATOM   556  C  CA  . GLY A 1 76 ? 3.660   7.149   -19.430 1.00 23.61 ? 145 GLY A CA  1 
ATOM   557  C  C   . GLY A 1 76 ? 2.616   6.145   -18.988 1.00 28.21 ? 145 GLY A C   1 
ATOM   558  O  O   . GLY A 1 76 ? 1.417   6.363   -19.169 1.00 25.64 ? 145 GLY A O   1 
ATOM   559  N  N   . LYS A 1 77 ? 3.074   5.050   -18.391 1.00 17.10 ? 146 LYS A N   1 
ATOM   560  C  CA  . LYS A 1 77 ? 2.225   3.914   -18.093 1.00 20.28 ? 146 LYS A CA  1 
ATOM   561  C  C   . LYS A 1 77 ? 2.114   3.713   -16.583 1.00 18.81 ? 146 LYS A C   1 
ATOM   562  O  O   . LYS A 1 77 ? 3.065   3.990   -15.859 1.00 19.23 ? 146 LYS A O   1 
ATOM   563  C  CB  . LYS A 1 77 ? 2.801   2.667   -18.767 1.00 23.18 ? 146 LYS A CB  1 
ATOM   564  C  CG  . LYS A 1 77 ? 1.874   1.500   -18.867 1.00 26.99 ? 146 LYS A CG  1 
ATOM   565  C  CD  . LYS A 1 77 ? 2.510   0.417   -19.730 1.00 26.70 ? 146 LYS A CD  1 
ATOM   566  C  CE  . LYS A 1 77 ? 1.525   -0.700  -19.993 1.00 32.05 ? 146 LYS A CE  1 
ATOM   567  N  NZ  . LYS A 1 77 ? 0.917   -1.154  -18.715 1.00 28.16 ? 146 LYS A NZ  1 
ATOM   568  N  N   . VAL A 1 78 ? 0.952   3.268   -16.111 1.00 17.89 ? 147 VAL A N   1 
ATOM   569  C  CA  . VAL A 1 78 ? 0.804   2.922   -14.695 1.00 18.08 ? 147 VAL A CA  1 
ATOM   570  C  C   . VAL A 1 78 ? 1.372   1.530   -14.477 1.00 16.04 ? 147 VAL A C   1 
ATOM   571  O  O   . VAL A 1 78 ? 0.951   0.575   -15.126 1.00 19.13 ? 147 VAL A O   1 
ATOM   572  C  CB  . VAL A 1 78 ? -0.666  2.960   -14.227 1.00 16.42 ? 147 VAL A CB  1 
ATOM   573  C  CG1 . VAL A 1 78 ? -0.772  2.522   -12.777 1.00 22.84 ? 147 VAL A CG1 1 
ATOM   574  C  CG2 . VAL A 1 78 ? -1.234  4.356   -14.398 1.00 20.29 ? 147 VAL A CG2 1 
ATOM   575  N  N   . ILE A 1 79 ? 2.330   1.416   -13.561 1.00 12.81 ? 148 ILE A N   1 
ATOM   576  C  CA  . ILE A 1 79 ? 2.938   0.130   -13.271 1.00 15.84 ? 148 ILE A CA  1 
ATOM   577  C  C   . ILE A 1 79 ? 2.404   -0.373  -11.936 1.00 13.35 ? 148 ILE A C   1 
ATOM   578  O  O   . ILE A 1 79 ? 1.725   0.360   -11.213 1.00 16.53 ? 148 ILE A O   1 
ATOM   579  C  CB  . ILE A 1 79 ? 4.482   0.218   -13.286 1.00 12.54 ? 148 ILE A CB  1 
ATOM   580  C  CG1 . ILE A 1 79 ? 4.996   1.160   -12.207 1.00 10.55 ? 148 ILE A CG1 1 
ATOM   581  C  CG2 . ILE A 1 79 ? 4.965   0.710   -14.673 1.00 14.62 ? 148 ILE A CG2 1 
ATOM   582  C  CD1 . ILE A 1 79 ? 6.501   1.277   -12.161 1.00 12.37 ? 148 ILE A CD1 1 
ATOM   583  N  N   . ASP A 1 80 ? 2.685   -1.624  -11.619 1.00 12.06 ? 149 ASP A N   1 
ATOM   584  C  CA  . ASP A 1 80 ? 1.960   -2.304  -10.552 1.00 14.44 ? 149 ASP A CA  1 
ATOM   585  C  C   . ASP A 1 80 ? 2.912   -3.046  -9.627  1.00 14.80 ? 149 ASP A C   1 
ATOM   586  O  O   . ASP A 1 80 ? 3.105   -4.258  -9.748  1.00 13.94 ? 149 ASP A O   1 
ATOM   587  C  CB  . ASP A 1 80 ? 0.933   -3.264  -11.160 1.00 19.15 ? 149 ASP A CB  1 
ATOM   588  C  CG  . ASP A 1 80 ? -0.129  -3.694  -10.164 1.00 28.66 ? 149 ASP A CG  1 
ATOM   589  O  OD1 . ASP A 1 80 ? -0.327  -2.984  -9.158  1.00 23.86 ? 149 ASP A OD1 1 
ATOM   590  O  OD2 . ASP A 1 80 ? -0.767  -4.741  -10.401 1.00 29.83 ? 149 ASP A OD2 1 
ATOM   591  N  N   . PRO A 1 81 ? 3.522   -2.316  -8.687  1.00 14.34 ? 150 PRO A N   1 
ATOM   592  C  CA  . PRO A 1 81 ? 4.447   -2.986  -7.772  1.00 15.87 ? 150 PRO A CA  1 
ATOM   593  C  C   . PRO A 1 81 ? 3.715   -3.870  -6.759  1.00 17.66 ? 150 PRO A C   1 
ATOM   594  O  O   . PRO A 1 81 ? 2.696   -3.461  -6.192  1.00 17.97 ? 150 PRO A O   1 
ATOM   595  C  CB  . PRO A 1 81 ? 5.167   -1.819  -7.083  1.00 14.74 ? 150 PRO A CB  1 
ATOM   596  C  CG  . PRO A 1 81 ? 4.924   -0.623  -7.976  1.00 16.27 ? 150 PRO A CG  1 
ATOM   597  C  CD  . PRO A 1 81 ? 3.570   -0.851  -8.563  1.00 14.30 ? 150 PRO A CD  1 
ATOM   598  N  N   . LYS A 1 82 ? 4.227   -5.083  -6.572  1.00 12.48 ? 151 LYS A N   1 
ATOM   599  C  CA  . LYS A 1 82 ? 3.701   -6.036  -5.594  1.00 18.83 ? 151 LYS A CA  1 
ATOM   600  C  C   . LYS A 1 82 ? 4.821   -6.618  -4.738  1.00 17.15 ? 151 LYS A C   1 
ATOM   601  O  O   . LYS A 1 82 ? 5.950   -6.760  -5.199  1.00 15.14 ? 151 LYS A O   1 
ATOM   602  C  CB  . LYS A 1 82 ? 2.956   -7.177  -6.294  1.00 20.23 ? 151 LYS A CB  1 
ATOM   603  C  CG  . LYS A 1 82 ? 1.666   -6.771  -6.992  1.00 26.42 ? 151 LYS A CG  1 
ATOM   604  C  CD  . LYS A 1 82 ? 0.623   -6.373  -5.969  1.00 28.99 ? 151 LYS A CD  1 
ATOM   605  C  CE  . LYS A 1 82 ? -0.791  -6.649  -6.462  1.00 35.96 ? 151 LYS A CE  1 
ATOM   606  N  NZ  . LYS A 1 82 ? -1.108  -5.946  -7.725  1.00 32.04 ? 151 LYS A NZ  1 
ATOM   607  N  N   . ARG A 1 83 ? 4.513   -6.964  -3.490  1.00 17.65 ? 152 ARG A N   1 
ATOM   608  C  CA  . ARG A 1 83 ? 5.455   -7.739  -2.690  1.00 16.67 ? 152 ARG A CA  1 
ATOM   609  C  C   . ARG A 1 83 ? 5.699   -9.065  -3.399  1.00 20.01 ? 152 ARG A C   1 
ATOM   610  O  O   . ARG A 1 83 ? 4.757   -9.683  -3.902  1.00 22.35 ? 152 ARG A O   1 
ATOM   611  C  CB  . ARG A 1 83 ? 4.926   -7.960  -1.275  1.00 17.08 ? 152 ARG A CB  1 
ATOM   612  C  CG  . ARG A 1 83 ? 4.717   -6.668  -0.510  1.00 16.74 ? 152 ARG A CG  1 
ATOM   613  C  CD  . ARG A 1 83 ? 4.079   -6.928  0.858   1.00 23.95 ? 152 ARG A CD  1 
ATOM   614  N  NE  . ARG A 1 83 ? 3.669   -5.690  1.518   1.00 26.12 ? 152 ARG A NE  1 
ATOM   615  C  CZ  . ARG A 1 83 ? 4.480   -4.940  2.255   1.00 22.82 ? 152 ARG A CZ  1 
ATOM   616  N  NH1 . ARG A 1 83 ? 5.739   -5.311  2.430   1.00 28.54 ? 152 ARG A NH1 1 
ATOM   617  N  NH2 . ARG A 1 83 ? 4.036   -3.827  2.823   1.00 27.38 ? 152 ARG A NH2 1 
ATOM   618  N  N   . ALA A 1 84 ? 6.958   -9.501  -3.445  1.00 19.40 ? 153 ALA A N   1 
ATOM   619  C  CA  . ALA A 1 84 ? 7.346   -10.612 -4.321  1.00 24.85 ? 153 ALA A CA  1 
ATOM   620  C  C   . ALA A 1 84 ? 6.614   -11.925 -4.005  1.00 34.26 ? 153 ALA A C   1 
ATOM   621  O  O   . ALA A 1 84 ? 6.580   -12.837 -4.838  1.00 42.35 ? 153 ALA A O   1 
ATOM   622  C  CB  . ALA A 1 84 ? 8.851   -10.823 -4.264  1.00 21.93 ? 153 ALA A CB  1 
ATOM   623  N  N   . LYS A 1 85 ? 6.029   -12.034 -2.818  1.00 34.21 ? 154 LYS A N   1 
ATOM   624  C  CA  . LYS A 1 85 ? 5.203   -13.201 -2.489  1.00 35.45 ? 154 LYS A CA  1 
ATOM   625  C  C   . LYS A 1 85 ? 3.757   -13.032 -2.958  1.00 39.07 ? 154 LYS A C   1 
ATOM   626  O  O   . LYS A 1 85 ? 3.091   -14.000 -3.321  1.00 42.10 ? 154 LYS A O   1 
ATOM   627  C  CB  . LYS A 1 85 ? 5.227   -13.488 -0.982  1.00 39.61 ? 154 LYS A CB  1 
ATOM   628  C  CG  . LYS A 1 85 ? 5.776   -14.873 -0.645  1.00 48.11 ? 154 LYS A CG  1 
ATOM   629  C  CD  . LYS A 1 85 ? 6.421   -14.907 0.741   1.00 46.35 ? 154 LYS A CD  1 
ATOM   630  C  CE  . LYS A 1 85 ? 7.047   -16.276 1.018   1.00 49.09 ? 154 LYS A CE  1 
ATOM   631  N  NZ  . LYS A 1 85 ? 6.048   -17.384 1.009   1.00 51.68 ? 154 LYS A NZ  1 
HETATM 632  N  N   . MSE B 2 1  ? -13.813 4.847   -8.049  1.00 11.96 ? 76  MSE B N   1 
HETATM 633  C  CA  . MSE B 2 1  ? -13.867 3.527   -7.426  1.00 14.81 ? 76  MSE B CA  1 
HETATM 634  C  C   . MSE B 2 1  ? -13.805 3.656   -5.909  1.00 14.55 ? 76  MSE B C   1 
HETATM 635  O  O   . MSE B 2 1  ? -13.269 4.629   -5.379  1.00 12.66 ? 76  MSE B O   1 
HETATM 636  C  CB  . MSE B 2 1  ? -12.731 2.628   -7.949  1.00 14.77 ? 76  MSE B CB  1 
HETATM 637  C  CG  . MSE B 2 1  ? -11.320 3.157   -7.698  1.00 13.97 ? 76  MSE B CG  1 
HETATM 638  SE SE  . MSE B 2 1  ? -9.912  1.994   -8.392  1.00 26.44 ? 76  MSE B SE  1 
HETATM 639  C  CE  . MSE B 2 1  ? -10.159 2.412   -10.298 1.00 14.17 ? 76  MSE B CE  1 
ATOM   640  N  N   . GLU B 2 2  ? -14.388 2.689   -5.206  1.00 16.64 ? 77  GLU B N   1 
ATOM   641  C  CA  . GLU B 2 2  ? -14.255 2.638   -3.757  1.00 13.17 ? 77  GLU B CA  1 
ATOM   642  C  C   . GLU B 2 2  ? -12.794 2.463   -3.374  1.00 16.16 ? 77  GLU B C   1 
ATOM   643  O  O   . GLU B 2 2  ? -12.002 1.911   -4.145  1.00 18.41 ? 77  GLU B O   1 
ATOM   644  C  CB  . GLU B 2 2  ? -15.103 1.495   -3.183  1.00 14.96 ? 77  GLU B CB  1 
ATOM   645  C  CG  . GLU B 2 2  ? -16.590 1.689   -3.396  1.00 19.77 ? 77  GLU B CG  1 
ATOM   646  C  CD  . GLU B 2 2  ? -17.422 0.517   -2.915  1.00 24.58 ? 77  GLU B CD  1 
ATOM   647  O  OE1 . GLU B 2 2  ? -18.619 0.727   -2.632  1.00 28.52 ? 77  GLU B OE1 1 
ATOM   648  O  OE2 . GLU B 2 2  ? -16.890 -0.608  -2.827  1.00 22.16 ? 77  GLU B OE2 1 
ATOM   649  N  N   . GLY B 2 3  ? -12.443 2.927   -2.178  1.00 14.84 ? 78  GLY B N   1 
ATOM   650  C  CA  . GLY B 2 3  ? -11.097 2.776   -1.659  1.00 14.13 ? 78  GLY B CA  1 
ATOM   651  C  C   . GLY B 2 3  ? -11.124 2.133   -0.288  1.00 11.35 ? 78  GLY B C   1 
ATOM   652  O  O   . GLY B 2 3  ? -11.864 2.564   0.595   1.00 13.59 ? 78  GLY B O   1 
ATOM   653  N  N   . LYS B 2 4  ? -10.306 1.108   -0.102  1.00 14.89 ? 79  LYS B N   1 
ATOM   654  C  CA  . LYS B 2 4  ? -10.285 0.375   1.151   1.00 11.90 ? 79  LYS B CA  1 
ATOM   655  C  C   . LYS B 2 4  ? -8.996  0.648   1.921   1.00 13.40 ? 79  LYS B C   1 
ATOM   656  O  O   . LYS B 2 4  ? -7.911  0.746   1.338   1.00 12.70 ? 79  LYS B O   1 
ATOM   657  C  CB  . LYS B 2 4  ? -10.448 -1.123  0.884   1.00 16.23 ? 79  LYS B CB  1 
ATOM   658  C  CG  . LYS B 2 4  ? -10.607 -1.959  2.121   1.00 16.46 ? 79  LYS B CG  1 
ATOM   659  C  CD  . LYS B 2 4  ? -10.785 -3.415  1.732   1.00 21.04 ? 79  LYS B CD  1 
ATOM   660  C  CE  . LYS B 2 4  ? -9.839  -4.296  2.518   1.00 28.68 ? 79  LYS B CE  1 
ATOM   661  N  NZ  . LYS B 2 4  ? -9.889  -5.696  2.006   1.00 31.47 ? 79  LYS B NZ  1 
HETATM 662  N  N   . MSE B 2 5  ? -9.134  0.804   3.231   1.00 10.83 ? 80  MSE B N   1 
HETATM 663  C  CA  . MSE B 2 5  ? -7.995  0.994   4.115   1.00 12.59 ? 80  MSE B CA  1 
HETATM 664  C  C   . MSE B 2 5  ? -8.003  0.017   5.281   1.00 11.77 ? 80  MSE B C   1 
HETATM 665  O  O   . MSE B 2 5  ? -9.059  -0.333  5.815   1.00 12.79 ? 80  MSE B O   1 
HETATM 666  C  CB  . MSE B 2 5  ? -7.964  2.419   4.678   1.00 11.53 ? 80  MSE B CB  1 
HETATM 667  C  CG  . MSE B 2 5  ? -8.005  3.502   3.607   1.00 8.53  ? 80  MSE B CG  1 
HETATM 668  SE SE  . MSE B 2 5  ? -7.486  5.221   4.346   0.70 15.99 ? 80  MSE B SE  1 
HETATM 669  C  CE  . MSE B 2 5  ? -5.562  4.943   4.403   1.00 13.84 ? 80  MSE B CE  1 
ATOM   670  N  N   . PHE B 2 6  ? -6.802  -0.397  5.673   1.00 10.79 ? 81  PHE B N   1 
ATOM   671  C  CA  . PHE B 2 6  ? -6.578  -1.097  6.933   1.00 12.65 ? 81  PHE B CA  1 
ATOM   672  C  C   . PHE B 2 6  ? -6.192  -0.052  7.975   1.00 12.25 ? 81  PHE B C   1 
ATOM   673  O  O   . PHE B 2 6  ? -5.353  0.803   7.702   1.00 13.27 ? 81  PHE B O   1 
ATOM   674  C  CB  . PHE B 2 6  ? -5.476  -2.151  6.780   1.00 14.86 ? 81  PHE B CB  1 
ATOM   675  C  CG  . PHE B 2 6  ? -4.888  -2.604  8.088   1.00 23.08 ? 81  PHE B CG  1 
ATOM   676  C  CD1 . PHE B 2 6  ? -3.764  -1.978  8.616   1.00 21.20 ? 81  PHE B CD1 1 
ATOM   677  C  CD2 . PHE B 2 6  ? -5.466  -3.642  8.795   1.00 21.21 ? 81  PHE B CD2 1 
ATOM   678  C  CE1 . PHE B 2 6  ? -3.228  -2.392  9.827   1.00 23.17 ? 81  PHE B CE1 1 
ATOM   679  C  CE2 . PHE B 2 6  ? -4.931  -4.053  10.002  1.00 20.12 ? 81  PHE B CE2 1 
ATOM   680  C  CZ  . PHE B 2 6  ? -3.812  -3.425  10.512  1.00 19.29 ? 81  PHE B CZ  1 
ATOM   681  N  N   . ILE B 2 7  ? -6.777  -0.116  9.169   1.00 12.57 ? 82  ILE B N   1 
ATOM   682  C  CA  . ILE B 2 7  ? -6.436  0.859   10.211  1.00 13.22 ? 82  ILE B CA  1 
ATOM   683  C  C   . ILE B 2 7  ? -5.827  0.157   11.411  1.00 13.90 ? 82  ILE B C   1 
ATOM   684  O  O   . ILE B 2 7  ? -6.509  -0.604  12.086  1.00 18.16 ? 82  ILE B O   1 
ATOM   685  C  CB  . ILE B 2 7  ? -7.665  1.669   10.697  1.00 11.18 ? 82  ILE B CB  1 
ATOM   686  C  CG1 . ILE B 2 7  ? -8.542  2.128   9.529   1.00 11.79 ? 82  ILE B CG1 1 
ATOM   687  C  CG2 . ILE B 2 7  ? -7.227  2.866   11.553  1.00 12.20 ? 82  ILE B CG2 1 
ATOM   688  C  CD1 . ILE B 2 7  ? -7.854  3.073   8.566   1.00 14.06 ? 82  ILE B CD1 1 
ATOM   689  N  N   . GLY B 2 8  ? -4.550  0.402   11.682  1.00 11.46 ? 83  GLY B N   1 
ATOM   690  C  CA  . GLY B 2 8  ? -3.919  -0.233  12.832  1.00 13.17 ? 83  GLY B CA  1 
ATOM   691  C  C   . GLY B 2 8  ? -3.877  0.673   14.051  1.00 14.47 ? 83  GLY B C   1 
ATOM   692  O  O   . GLY B 2 8  ? -4.078  1.871   13.937  1.00 13.13 ? 83  GLY B O   1 
ATOM   693  N  N   . GLY B 2 9  ? -3.639  0.088   15.224  1.00 15.10 ? 84  GLY B N   1 
ATOM   694  C  CA  . GLY B 2 9  ? -3.409  0.857   16.437  1.00 14.90 ? 84  GLY B CA  1 
ATOM   695  C  C   . GLY B 2 9  ? -4.647  1.360   17.159  1.00 13.41 ? 84  GLY B C   1 
ATOM   696  O  O   . GLY B 2 9  ? -4.545  2.208   18.050  1.00 15.26 ? 84  GLY B O   1 
ATOM   697  N  N   . LEU B 2 10 ? -5.819  0.859   16.770  1.00 11.60 ? 85  LEU B N   1 
ATOM   698  C  CA  . LEU B 2 10 ? -7.076  1.320   17.370  1.00 12.34 ? 85  LEU B CA  1 
ATOM   699  C  C   . LEU B 2 10 ? -7.125  0.980   18.853  1.00 12.13 ? 85  LEU B C   1 
ATOM   700  O  O   . LEU B 2 10 ? -6.791  -0.143  19.232  1.00 13.56 ? 85  LEU B O   1 
ATOM   701  C  CB  . LEU B 2 10 ? -8.276  0.683   16.671  1.00 13.06 ? 85  LEU B CB  1 
ATOM   702  C  CG  . LEU B 2 10 ? -8.492  1.057   15.210  1.00 14.72 ? 85  LEU B CG  1 
ATOM   703  C  CD1 . LEU B 2 10 ? -9.688  0.317   14.656  1.00 14.73 ? 85  LEU B CD1 1 
ATOM   704  C  CD2 . LEU B 2 10 ? -8.676  2.550   15.035  1.00 13.37 ? 85  LEU B CD2 1 
ATOM   705  N  N   . SER B 2 11 ? -7.538  1.938   19.679  1.00 13.58 ? 86  SER B N   1 
ATOM   706  C  CA  . SER B 2 11 ? -7.650  1.688   21.117  1.00 15.50 ? 86  SER B CA  1 
ATOM   707  C  C   . SER B 2 11 ? -8.759  0.681   21.409  1.00 15.49 ? 86  SER B C   1 
ATOM   708  O  O   . SER B 2 11 ? -9.719  0.563   20.645  1.00 15.40 ? 86  SER B O   1 
ATOM   709  C  CB  . SER B 2 11 ? -7.911  2.992   21.874  1.00 13.00 ? 86  SER B CB  1 
ATOM   710  O  OG  . SER B 2 11 ? -9.214  3.484   21.621  1.00 15.63 ? 86  SER B OG  1 
ATOM   711  N  N   . TRP B 2 12 ? -8.631  -0.037  22.524  1.00 13.15 ? 87  TRP B N   1 
ATOM   712  C  CA  . TRP B 2 12 ? -9.591  -1.081  22.872  1.00 12.74 ? 87  TRP B CA  1 
ATOM   713  C  C   . TRP B 2 12 ? -11.008 -0.525  23.078  1.00 14.11 ? 87  TRP B C   1 
ATOM   714  O  O   . TRP B 2 12 ? -11.991 -1.261  22.939  1.00 12.75 ? 87  TRP B O   1 
ATOM   715  C  CB  . TRP B 2 12 ? -9.123  -1.823  24.128  1.00 14.71 ? 87  TRP B CB  1 
ATOM   716  C  CG  . TRP B 2 12 ? -9.061  -0.937  25.356  1.00 15.78 ? 87  TRP B CG  1 
ATOM   717  C  CD1 . TRP B 2 12 ? -7.978  -0.254  25.821  1.00 13.28 ? 87  TRP B CD1 1 
ATOM   718  C  CD2 . TRP B 2 12 ? -10.137 -0.649  26.259  1.00 13.01 ? 87  TRP B CD2 1 
ATOM   719  N  NE1 . TRP B 2 12 ? -8.311  0.442   26.958  1.00 14.03 ? 87  TRP B NE1 1 
ATOM   720  C  CE2 . TRP B 2 12 ? -9.627  0.202   27.255  1.00 12.33 ? 87  TRP B CE2 1 
ATOM   721  C  CE3 . TRP B 2 12 ? -11.475 -1.056  26.335  1.00 13.68 ? 87  TRP B CE3 1 
ATOM   722  C  CZ2 . TRP B 2 12 ? -10.416 0.689   28.303  1.00 12.97 ? 87  TRP B CZ2 1 
ATOM   723  C  CZ3 . TRP B 2 12 ? -12.253 -0.578  27.378  1.00 12.22 ? 87  TRP B CZ3 1 
ATOM   724  C  CH2 . TRP B 2 12 ? -11.720 0.286   28.344  1.00 13.70 ? 87  TRP B CH2 1 
ATOM   725  N  N   . ASP B 2 13 ? -11.122 0.761   23.405  1.00 12.15 ? 88  ASP B N   1 
ATOM   726  C  CA  . ASP B 2 13 ? -12.441 1.344   23.668  1.00 12.61 ? 88  ASP B CA  1 
ATOM   727  C  C   . ASP B 2 13 ? -13.065 1.986   22.425  1.00 13.20 ? 88  ASP B C   1 
ATOM   728  O  O   . ASP B 2 13 ? -14.151 2.546   22.496  1.00 15.20 ? 88  ASP B O   1 
ATOM   729  C  CB  . ASP B 2 13 ? -12.387 2.378   24.814  1.00 12.74 ? 88  ASP B CB  1 
ATOM   730  C  CG  . ASP B 2 13 ? -11.407 3.522   24.557  1.00 16.45 ? 88  ASP B CG  1 
ATOM   731  O  OD1 . ASP B 2 13 ? -10.314 3.289   23.999  1.00 18.57 ? 88  ASP B OD1 1 
ATOM   732  O  OD2 . ASP B 2 13 ? -11.731 4.659   24.949  1.00 18.45 ? 88  ASP B OD2 1 
ATOM   733  N  N   . THR B 2 14 ? -12.400 1.854   21.286  1.00 13.39 ? 89  THR B N   1 
ATOM   734  C  CA  . THR B 2 14 ? -12.891 2.467   20.057  1.00 16.43 ? 89  THR B CA  1 
ATOM   735  C  C   . THR B 2 14 ? -14.080 1.681   19.522  1.00 14.51 ? 89  THR B C   1 
ATOM   736  O  O   . THR B 2 14 ? -14.045 0.452   19.457  1.00 17.63 ? 89  THR B O   1 
ATOM   737  C  CB  . THR B 2 14 ? -11.757 2.558   19.011  1.00 16.68 ? 89  THR B CB  1 
ATOM   738  O  OG1 . THR B 2 14 ? -10.797 3.528   19.456  1.00 16.03 ? 89  THR B OG1 1 
ATOM   739  C  CG2 . THR B 2 14 ? -12.289 2.998   17.651  1.00 14.80 ? 89  THR B CG2 1 
ATOM   740  N  N   . THR B 2 15 ? -15.151 2.390   19.188  1.00 14.79 ? 90  THR B N   1 
ATOM   741  C  CA  . THR B 2 15 ? -16.348 1.769   18.638  1.00 15.43 ? 90  THR B CA  1 
ATOM   742  C  C   . THR B 2 15 ? -16.396 1.904   17.117  1.00 17.11 ? 90  THR B C   1 
ATOM   743  O  O   . THR B 2 15 ? -15.646 2.682   16.531  1.00 17.50 ? 90  THR B O   1 
ATOM   744  C  CB  . THR B 2 15 ? -17.625 2.394   19.228  1.00 17.84 ? 90  THR B CB  1 
ATOM   745  O  OG1 . THR B 2 15 ? -17.714 3.763   18.829  1.00 17.19 ? 90  THR B OG1 1 
ATOM   746  C  CG2 . THR B 2 15 ? -17.612 2.333   20.767  1.00 18.38 ? 90  THR B CG2 1 
ATOM   747  N  N   . LYS B 2 16 ? -17.299 1.162   16.487  1.00 16.49 ? 91  LYS B N   1 
ATOM   748  C  CA  . LYS B 2 16 ? -17.518 1.289   15.051  1.00 18.08 ? 91  LYS B CA  1 
ATOM   749  C  C   . LYS B 2 16 ? -17.965 2.712   14.713  1.00 15.61 ? 91  LYS B C   1 
ATOM   750  O  O   . LYS B 2 16 ? -17.537 3.284   13.700  1.00 17.82 ? 91  LYS B O   1 
ATOM   751  C  CB  . LYS B 2 16 ? -18.554 0.270   14.576  1.00 21.14 ? 91  LYS B CB  1 
ATOM   752  C  CG  . LYS B 2 16 ? -18.954 0.413   13.113  1.00 23.74 ? 91  LYS B CG  1 
ATOM   753  C  CD  . LYS B 2 16 ? -19.795 -0.778  12.657  1.00 26.99 ? 91  LYS B CD  1 
ATOM   754  C  CE  . LYS B 2 16 ? -20.347 -0.544  11.256  1.00 32.50 ? 91  LYS B CE  1 
ATOM   755  N  NZ  . LYS B 2 16 ? -20.643 -1.819  10.546  1.00 28.97 ? 91  LYS B NZ  1 
ATOM   756  N  N   . LYS B 2 17 ? -18.813 3.284   15.564  1.00 17.52 ? 92  LYS B N   1 
ATOM   757  C  CA  . LYS B 2 17 ? -19.284 4.651   15.350  1.00 18.72 ? 92  LYS B CA  1 
ATOM   758  C  C   . LYS B 2 17 ? -18.128 5.641   15.458  1.00 15.83 ? 92  LYS B C   1 
ATOM   759  O  O   . LYS B 2 17 ? -18.036 6.571   14.656  1.00 16.94 ? 92  LYS B O   1 
ATOM   760  C  CB  . LYS B 2 17 ? -20.388 5.028   16.337  1.00 24.22 ? 92  LYS B CB  1 
ATOM   761  C  CG  . LYS B 2 17 ? -20.966 6.415   16.079  1.00 27.44 ? 92  LYS B CG  1 
ATOM   762  C  CD  . LYS B 2 17 ? -22.080 6.758   17.054  1.00 30.52 ? 92  LYS B CD  1 
ATOM   763  C  CE  . LYS B 2 17 ? -22.661 8.136   16.759  1.00 32.55 ? 92  LYS B CE  1 
ATOM   764  N  NZ  . LYS B 2 17 ? -21.679 9.233   17.003  1.00 37.28 ? 92  LYS B NZ  1 
ATOM   765  N  N   . ASP B 2 18 ? -17.240 5.434   16.430  1.00 14.00 ? 93  ASP B N   1 
ATOM   766  C  CA  . ASP B 2 18 ? -16.020 6.241   16.538  1.00 14.90 ? 93  ASP B CA  1 
ATOM   767  C  C   . ASP B 2 18 ? -15.252 6.243   15.236  1.00 14.87 ? 93  ASP B C   1 
ATOM   768  O  O   . ASP B 2 18 ? -14.816 7.286   14.746  1.00 13.50 ? 93  ASP B O   1 
ATOM   769  C  CB  . ASP B 2 18 ? -15.083 5.708   17.614  1.00 13.51 ? 93  ASP B CB  1 
ATOM   770  C  CG  . ASP B 2 18 ? -15.553 5.996   19.014  1.00 17.85 ? 93  ASP B CG  1 
ATOM   771  O  OD1 . ASP B 2 18 ? -16.464 6.827   19.213  1.00 19.37 ? 93  ASP B OD1 1 
ATOM   772  O  OD2 . ASP B 2 18 ? -14.972 5.368   19.919  1.00 16.80 ? 93  ASP B OD2 1 
ATOM   773  N  N   . LEU B 2 19 ? -15.065 5.038   14.704  1.00 11.89 ? 94  LEU B N   1 
ATOM   774  C  CA  . LEU B 2 19 ? -14.337 4.833   13.471  1.00 12.65 ? 94  LEU B CA  1 
ATOM   775  C  C   . LEU B 2 19 ? -15.025 5.516   12.290  1.00 12.03 ? 94  LEU B C   1 
ATOM   776  O  O   . LEU B 2 19 ? -14.382 6.194   11.476  1.00 12.82 ? 94  LEU B O   1 
ATOM   777  C  CB  . LEU B 2 19 ? -14.204 3.330   13.208  1.00 12.09 ? 94  LEU B CB  1 
ATOM   778  C  CG  . LEU B 2 19 ? -13.188 2.916   12.160  1.00 14.89 ? 94  LEU B CG  1 
ATOM   779  C  CD1 . LEU B 2 19 ? -11.800 3.346   12.592  1.00 14.89 ? 94  LEU B CD1 1 
ATOM   780  C  CD2 . LEU B 2 19 ? -13.262 1.399   12.005  1.00 15.06 ? 94  LEU B CD2 1 
ATOM   781  N  N   . LYS B 2 20 ? -16.339 5.344   12.185  1.00 10.49 ? 95  LYS B N   1 
ATOM   782  C  CA  . LYS B 2 20 ? -17.070 5.964   11.081  1.00 13.69 ? 95  LYS B CA  1 
ATOM   783  C  C   . LYS B 2 20 ? -17.031 7.493   11.156  1.00 12.89 ? 95  LYS B C   1 
ATOM   784  O  O   . LYS B 2 20 ? -16.749 8.157   10.164  1.00 12.55 ? 95  LYS B O   1 
ATOM   785  C  CB  . LYS B 2 20 ? -18.520 5.479   11.044  1.00 17.21 ? 95  LYS B CB  1 
ATOM   786  C  CG  . LYS B 2 20 ? -19.304 6.046   9.858   1.00 21.25 ? 95  LYS B CG  1 
ATOM   787  C  CD  . LYS B 2 20 ? -20.383 5.097   9.367   1.00 29.58 ? 95  LYS B CD  1 
ATOM   788  C  CE  . LYS B 2 20 ? -20.969 5.565   8.038   1.00 27.00 ? 95  LYS B CE  1 
ATOM   789  N  NZ  . LYS B 2 20 ? -21.607 4.445   7.288   1.00 35.35 ? 95  LYS B NZ  1 
ATOM   790  N  N   . ASP B 2 21 ? -17.303 8.053   12.330  1.00 12.62 ? 96  ASP B N   1 
ATOM   791  C  CA  . ASP B 2 21 ? -17.226 9.501   12.496  1.00 13.26 ? 96  ASP B CA  1 
ATOM   792  C  C   . ASP B 2 21 ? -15.846 10.056  12.154  1.00 11.87 ? 96  ASP B C   1 
ATOM   793  O  O   . ASP B 2 21 ? -15.744 11.082  11.466  1.00 12.64 ? 96  ASP B O   1 
ATOM   794  C  CB  . ASP B 2 21 ? -17.608 9.892   13.921  1.00 15.11 ? 96  ASP B CB  1 
ATOM   795  C  CG  . ASP B 2 21 ? -19.083 9.686   14.200  1.00 18.36 ? 96  ASP B CG  1 
ATOM   796  O  OD1 . ASP B 2 21 ? -19.828 9.442   13.235  1.00 18.89 ? 96  ASP B OD1 1 
ATOM   797  O  OD2 . ASP B 2 21 ? -19.490 9.770   15.375  1.00 23.53 ? 96  ASP B OD2 1 
ATOM   798  N  N   . TYR B 2 22 ? -14.786 9.385   12.609  1.00 10.38 ? 97  TYR B N   1 
ATOM   799  C  CA  . TYR B 2 22 ? -13.447 9.876   12.325  1.00 10.86 ? 97  TYR B CA  1 
ATOM   800  C  C   . TYR B 2 22 ? -13.143 9.855   10.820  1.00 10.63 ? 97  TYR B C   1 
ATOM   801  O  O   . TYR B 2 22 ? -12.703 10.859  10.239  1.00 9.12  ? 97  TYR B O   1 
ATOM   802  C  CB  . TYR B 2 22 ? -12.369 9.084   13.083  1.00 9.42  ? 97  TYR B CB  1 
ATOM   803  C  CG  . TYR B 2 22 ? -11.010 9.662   12.793  1.00 11.45 ? 97  TYR B CG  1 
ATOM   804  C  CD1 . TYR B 2 22 ? -10.593 10.826  13.421  1.00 12.56 ? 97  TYR B CD1 1 
ATOM   805  C  CD2 . TYR B 2 22 ? -10.172 9.097   11.827  1.00 10.53 ? 97  TYR B CD2 1 
ATOM   806  C  CE1 . TYR B 2 22 ? -9.371  11.395  13.137  1.00 14.31 ? 97  TYR B CE1 1 
ATOM   807  C  CE2 . TYR B 2 22 ? -8.935  9.657   11.538  1.00 9.90  ? 97  TYR B CE2 1 
ATOM   808  C  CZ  . TYR B 2 22 ? -8.545  10.813  12.193  1.00 14.78 ? 97  TYR B CZ  1 
ATOM   809  O  OH  . TYR B 2 22 ? -7.334  11.410  11.911  1.00 13.79 ? 97  TYR B OH  1 
ATOM   810  N  N   . PHE B 2 23 ? -13.373 8.734   10.152  1.00 8.88  ? 98  PHE B N   1 
ATOM   811  C  CA  . PHE B 2 23 ? -12.945 8.719   8.766   1.00 11.41 ? 98  PHE B CA  1 
ATOM   812  C  C   . PHE B 2 23 ? -13.928 9.415   7.834   1.00 11.04 ? 98  PHE B C   1 
ATOM   813  O  O   . PHE B 2 23 ? -13.576 9.731   6.699   1.00 9.47  ? 98  PHE B O   1 
ATOM   814  C  CB  . PHE B 2 23 ? -12.620 7.288   8.338   1.00 9.68  ? 98  PHE B CB  1 
ATOM   815  C  CG  . PHE B 2 23 ? -11.324 6.823   8.914   1.00 9.92  ? 98  PHE B CG  1 
ATOM   816  C  CD1 . PHE B 2 23 ? -10.127 7.226   8.339   1.00 11.18 ? 98  PHE B CD1 1 
ATOM   817  C  CD2 . PHE B 2 23 ? -11.290 6.073   10.090  1.00 9.32  ? 98  PHE B CD2 1 
ATOM   818  C  CE1 . PHE B 2 23 ? -8.919  6.844   8.880   1.00 12.66 ? 98  PHE B CE1 1 
ATOM   819  C  CE2 . PHE B 2 23 ? -10.075 5.698   10.649  1.00 12.02 ? 98  PHE B CE2 1 
ATOM   820  C  CZ  . PHE B 2 23 ? -8.890  6.084   10.050  1.00 13.68 ? 98  PHE B CZ  1 
ATOM   821  N  N   . SER B 2 24 ? -15.105 9.768   8.344   1.00 9.63  ? 99  SER B N   1 
ATOM   822  C  CA  . SER B 2 24 ? -15.993 10.653  7.598   1.00 12.79 ? 99  SER B CA  1 
ATOM   823  C  C   . SER B 2 24 ? -15.382 12.046  7.419   1.00 12.69 ? 99  SER B C   1 
ATOM   824  O  O   . SER B 2 24 ? -15.841 12.800  6.581   1.00 15.46 ? 99  SER B O   1 
ATOM   825  C  CB  . SER B 2 24 ? -17.351 10.770  8.281   1.00 13.39 ? 99  SER B CB  1 
ATOM   826  O  OG  . SER B 2 24 ? -18.043 9.537   8.237   1.00 13.99 ? 99  SER B OG  1 
ATOM   827  N  N   . LYS B 2 25 ? -14.347 12.377  8.197   1.00 11.96 ? 100 LYS B N   1 
ATOM   828  C  CA  . LYS B 2 25 ? -13.588 13.612  7.984   1.00 12.95 ? 100 LYS B CA  1 
ATOM   829  C  C   . LYS B 2 25 ? -12.992 13.716  6.575   1.00 12.38 ? 100 LYS B C   1 
ATOM   830  O  O   . LYS B 2 25 ? -12.611 14.799  6.140   1.00 14.66 ? 100 LYS B O   1 
ATOM   831  C  CB  . LYS B 2 25 ? -12.443 13.744  9.003   1.00 13.72 ? 100 LYS B CB  1 
ATOM   832  C  CG  . LYS B 2 25 ? -12.866 14.017  10.447  1.00 12.33 ? 100 LYS B CG  1 
ATOM   833  C  CD  . LYS B 2 25 ? -11.641 13.955  11.355  1.00 10.91 ? 100 LYS B CD  1 
ATOM   834  C  CE  . LYS B 2 25 ? -11.997 14.196  12.830  1.00 14.47 ? 100 LYS B CE  1 
ATOM   835  N  NZ  . LYS B 2 25 ? -12.636 15.523  13.055  1.00 15.19 ? 100 LYS B NZ  1 
ATOM   836  N  N   . PHE B 2 26 ? -12.912 12.594  5.861   1.00 11.63 ? 101 PHE B N   1 
ATOM   837  C  CA  . PHE B 2 26 ? -12.192 12.556  4.585   1.00 10.51 ? 101 PHE B CA  1 
ATOM   838  C  C   . PHE B 2 26 ? -13.108 12.260  3.411   1.00 9.51  ? 101 PHE B C   1 
ATOM   839  O  O   . PHE B 2 26 ? -12.665 12.177  2.256   1.00 14.22 ? 101 PHE B O   1 
ATOM   840  C  CB  . PHE B 2 26 ? -11.062 11.521  4.673   1.00 10.77 ? 101 PHE B CB  1 
ATOM   841  C  CG  . PHE B 2 26 ? -10.131 11.765  5.831   1.00 14.35 ? 101 PHE B CG  1 
ATOM   842  C  CD1 . PHE B 2 26 ? -9.046  12.630  5.697   1.00 12.61 ? 101 PHE B CD1 1 
ATOM   843  C  CD2 . PHE B 2 26 ? -10.369 11.171  7.067   1.00 12.07 ? 101 PHE B CD2 1 
ATOM   844  C  CE1 . PHE B 2 26 ? -8.201  12.869  6.780   1.00 13.43 ? 101 PHE B CE1 1 
ATOM   845  C  CE2 . PHE B 2 26 ? -9.526  11.407  8.143   1.00 11.17 ? 101 PHE B CE2 1 
ATOM   846  C  CZ  . PHE B 2 26 ? -8.446  12.259  7.997   1.00 14.61 ? 101 PHE B CZ  1 
ATOM   847  N  N   . GLY B 2 27 ? -14.397 12.124  3.701   1.00 10.28 ? 102 GLY B N   1 
ATOM   848  C  CA  . GLY B 2 27 ? -15.388 11.832  2.687   1.00 11.83 ? 102 GLY B CA  1 
ATOM   849  C  C   . GLY B 2 27 ? -16.350 10.739  3.109   1.00 14.00 ? 102 GLY B C   1 
ATOM   850  O  O   . GLY B 2 27 ? -16.291 10.274  4.244   1.00 12.50 ? 102 GLY B O   1 
ATOM   851  N  N   . GLU B 2 28 ? -17.237 10.326  2.204   1.00 12.04 ? 103 GLU B N   1 
ATOM   852  C  CA  . GLU B 2 28 ? -18.273 9.364   2.569   1.00 14.47 ? 103 GLU B CA  1 
ATOM   853  C  C   . GLU B 2 28 ? -17.689 7.992   2.836   1.00 12.47 ? 103 GLU B C   1 
ATOM   854  O  O   . GLU B 2 28 ? -16.934 7.447   2.019   1.00 13.43 ? 103 GLU B O   1 
ATOM   855  C  CB  . GLU B 2 28 ? -19.357 9.241   1.492   1.00 14.59 ? 103 GLU B CB  1 
ATOM   856  C  CG  . GLU B 2 28 ? -20.468 8.266   1.925   1.00 17.47 ? 103 GLU B CG  1 
ATOM   857  C  CD  . GLU B 2 28 ? -21.617 8.151   0.932   1.00 20.70 ? 103 GLU B CD  1 
ATOM   858  O  OE1 . GLU B 2 28 ? -21.567 8.826   -0.112  1.00 20.79 ? 103 GLU B OE1 1 
ATOM   859  O  OE2 . GLU B 2 28 ? -22.577 7.389   1.212   1.00 20.19 ? 103 GLU B OE2 1 
ATOM   860  N  N   . VAL B 2 29 ? -18.061 7.441   3.983   1.00 13.44 ? 104 VAL B N   1 
ATOM   861  C  CA  . VAL B 2 29 ? -17.672 6.092   4.366   1.00 10.19 ? 104 VAL B CA  1 
ATOM   862  C  C   . VAL B 2 29 ? -18.815 5.141   4.068   1.00 12.27 ? 104 VAL B C   1 
ATOM   863  O  O   . VAL B 2 29 ? -19.908 5.311   4.599   1.00 14.82 ? 104 VAL B O   1 
ATOM   864  C  CB  . VAL B 2 29 ? -17.313 6.023   5.853   1.00 11.81 ? 104 VAL B CB  1 
ATOM   865  C  CG1 . VAL B 2 29 ? -17.073 4.575   6.267   1.00 11.91 ? 104 VAL B CG1 1 
ATOM   866  C  CG2 . VAL B 2 29 ? -16.094 6.885   6.150   1.00 11.61 ? 104 VAL B CG2 1 
ATOM   867  N  N   . VAL B 2 30 ? -18.579 4.166   3.191   1.00 11.06 ? 105 VAL B N   1 
ATOM   868  C  CA  . VAL B 2 30 ? -19.612 3.199   2.838   1.00 12.95 ? 105 VAL B CA  1 
ATOM   869  C  C   . VAL B 2 30 ? -19.847 2.274   4.024   1.00 13.38 ? 105 VAL B C   1 
ATOM   870  O  O   . VAL B 2 30 ? -20.986 1.998   4.421   1.00 15.18 ? 105 VAL B O   1 
ATOM   871  C  CB  . VAL B 2 30 ? -19.224 2.367   1.603   1.00 16.54 ? 105 VAL B CB  1 
ATOM   872  C  CG1 . VAL B 2 30 ? -20.215 1.228   1.387   1.00 16.39 ? 105 VAL B CG1 1 
ATOM   873  C  CG2 . VAL B 2 30 ? -19.148 3.253   0.369   1.00 17.02 ? 105 VAL B CG2 1 
ATOM   874  N  N   . ASP B 2 31 ? -18.750 1.817   4.599   1.00 11.76 ? 106 ASP B N   1 
ATOM   875  C  CA  . ASP B 2 31 ? -18.814 0.924   5.747   1.00 9.36  ? 106 ASP B CA  1 
ATOM   876  C  C   . ASP B 2 31 ? -17.471 0.941   6.426   1.00 11.49 ? 106 ASP B C   1 
ATOM   877  O  O   . ASP B 2 31 ? -16.478 1.368   5.843   1.00 10.74 ? 106 ASP B O   1 
ATOM   878  C  CB  . ASP B 2 31 ? -19.187 -0.503  5.318   1.00 13.01 ? 106 ASP B CB  1 
ATOM   879  C  CG  . ASP B 2 31 ? -19.629 -1.377  6.498   1.00 14.59 ? 106 ASP B CG  1 
ATOM   880  O  OD1 . ASP B 2 31 ? -19.943 -0.825  7.573   1.00 15.95 ? 106 ASP B OD1 1 
ATOM   881  O  OD2 . ASP B 2 31 ? -19.659 -2.618  6.349   1.00 20.38 ? 106 ASP B OD2 1 
ATOM   882  N  N   . CYS B 2 32 ? -17.438 0.458   7.661   1.00 11.49 ? 107 CYS B N   1 
ATOM   883  C  CA  . CYS B 2 32 ? -16.186 0.311   8.384   1.00 11.18 ? 107 CYS B CA  1 
ATOM   884  C  C   . CYS B 2 32 ? -16.413 -0.724  9.469   1.00 13.50 ? 107 CYS B C   1 
ATOM   885  O  O   . CYS B 2 32 ? -17.550 -1.003  9.851   1.00 15.26 ? 107 CYS B O   1 
ATOM   886  C  CB  . CYS B 2 32 ? -15.698 1.645   8.968   1.00 11.76 ? 107 CYS B CB  1 
ATOM   887  S  SG  . CYS B 2 32 ? -16.763 2.392   10.212  1.00 15.85 ? 107 CYS B SG  1 
ATOM   888  N  N   . THR B 2 33 ? -15.335 -1.336  9.929   1.00 11.81 ? 108 THR B N   1 
ATOM   889  C  CA  . THR B 2 33 ? -15.459 -2.438  10.861  1.00 12.46 ? 108 THR B CA  1 
ATOM   890  C  C   . THR B 2 33 ? -14.302 -2.433  11.830  1.00 13.35 ? 108 THR B C   1 
ATOM   891  O  O   . THR B 2 33 ? -13.231 -1.913  11.520  1.00 10.30 ? 108 THR B O   1 
ATOM   892  C  CB  . THR B 2 33 ? -15.459 -3.818  10.147  1.00 14.08 ? 108 THR B CB  1 
ATOM   893  O  OG1 . THR B 2 33 ? -14.183 -4.023  9.531   1.00 15.36 ? 108 THR B OG1 1 
ATOM   894  C  CG2 . THR B 2 33 ? -16.567 -3.947  9.088   1.00 14.85 ? 108 THR B CG2 1 
ATOM   895  N  N   . LEU B 2 34 ? -14.528 -3.025  13.003  1.00 13.05 ? 109 LEU B N   1 
ATOM   896  C  CA  . LEU B 2 34 ? -13.442 -3.473  13.861  1.00 15.10 ? 109 LEU B CA  1 
ATOM   897  C  C   . LEU B 2 34 ? -13.221 -4.950  13.624  1.00 16.91 ? 109 LEU B C   1 
ATOM   898  O  O   . LEU B 2 34 ? -14.172 -5.683  13.385  1.00 22.13 ? 109 LEU B O   1 
ATOM   899  C  CB  . LEU B 2 34 ? -13.771 -3.255  15.332  1.00 13.60 ? 109 LEU B CB  1 
ATOM   900  C  CG  . LEU B 2 34 ? -14.198 -1.864  15.733  1.00 19.18 ? 109 LEU B CG  1 
ATOM   901  C  CD1 . LEU B 2 34 ? -14.697 -1.928  17.153  1.00 22.24 ? 109 LEU B CD1 1 
ATOM   902  C  CD2 . LEU B 2 34 ? -13.014 -0.926  15.593  1.00 20.40 ? 109 LEU B CD2 1 
ATOM   903  N  N   . LYS B 2 35 ? -11.980 -5.400  13.686  1.00 16.88 ? 110 LYS B N   1 
ATOM   904  C  CA  . LYS B 2 35 ? -11.759 -6.838  13.673  1.00 19.94 ? 110 LYS B CA  1 
ATOM   905  C  C   . LYS B 2 35 ? -11.745 -7.352  15.110  1.00 24.67 ? 110 LYS B C   1 
ATOM   906  O  O   . LYS B 2 35 ? -10.953 -6.907  15.940  1.00 24.43 ? 110 LYS B O   1 
ATOM   907  C  CB  . LYS B 2 35 ? -10.473 -7.210  12.940  1.00 24.88 ? 110 LYS B CB  1 
ATOM   908  C  CG  . LYS B 2 35 ? -10.163 -8.704  13.074  1.00 31.02 ? 110 LYS B CG  1 
ATOM   909  C  CD  . LYS B 2 35 ? -9.734  -9.347  11.767  1.00 37.57 ? 110 LYS B CD  1 
ATOM   910  C  CE  . LYS B 2 35 ? -10.527 -10.622 11.514  1.00 35.78 ? 110 LYS B CE  1 
ATOM   911  N  NZ  . LYS B 2 35 ? -10.627 -11.479 12.726  1.00 35.42 ? 110 LYS B NZ  1 
ATOM   912  N  N   . LEU B 2 36 ? -12.658 -8.274  15.394  1.00 22.66 ? 111 LEU B N   1 
ATOM   913  C  CA  . LEU B 2 36 ? -12.878 -8.763  16.746  1.00 25.92 ? 111 LEU B CA  1 
ATOM   914  C  C   . LEU B 2 36 ? -12.391 -10.191 16.876  1.00 16.62 ? 111 LEU B C   1 
ATOM   915  O  O   . LEU B 2 36 ? -12.488 -10.961 15.930  1.00 21.58 ? 111 LEU B O   1 
ATOM   916  C  CB  . LEU B 2 36 ? -14.365 -8.690  17.092  1.00 30.80 ? 111 LEU B CB  1 
ATOM   917  C  CG  . LEU B 2 36 ? -15.016 -7.339  16.804  1.00 28.59 ? 111 LEU B CG  1 
ATOM   918  C  CD1 . LEU B 2 36 ? -16.528 -7.429  16.903  1.00 33.60 ? 111 LEU B CD1 1 
ATOM   919  C  CD2 . LEU B 2 36 ? -14.462 -6.341  17.799  1.00 25.20 ? 111 LEU B CD2 1 
ATOM   920  N  N   . ASP B 2 37 ? -11.858 -10.547 18.043  1.00 20.79 ? 112 ASP B N   1 
ATOM   921  C  CA  . ASP B 2 37 ? -11.589 -11.954 18.297  1.00 19.83 ? 112 ASP B CA  1 
ATOM   922  C  C   . ASP B 2 37 ? -12.937 -12.664 18.339  1.00 17.53 ? 112 ASP B C   1 
ATOM   923  O  O   . ASP B 2 37 ? -13.801 -12.284 19.117  1.00 17.36 ? 112 ASP B O   1 
ATOM   924  C  CB  . ASP B 2 37 ? -10.825 -12.158 19.603  1.00 16.50 ? 112 ASP B CB  1 
ATOM   925  C  CG  . ASP B 2 37 ? -10.370 -13.590 19.779  1.00 21.78 ? 112 ASP B CG  1 
ATOM   926  O  OD1 . ASP B 2 37 ? -11.242 -14.467 19.944  1.00 17.42 ? 112 ASP B OD1 1 
ATOM   927  O  OD2 . ASP B 2 37 ? -9.147  -13.840 19.737  1.00 22.96 ? 112 ASP B OD2 1 
ATOM   928  N  N   . PRO B 2 38 ? -13.119 -13.700 17.504  1.00 16.78 ? 113 PRO B N   1 
ATOM   929  C  CA  . PRO B 2 38 ? -14.426 -14.359 17.366  1.00 18.48 ? 113 PRO B CA  1 
ATOM   930  C  C   . PRO B 2 38 ? -14.857 -15.068 18.650  1.00 21.10 ? 113 PRO B C   1 
ATOM   931  O  O   . PRO B 2 38 ? -16.051 -15.313 18.851  1.00 25.27 ? 113 PRO B O   1 
ATOM   932  C  CB  . PRO B 2 38 ? -14.201 -15.373 16.234  1.00 21.69 ? 113 PRO B CB  1 
ATOM   933  C  CG  . PRO B 2 38 ? -12.879 -15.060 15.653  1.00 24.20 ? 113 PRO B CG  1 
ATOM   934  C  CD  . PRO B 2 38 ? -12.083 -14.335 16.677  1.00 20.81 ? 113 PRO B CD  1 
ATOM   935  N  N   . ILE B 2 39 ? -13.888 -15.377 19.510  1.00 18.37 ? 114 ILE B N   1 
ATOM   936  C  CA  . ILE B 2 39 ? -14.154 -16.101 20.760  1.00 15.08 ? 114 ILE B CA  1 
ATOM   937  C  C   . ILE B 2 39 ? -14.258 -15.190 21.990  1.00 19.89 ? 114 ILE B C   1 
ATOM   938  O  O   . ILE B 2 39 ? -15.174 -15.344 22.804  1.00 20.36 ? 114 ILE B O   1 
ATOM   939  C  CB  . ILE B 2 39 ? -13.059 -17.162 21.010  1.00 15.68 ? 114 ILE B CB  1 
ATOM   940  C  CG1 . ILE B 2 39 ? -13.109 -18.217 19.904  1.00 14.30 ? 114 ILE B CG1 1 
ATOM   941  C  CG2 . ILE B 2 39 ? -13.239 -17.813 22.361  1.00 17.07 ? 114 ILE B CG2 1 
ATOM   942  C  CD1 . ILE B 2 39 ? -12.035 -19.284 20.018  1.00 15.18 ? 114 ILE B CD1 1 
ATOM   943  N  N   . THR B 2 40 ? -13.320 -14.260 22.138  1.00 16.22 ? 115 THR B N   1 
ATOM   944  C  CA  . THR B 2 40 ? -13.304 -13.420 23.340  1.00 18.30 ? 115 THR B CA  1 
ATOM   945  C  C   . THR B 2 40 ? -13.881 -12.034 23.100  1.00 22.85 ? 115 THR B C   1 
ATOM   946  O  O   . THR B 2 40 ? -14.375 -11.396 24.025  1.00 22.75 ? 115 THR B O   1 
ATOM   947  C  CB  . THR B 2 40 ? -11.879 -13.257 23.903  1.00 19.28 ? 115 THR B CB  1 
ATOM   948  O  OG1 . THR B 2 40 ? -11.086 -12.489 22.988  1.00 26.45 ? 115 THR B OG1 1 
ATOM   949  C  CG2 . THR B 2 40 ? -11.227 -14.610 24.139  1.00 21.03 ? 115 THR B CG2 1 
ATOM   950  N  N   . GLY B 2 41 ? -13.812 -11.564 21.860  1.00 24.54 ? 116 GLY B N   1 
ATOM   951  C  CA  . GLY B 2 41 ? -14.248 -10.210 21.542  1.00 26.29 ? 116 GLY B CA  1 
ATOM   952  C  C   . GLY B 2 41 ? -13.170 -9.187  21.827  1.00 21.35 ? 116 GLY B C   1 
ATOM   953  O  O   . GLY B 2 41 ? -13.383 -7.990  21.664  1.00 25.67 ? 116 GLY B O   1 
ATOM   954  N  N   . ARG B 2 42 ? -12.006 -9.652  22.268  1.00 28.27 ? 117 ARG B N   1 
ATOM   955  C  CA  . ARG B 2 42 ? -10.900 -8.743  22.510  1.00 26.82 ? 117 ARG B CA  1 
ATOM   956  C  C   . ARG B 2 42 ? -10.590 -8.023  21.214  1.00 30.62 ? 117 ARG B C   1 
ATOM   957  O  O   . ARG B 2 42 ? -10.411 -8.659  20.169  1.00 31.11 ? 117 ARG B O   1 
ATOM   958  C  CB  . ARG B 2 42 ? -9.663  -9.483  23.032  1.00 33.61 ? 117 ARG B CB  1 
ATOM   959  C  CG  . ARG B 2 42 ? -8.353  -8.773  22.705  1.00 40.03 ? 117 ARG B CG  1 
ATOM   960  C  CD  . ARG B 2 42 ? -7.153  -9.465  23.335  1.00 43.36 ? 117 ARG B CD  1 
ATOM   961  N  NE  . ARG B 2 42 ? -6.172  -8.488  23.802  1.00 44.98 ? 117 ARG B NE  1 
ATOM   962  C  CZ  . ARG B 2 42 ? -5.423  -8.636  24.891  1.00 47.97 ? 117 ARG B CZ  1 
ATOM   963  N  NH1 . ARG B 2 42 ? -5.534  -9.731  25.636  1.00 46.30 ? 117 ARG B NH1 1 
ATOM   964  N  NH2 . ARG B 2 42 ? -4.561  -7.685  25.237  1.00 47.34 ? 117 ARG B NH2 1 
ATOM   965  N  N   . SER B 2 43 ? -10.597 -6.696  21.283  1.00 32.67 ? 118 SER B N   1 
ATOM   966  C  CA  . SER B 2 43 ? -10.220 -5.869  20.157  1.00 31.90 ? 118 SER B CA  1 
ATOM   967  C  C   . SER B 2 43 ? -8.887  -6.341  19.641  1.00 28.30 ? 118 SER B C   1 
ATOM   968  O  O   . SER B 2 43 ? -7.890  -6.299  20.365  1.00 31.41 ? 118 SER B O   1 
ATOM   969  C  CB  . SER B 2 43 ? -10.132 -4.392  20.558  1.00 25.55 ? 118 SER B CB  1 
ATOM   970  O  OG  . SER B 2 43 ? -9.343  -3.664  19.622  1.00 35.01 ? 118 SER B OG  1 
ATOM   971  N  N   . ARG B 2 44 ? -8.860  -6.790  18.389  1.00 30.47 ? 119 ARG B N   1 
ATOM   972  C  CA  . ARG B 2 44 ? -7.596  -7.208  17.808  1.00 32.21 ? 119 ARG B CA  1 
ATOM   973  C  C   . ARG B 2 44 ? -6.687  -5.992  17.695  1.00 30.48 ? 119 ARG B C   1 
ATOM   974  O  O   . ARG B 2 44 ? -5.470  -6.123  17.605  1.00 34.66 ? 119 ARG B O   1 
ATOM   975  C  CB  . ARG B 2 44 ? -7.803  -7.883  16.454  1.00 28.29 ? 119 ARG B CB  1 
ATOM   976  C  CG  . ARG B 2 44 ? -8.464  -9.251  16.560  1.00 32.35 ? 119 ARG B CG  1 
ATOM   977  C  CD  . ARG B 2 44 ? -7.887  -10.234 15.552  1.00 33.69 ? 119 ARG B CD  1 
ATOM   978  N  NE  . ARG B 2 44 ? -8.470  -11.566 15.685  1.00 42.85 ? 119 ARG B NE  1 
ATOM   979  C  CZ  . ARG B 2 44 ? -8.108  -12.457 16.606  1.00 39.54 ? 119 ARG B CZ  1 
ATOM   980  N  NH1 . ARG B 2 44 ? -7.160  -12.166 17.492  1.00 45.26 ? 119 ARG B NH1 1 
ATOM   981  N  NH2 . ARG B 2 44 ? -8.702  -13.640 16.646  1.00 36.38 ? 119 ARG B NH2 1 
ATOM   982  N  N   . GLY B 2 45 ? -7.289  -4.804  17.717  1.00 27.16 ? 120 GLY B N   1 
ATOM   983  C  CA  . GLY B 2 45 ? -6.534  -3.572  17.755  1.00 20.29 ? 120 GLY B CA  1 
ATOM   984  C  C   . GLY B 2 45 ? -6.453  -2.921  16.390  1.00 18.93 ? 120 GLY B C   1 
ATOM   985  O  O   . GLY B 2 45 ? -5.696  -1.982  16.182  1.00 25.07 ? 120 GLY B O   1 
ATOM   986  N  N   . PHE B 2 46 ? -7.226  -3.444  15.447  1.00 15.68 ? 121 PHE B N   1 
ATOM   987  C  CA  . PHE B 2 46 ? -7.269  -2.847  14.126  1.00 22.01 ? 121 PHE B CA  1 
ATOM   988  C  C   . PHE B 2 46 ? -8.650  -2.942  13.494  1.00 16.06 ? 121 PHE B C   1 
ATOM   989  O  O   . PHE B 2 46 ? -9.551  -3.594  14.020  1.00 13.59 ? 121 PHE B O   1 
ATOM   990  C  CB  . PHE B 2 46 ? -6.209  -3.470  13.219  1.00 20.55 ? 121 PHE B CB  1 
ATOM   991  C  CG  . PHE B 2 46 ? -6.203  -4.969  13.210  1.00 23.70 ? 121 PHE B CG  1 
ATOM   992  C  CD1 . PHE B 2 46 ? -6.972  -5.669  12.297  1.00 29.12 ? 121 PHE B CD1 1 
ATOM   993  C  CD2 . PHE B 2 46 ? -5.396  -5.678  14.087  1.00 23.47 ? 121 PHE B CD2 1 
ATOM   994  C  CE1 . PHE B 2 46 ? -6.952  -7.053  12.272  1.00 32.47 ? 121 PHE B CE1 1 
ATOM   995  C  CE2 . PHE B 2 46 ? -5.378  -7.054  14.069  1.00 28.82 ? 121 PHE B CE2 1 
ATOM   996  C  CZ  . PHE B 2 46 ? -6.156  -7.742  13.160  1.00 30.14 ? 121 PHE B CZ  1 
ATOM   997  N  N   . GLY B 2 47 ? -8.815  -2.242  12.380  1.00 11.98 ? 122 GLY B N   1 
ATOM   998  C  CA  . GLY B 2 47 ? -10.093 -2.164  11.701  1.00 14.02 ? 122 GLY B CA  1 
ATOM   999  C  C   . GLY B 2 47 ? -9.944  -1.847  10.221  1.00 12.42 ? 122 GLY B C   1 
ATOM   1000 O  O   . GLY B 2 47 ? -8.833  -1.703  9.709   1.00 12.75 ? 122 GLY B O   1 
ATOM   1001 N  N   . PHE B 2 48 ? -11.074 -1.750  9.530   1.00 11.95 ? 123 PHE B N   1 
ATOM   1002 C  CA  . PHE B 2 48 ? -11.072 -1.487  8.096   1.00 11.61 ? 123 PHE B CA  1 
ATOM   1003 C  C   . PHE B 2 48 ? -12.067 -0.396  7.777   1.00 11.04 ? 123 PHE B C   1 
ATOM   1004 O  O   . PHE B 2 48 ? -13.078 -0.244  8.473   1.00 10.61 ? 123 PHE B O   1 
ATOM   1005 C  CB  . PHE B 2 48 ? -11.407 -2.747  7.294   1.00 13.14 ? 123 PHE B CB  1 
ATOM   1006 C  CG  . PHE B 2 48 ? -10.320 -3.770  7.314   1.00 15.26 ? 123 PHE B CG  1 
ATOM   1007 C  CD1 . PHE B 2 48 ? -10.200 -4.649  8.375   1.00 17.43 ? 123 PHE B CD1 1 
ATOM   1008 C  CD2 . PHE B 2 48 ? -9.405  -3.835  6.291   1.00 18.36 ? 123 PHE B CD2 1 
ATOM   1009 C  CE1 . PHE B 2 48 ? -9.188  -5.586  8.396   1.00 21.02 ? 123 PHE B CE1 1 
ATOM   1010 C  CE2 . PHE B 2 48 ? -8.394  -4.772  6.310   1.00 23.56 ? 123 PHE B CE2 1 
ATOM   1011 C  CZ  . PHE B 2 48 ? -8.290  -5.645  7.360   1.00 22.89 ? 123 PHE B CZ  1 
ATOM   1012 N  N   . VAL B 2 49 ? -11.764 0.371   6.735   1.00 10.90 ? 124 VAL B N   1 
ATOM   1013 C  CA  . VAL B 2 49 ? -12.631 1.451   6.283   1.00 11.15 ? 124 VAL B CA  1 
ATOM   1014 C  C   . VAL B 2 49 ? -12.824 1.311   4.785   1.00 10.15 ? 124 VAL B C   1 
ATOM   1015 O  O   . VAL B 2 49 ? -11.864 1.082   4.054   1.00 8.96  ? 124 VAL B O   1 
ATOM   1016 C  CB  . VAL B 2 49 ? -12.041 2.851   6.606   1.00 10.57 ? 124 VAL B CB  1 
ATOM   1017 C  CG1 . VAL B 2 49 ? -12.886 3.970   5.978   1.00 10.43 ? 124 VAL B CG1 1 
ATOM   1018 C  CG2 . VAL B 2 49 ? -11.919 3.052   8.110   1.00 12.17 ? 124 VAL B CG2 1 
ATOM   1019 N  N   . LEU B 2 50 ? -14.071 1.425   4.338   1.00 10.00 ? 125 LEU B N   1 
ATOM   1020 C  CA  . LEU B 2 50 ? -14.395 1.396   2.918   1.00 11.08 ? 125 LEU B CA  1 
ATOM   1021 C  C   . LEU B 2 50 ? -14.964 2.745   2.514   1.00 9.18  ? 125 LEU B C   1 
ATOM   1022 O  O   . LEU B 2 50 ? -16.076 3.095   2.905   1.00 12.22 ? 125 LEU B O   1 
ATOM   1023 C  CB  . LEU B 2 50 ? -15.402 0.281   2.611   1.00 11.01 ? 125 LEU B CB  1 
ATOM   1024 C  CG  . LEU B 2 50 ? -15.798 0.078   1.145   1.00 15.92 ? 125 LEU B CG  1 
ATOM   1025 C  CD1 . LEU B 2 50 ? -14.622 -0.440  0.325   1.00 14.21 ? 125 LEU B CD1 1 
ATOM   1026 C  CD2 . LEU B 2 50 ? -16.996 -0.855  1.027   1.00 14.29 ? 125 LEU B CD2 1 
ATOM   1027 N  N   . PHE B 2 51 ? -14.183 3.519   1.768   1.00 11.10 ? 126 PHE B N   1 
ATOM   1028 C  CA  . PHE B 2 51 ? -14.622 4.823   1.263   1.00 9.46  ? 126 PHE B CA  1 
ATOM   1029 C  C   . PHE B 2 51 ? -15.376 4.706   -0.066  1.00 8.94  ? 126 PHE B C   1 
ATOM   1030 O  O   . PHE B 2 51 ? -15.029 3.879   -0.906  1.00 11.03 ? 126 PHE B O   1 
ATOM   1031 C  CB  . PHE B 2 51 ? -13.423 5.754   1.053   1.00 11.39 ? 126 PHE B CB  1 
ATOM   1032 C  CG  . PHE B 2 51 ? -12.885 6.370   2.313   1.00 9.96  ? 126 PHE B CG  1 
ATOM   1033 C  CD1 . PHE B 2 51 ? -13.619 7.330   3.003   1.00 11.80 ? 126 PHE B CD1 1 
ATOM   1034 C  CD2 . PHE B 2 51 ? -11.620 6.029   2.776   1.00 10.44 ? 126 PHE B CD2 1 
ATOM   1035 C  CE1 . PHE B 2 51 ? -13.104 7.931   4.144   1.00 10.14 ? 126 PHE B CE1 1 
ATOM   1036 C  CE2 . PHE B 2 51 ? -11.108 6.609   3.929   1.00 12.52 ? 126 PHE B CE2 1 
ATOM   1037 C  CZ  . PHE B 2 51 ? -11.852 7.560   4.612   1.00 10.70 ? 126 PHE B CZ  1 
ATOM   1038 N  N   . LYS B 2 52 ? -16.383 5.555   -0.251  1.00 10.19 ? 127 LYS B N   1 
ATOM   1039 C  CA  . LYS B 2 52 ? -17.104 5.666   -1.513  1.00 11.42 ? 127 LYS B CA  1 
ATOM   1040 C  C   . LYS B 2 52 ? -16.159 6.022   -2.660  1.00 12.34 ? 127 LYS B C   1 
ATOM   1041 O  O   . LYS B 2 52 ? -16.219 5.422   -3.740  1.00 12.84 ? 127 LYS B O   1 
ATOM   1042 C  CB  . LYS B 2 52 ? -18.204 6.722   -1.391  1.00 13.57 ? 127 LYS B CB  1 
ATOM   1043 C  CG  . LYS B 2 52 ? -18.933 7.023   -2.697  1.00 18.86 ? 127 LYS B CG  1 
ATOM   1044 C  CD  . LYS B 2 52 ? -19.884 5.910   -3.045  1.00 22.20 ? 127 LYS B CD  1 
ATOM   1045 C  CE  . LYS B 2 52 ? -20.659 6.219   -4.326  1.00 25.50 ? 127 LYS B CE  1 
ATOM   1046 N  NZ  . LYS B 2 52 ? -21.597 5.111   -4.684  1.00 35.43 ? 127 LYS B NZ  1 
ATOM   1047 N  N   . GLU B 2 53 ? -15.280 6.989   -2.405  1.00 10.61 ? 128 GLU B N   1 
ATOM   1048 C  CA  . GLU B 2 53 ? -14.332 7.490   -3.395  1.00 12.74 ? 128 GLU B CA  1 
ATOM   1049 C  C   . GLU B 2 53 ? -12.894 7.251   -2.957  1.00 11.25 ? 128 GLU B C   1 
ATOM   1050 O  O   . GLU B 2 53 ? -12.522 7.596   -1.848  1.00 12.38 ? 128 GLU B O   1 
ATOM   1051 C  CB  . GLU B 2 53 ? -14.549 8.989   -3.632  1.00 14.12 ? 128 GLU B CB  1 
ATOM   1052 C  CG  . GLU B 2 53 ? -15.979 9.369   -3.962  1.00 17.34 ? 128 GLU B CG  1 
ATOM   1053 C  CD  . GLU B 2 53 ? -16.409 8.889   -5.340  1.00 19.96 ? 128 GLU B CD  1 
ATOM   1054 O  OE1 . GLU B 2 53 ? -15.533 8.508   -6.150  1.00 16.14 ? 128 GLU B OE1 1 
ATOM   1055 O  OE2 . GLU B 2 53 ? -17.628 8.881   -5.606  1.00 22.92 ? 128 GLU B OE2 1 
ATOM   1056 N  N   . SER B 2 54 ? -12.076 6.673   -3.828  1.00 11.02 ? 129 SER B N   1 
ATOM   1057 C  CA  . SER B 2 54 ? -10.714 6.339   -3.439  1.00 12.96 ? 129 SER B CA  1 
ATOM   1058 C  C   . SER B 2 54 ? -9.870  7.599   -3.204  1.00 11.05 ? 129 SER B C   1 
ATOM   1059 O  O   . SER B 2 54 ? -8.837  7.534   -2.550  1.00 13.13 ? 129 SER B O   1 
ATOM   1060 C  CB  . SER B 2 54 ? -10.058 5.410   -4.483  1.00 16.86 ? 129 SER B CB  1 
ATOM   1061 O  OG  . SER B 2 54 ? -9.798  6.091   -5.696  1.00 19.35 ? 129 SER B OG  1 
ATOM   1062 N  N   . GLU B 2 55 ? -10.319 8.748   -3.705  1.00 12.59 ? 130 GLU B N   1 
ATOM   1063 C  CA  . GLU B 2 55 ? -9.634  10.010  -3.422  1.00 11.40 ? 130 GLU B CA  1 
ATOM   1064 C  C   . GLU B 2 55 ? -9.613  10.292  -1.915  1.00 11.11 ? 130 GLU B C   1 
ATOM   1065 O  O   . GLU B 2 55 ? -8.712  10.957  -1.408  1.00 12.93 ? 130 GLU B O   1 
ATOM   1066 C  CB  . GLU B 2 55 ? -10.301 11.160  -4.179  1.00 12.07 ? 130 GLU B CB  1 
ATOM   1067 C  CG  . GLU B 2 55 ? -10.086 11.098  -5.701  1.00 12.26 ? 130 GLU B CG  1 
ATOM   1068 C  CD  . GLU B 2 55 ? -11.164 10.308  -6.433  1.00 14.90 ? 130 GLU B CD  1 
ATOM   1069 O  OE1 . GLU B 2 55 ? -11.796 9.411   -5.840  1.00 15.71 ? 130 GLU B OE1 1 
ATOM   1070 O  OE2 . GLU B 2 55 ? -11.389 10.585  -7.626  1.00 15.29 ? 130 GLU B OE2 1 
ATOM   1071 N  N   . SER B 2 56 ? -10.599 9.765   -1.200  1.00 11.22 ? 131 SER B N   1 
ATOM   1072 C  CA  . SER B 2 56 ? -10.612 9.876   0.261   1.00 10.72 ? 131 SER B CA  1 
ATOM   1073 C  C   . SER B 2 56 ? -9.409  9.222   0.920   1.00 10.61 ? 131 SER B C   1 
ATOM   1074 O  O   . SER B 2 56 ? -8.901  9.720   1.932   1.00 9.67  ? 131 SER B O   1 
ATOM   1075 C  CB  . SER B 2 56 ? -11.886 9.268   0.835   1.00 10.24 ? 131 SER B CB  1 
ATOM   1076 O  OG  . SER B 2 56 ? -13.004 10.090  0.566   1.00 10.12 ? 131 SER B OG  1 
ATOM   1077 N  N   . VAL B 2 57 ? -8.990  8.080   0.371   1.00 9.65  ? 132 VAL B N   1 
ATOM   1078 C  CA  . VAL B 2 57 ? -7.801  7.384   0.838   1.00 10.27 ? 132 VAL B CA  1 
ATOM   1079 C  C   . VAL B 2 57 ? -6.571  8.281   0.678   1.00 12.19 ? 132 VAL B C   1 
ATOM   1080 O  O   . VAL B 2 57 ? -5.725  8.360   1.578   1.00 11.93 ? 132 VAL B O   1 
ATOM   1081 C  CB  . VAL B 2 57 ? -7.594  6.063   0.079   1.00 11.20 ? 132 VAL B CB  1 
ATOM   1082 C  CG1 . VAL B 2 57 ? -6.315  5.373   0.533   1.00 11.25 ? 132 VAL B CG1 1 
ATOM   1083 C  CG2 . VAL B 2 57 ? -8.797  5.160   0.280   1.00 11.64 ? 132 VAL B CG2 1 
ATOM   1084 N  N   . ASP B 2 58 ? -6.479  8.968   -0.457  1.00 11.48 ? 133 ASP B N   1 
ATOM   1085 C  CA  . ASP B 2 58 ? -5.396  9.925   -0.668  1.00 12.26 ? 133 ASP B CA  1 
ATOM   1086 C  C   . ASP B 2 58 ? -5.382  11.008  0.404   1.00 11.38 ? 133 ASP B C   1 
ATOM   1087 O  O   . ASP B 2 58 ? -4.320  11.375  0.912   1.00 14.54 ? 133 ASP B O   1 
ATOM   1088 C  CB  . ASP B 2 58 ? -5.509  10.578  -2.055  1.00 10.69 ? 133 ASP B CB  1 
ATOM   1089 C  CG  . ASP B 2 58 ? -5.538  9.557   -3.167  1.00 14.69 ? 133 ASP B CG  1 
ATOM   1090 O  OD1 . ASP B 2 58 ? -4.942  8.478   -2.988  1.00 14.37 ? 133 ASP B OD1 1 
ATOM   1091 O  OD2 . ASP B 2 58 ? -6.168  9.825   -4.208  1.00 15.16 ? 133 ASP B OD2 1 
ATOM   1092 N  N   . LYS B 2 59 ? -6.559  11.516  0.750   1.00 9.92  ? 134 LYS B N   1 
ATOM   1093 C  CA  . LYS B 2 59 ? -6.661  12.571  1.746   1.00 11.14 ? 134 LYS B CA  1 
ATOM   1094 C  C   . LYS B 2 59 ? -6.240  12.060  3.128   1.00 11.09 ? 134 LYS B C   1 
ATOM   1095 O  O   . LYS B 2 59 ? -5.563  12.759  3.867   1.00 11.45 ? 134 LYS B O   1 
ATOM   1096 C  CB  . LYS B 2 59 ? -8.083  13.135  1.789   1.00 11.53 ? 134 LYS B CB  1 
ATOM   1097 C  CG  . LYS B 2 59 ? -8.519  13.796  0.479   1.00 13.95 ? 134 LYS B CG  1 
ATOM   1098 C  CD  . LYS B 2 59 ? -9.909  14.417  0.608   1.00 14.46 ? 134 LYS B CD  1 
ATOM   1099 C  CE  . LYS B 2 59 ? -10.357 15.017  -0.728  1.00 18.62 ? 134 LYS B CE  1 
ATOM   1100 N  NZ  . LYS B 2 59 ? -9.388  16.034  -1.227  1.00 22.99 ? 134 LYS B NZ  1 
ATOM   1101 N  N   . VAL B 2 60 ? -6.620  10.829  3.456   1.00 10.78 ? 135 VAL B N   1 
ATOM   1102 C  CA  . VAL B 2 60 ? -6.152  10.223  4.700   1.00 11.66 ? 135 VAL B CA  1 
ATOM   1103 C  C   . VAL B 2 60 ? -4.627  10.121  4.717   1.00 11.93 ? 135 VAL B C   1 
ATOM   1104 O  O   . VAL B 2 60 ? -3.977  10.532  5.686   1.00 14.54 ? 135 VAL B O   1 
ATOM   1105 C  CB  . VAL B 2 60 ? -6.767  8.830   4.913   1.00 10.58 ? 135 VAL B CB  1 
ATOM   1106 C  CG1 . VAL B 2 60 ? -6.079  8.125   6.078   1.00 9.17  ? 135 VAL B CG1 1 
ATOM   1107 C  CG2 . VAL B 2 60 ? -8.254  8.960   5.170   1.00 10.94 ? 135 VAL B CG2 1 
HETATM 1108 N  N   . MSE B 2 61 ? -4.052  9.578   3.651   1.00 11.97 ? 136 MSE B N   1 
HETATM 1109 C  CA  . MSE B 2 61 ? -2.607  9.410   3.595   1.00 15.67 ? 136 MSE B CA  1 
HETATM 1110 C  C   . MSE B 2 61 ? -1.863  10.745  3.620   1.00 18.63 ? 136 MSE B C   1 
HETATM 1111 O  O   . MSE B 2 61 ? -0.774  10.824  4.188   1.00 16.86 ? 136 MSE B O   1 
HETATM 1112 C  CB  . MSE B 2 61 ? -2.210  8.604   2.357   1.00 16.45 ? 136 MSE B CB  1 
HETATM 1113 C  CG  . MSE B 2 61 ? -2.756  7.164   2.370   1.00 12.73 ? 136 MSE B CG  1 
HETATM 1114 SE SE  . MSE B 2 61 ? -2.155  6.153   3.933   0.66 21.37 ? 136 MSE B SE  1 
HETATM 1115 C  CE  . MSE B 2 61 ? -0.237  6.367   3.666   1.00 21.77 ? 136 MSE B CE  1 
ATOM   1116 N  N   . ASP B 2 62 ? -2.443  11.784  3.015   1.00 13.61 ? 137 ASP B N   1 
ATOM   1117 C  CA  . ASP B 2 62 ? -1.813  13.102  3.003   1.00 15.24 ? 137 ASP B CA  1 
ATOM   1118 C  C   . ASP B 2 62 ? -1.664  13.669  4.414   1.00 17.63 ? 137 ASP B C   1 
ATOM   1119 O  O   . ASP B 2 62 ? -0.703  14.387  4.706   1.00 17.73 ? 137 ASP B O   1 
ATOM   1120 C  CB  . ASP B 2 62 ? -2.619  14.106  2.162   1.00 18.36 ? 137 ASP B CB  1 
ATOM   1121 C  CG  . ASP B 2 62 ? -2.492  13.875  0.661   1.00 24.43 ? 137 ASP B CG  1 
ATOM   1122 O  OD1 . ASP B 2 62 ? -1.568  13.163  0.224   1.00 23.61 ? 137 ASP B OD1 1 
ATOM   1123 O  OD2 . ASP B 2 62 ? -3.327  14.439  -0.084  1.00 24.62 ? 137 ASP B OD2 1 
ATOM   1124 N  N   . GLN B 2 63 ? -2.628  13.367  5.280   1.00 16.17 ? 138 GLN B N   1 
ATOM   1125 C  CA  . GLN B 2 63 ? -2.603  13.883  6.646   1.00 16.51 ? 138 GLN B CA  1 
ATOM   1126 C  C   . GLN B 2 63 ? -1.665  13.035  7.497   1.00 17.45 ? 138 GLN B C   1 
ATOM   1127 O  O   . GLN B 2 63 ? -1.786  11.820  7.538   1.00 15.01 ? 138 GLN B O   1 
ATOM   1128 C  CB  . GLN B 2 63 ? -4.006  13.900  7.251   1.00 16.11 ? 138 GLN B CB  1 
ATOM   1129 C  CG  . GLN B 2 63 ? -4.031  14.380  8.699   1.00 16.06 ? 138 GLN B CG  1 
ATOM   1130 C  CD  . GLN B 2 63 ? -5.431  14.592  9.221   1.00 20.93 ? 138 GLN B CD  1 
ATOM   1131 O  OE1 . GLN B 2 63 ? -6.242  15.272  8.589   1.00 24.15 ? 138 GLN B OE1 1 
ATOM   1132 N  NE2 . GLN B 2 63 ? -5.724  14.023  10.391  1.00 17.58 ? 138 GLN B NE2 1 
ATOM   1133 N  N   . LYS B 2 64 ? -0.724  13.686  8.173   1.00 15.02 ? 139 LYS B N   1 
ATOM   1134 C  CA  . LYS B 2 64 ? 0.338   12.969  8.866   1.00 14.47 ? 139 LYS B CA  1 
ATOM   1135 C  C   . LYS B 2 64 ? -0.125  12.410  10.205  1.00 13.02 ? 139 LYS B C   1 
ATOM   1136 O  O   . LYS B 2 64 ? 0.182   11.262  10.538  1.00 16.70 ? 139 LYS B O   1 
ATOM   1137 C  CB  . LYS B 2 64 ? 1.542   13.885  9.091   1.00 16.51 ? 139 LYS B CB  1 
ATOM   1138 C  CG  . LYS B 2 64 ? 2.114   14.456  7.804   1.00 18.71 ? 139 LYS B CG  1 
ATOM   1139 C  CD  . LYS B 2 64 ? 2.446   13.351  6.829   1.00 19.31 ? 139 LYS B CD  1 
ATOM   1140 C  CE  . LYS B 2 64 ? 3.024   13.912  5.530   1.00 18.29 ? 139 LYS B CE  1 
ATOM   1141 N  NZ  . LYS B 2 64 ? 2.100   14.861  4.845   1.00 18.27 ? 139 LYS B NZ  1 
ATOM   1142 N  N   . GLU B 2 65 ? -0.862  13.221  10.957  1.00 13.32 ? 140 GLU B N   1 
ATOM   1143 C  CA  . GLU B 2 65 ? -1.271  12.853  12.316  1.00 13.12 ? 140 GLU B CA  1 
ATOM   1144 C  C   . GLU B 2 65 ? -2.691  12.304  12.353  1.00 16.48 ? 140 GLU B C   1 
ATOM   1145 O  O   . GLU B 2 65 ? -3.649  12.996  11.995  1.00 16.38 ? 140 GLU B O   1 
ATOM   1146 C  CB  . GLU B 2 65 ? -1.170  14.050  13.265  1.00 15.70 ? 140 GLU B CB  1 
ATOM   1147 C  CG  . GLU B 2 65 ? -1.652  13.728  14.686  1.00 16.22 ? 140 GLU B CG  1 
ATOM   1148 C  CD  . GLU B 2 65 ? -1.703  14.950  15.584  1.00 19.95 ? 140 GLU B CD  1 
ATOM   1149 O  OE1 . GLU B 2 65 ? -2.303  15.975  15.190  1.00 27.98 ? 140 GLU B OE1 1 
ATOM   1150 O  OE2 . GLU B 2 65 ? -1.137  14.883  16.685  1.00 21.04 ? 140 GLU B OE2 1 
ATOM   1151 N  N   . HIS B 2 66 ? -2.819  11.061  12.800  1.00 14.04 ? 141 HIS B N   1 
ATOM   1152 C  CA  . HIS B 2 66 ? -4.128  10.475  13.028  1.00 12.52 ? 141 HIS B CA  1 
ATOM   1153 C  C   . HIS B 2 66 ? -4.186  9.993   14.459  1.00 12.72 ? 141 HIS B C   1 
ATOM   1154 O  O   . HIS B 2 66 ? -3.377  9.171   14.885  1.00 12.73 ? 141 HIS B O   1 
ATOM   1155 C  CB  . HIS B 2 66 ? -4.412  9.328   12.061  1.00 12.65 ? 141 HIS B CB  1 
ATOM   1156 C  CG  . HIS B 2 66 ? -4.537  9.777   10.636  1.00 8.96  ? 141 HIS B CG  1 
ATOM   1157 N  ND1 . HIS B 2 66 ? -5.690  10.330  10.133  1.00 12.96 ? 141 HIS B ND1 1 
ATOM   1158 C  CD2 . HIS B 2 66 ? -3.634  9.773   9.622   1.00 14.18 ? 141 HIS B CD2 1 
ATOM   1159 C  CE1 . HIS B 2 66 ? -5.497  10.645  8.855   1.00 13.29 ? 141 HIS B CE1 1 
ATOM   1160 N  NE2 . HIS B 2 66 ? -4.274  10.314  8.530   1.00 14.12 ? 141 HIS B NE2 1 
ATOM   1161 N  N   . LYS B 2 67 ? -5.125  10.544  15.209  1.00 14.92 ? 142 LYS B N   1 
ATOM   1162 C  CA  . LYS B 2 67 ? -5.320  10.104  16.572  1.00 12.08 ? 142 LYS B CA  1 
ATOM   1163 C  C   . LYS B 2 67 ? -6.813  9.945   16.814  1.00 12.54 ? 142 LYS B C   1 
ATOM   1164 O  O   . LYS B 2 67 ? -7.637  10.660  16.235  1.00 14.40 ? 142 LYS B O   1 
ATOM   1165 C  CB  . LYS B 2 67 ? -4.684  11.090  17.549  1.00 19.04 ? 142 LYS B CB  1 
ATOM   1166 C  CG  . LYS B 2 67 ? -5.092  12.519  17.322  1.00 21.68 ? 142 LYS B CG  1 
ATOM   1167 C  CD  . LYS B 2 67 ? -4.181  13.503  18.068  1.00 25.08 ? 142 LYS B CD  1 
ATOM   1168 C  CE  . LYS B 2 67 ? -4.516  14.945  17.678  1.00 31.67 ? 142 LYS B CE  1 
ATOM   1169 N  NZ  . LYS B 2 67 ? -3.543  15.955  18.224  1.00 29.57 ? 142 LYS B NZ  1 
ATOM   1170 N  N   . LEU B 2 68 ? -7.158  8.975   17.649  1.00 14.81 ? 143 LEU B N   1 
ATOM   1171 C  CA  . LEU B 2 68 ? -8.549  8.653   17.908  1.00 14.47 ? 143 LEU B CA  1 
ATOM   1172 C  C   . LEU B 2 68 ? -8.637  8.095   19.321  1.00 13.41 ? 143 LEU B C   1 
ATOM   1173 O  O   . LEU B 2 68 ? -7.921  7.157   19.663  1.00 13.34 ? 143 LEU B O   1 
ATOM   1174 C  CB  . LEU B 2 68 ? -9.073  7.653   16.869  1.00 13.36 ? 143 LEU B CB  1 
ATOM   1175 C  CG  . LEU B 2 68 ? -10.526 7.181   16.998  1.00 13.68 ? 143 LEU B CG  1 
ATOM   1176 C  CD1 . LEU B 2 68 ? -11.517 8.323   16.942  1.00 13.97 ? 143 LEU B CD1 1 
ATOM   1177 C  CD2 . LEU B 2 68 ? -10.834 6.184   15.899  1.00 15.40 ? 143 LEU B CD2 1 
ATOM   1178 N  N   . ASN B 2 69 ? -9.477  8.711   20.147  1.00 14.13 ? 144 ASN B N   1 
ATOM   1179 C  CA  . ASN B 2 69 ? -9.612  8.294   21.542  1.00 14.29 ? 144 ASN B CA  1 
ATOM   1180 C  C   . ASN B 2 69 ? -8.268  8.300   22.283  1.00 15.95 ? 144 ASN B C   1 
ATOM   1181 O  O   . ASN B 2 69 ? -7.986  7.425   23.105  1.00 19.44 ? 144 ASN B O   1 
ATOM   1182 C  CB  . ASN B 2 69 ? -10.276 6.909   21.603  1.00 13.07 ? 144 ASN B CB  1 
ATOM   1183 C  CG  . ASN B 2 69 ? -11.720 6.947   21.138  1.00 16.36 ? 144 ASN B CG  1 
ATOM   1184 O  OD1 . ASN B 2 69 ? -12.436 7.917   21.401  1.00 19.29 ? 144 ASN B OD1 1 
ATOM   1185 N  ND2 . ASN B 2 69 ? -12.152 5.904   20.425  1.00 13.57 ? 144 ASN B ND2 1 
ATOM   1186 N  N   . GLY B 2 70 ? -7.439  9.297   21.973  1.00 18.15 ? 145 GLY B N   1 
ATOM   1187 C  CA  . GLY B 2 70 ? -6.188  9.508   22.681  1.00 21.06 ? 145 GLY B CA  1 
ATOM   1188 C  C   . GLY B 2 70 ? -5.057  8.581   22.280  1.00 24.07 ? 145 GLY B C   1 
ATOM   1189 O  O   . GLY B 2 70 ? -4.040  8.488   22.969  1.00 30.64 ? 145 GLY B O   1 
ATOM   1190 N  N   . LYS B 2 71 ? -5.238  7.875   21.170  1.00 18.36 ? 146 LYS B N   1 
ATOM   1191 C  CA  . LYS B 2 71 ? -4.235  6.944   20.706  1.00 15.91 ? 146 LYS B CA  1 
ATOM   1192 C  C   . LYS B 2 71 ? -3.893  7.273   19.263  1.00 16.52 ? 146 LYS B C   1 
ATOM   1193 O  O   . LYS B 2 71 ? -4.768  7.635   18.475  1.00 15.91 ? 146 LYS B O   1 
ATOM   1194 C  CB  . LYS B 2 71 ? -4.728  5.499   20.832  1.00 19.16 ? 146 LYS B CB  1 
ATOM   1195 C  CG  . LYS B 2 71 ? -3.641  4.448   20.621  1.00 22.18 ? 146 LYS B CG  1 
ATOM   1196 C  CD  . LYS B 2 71 ? -4.005  3.131   21.295  1.00 26.25 ? 146 LYS B CD  1 
ATOM   1197 C  CE  . LYS B 2 71 ? -2.950  2.061   21.050  1.00 26.82 ? 146 LYS B CE  1 
ATOM   1198 N  NZ  . LYS B 2 71 ? -2.456  2.081   19.643  1.00 29.53 ? 146 LYS B NZ  1 
ATOM   1199 N  N   . VAL B 2 72 ? -2.610  7.187   18.940  1.00 14.91 ? 147 VAL B N   1 
ATOM   1200 C  CA  . VAL B 2 72 ? -2.166  7.359   17.567  1.00 15.98 ? 147 VAL B CA  1 
ATOM   1201 C  C   . VAL B 2 72 ? -2.576  6.129   16.762  1.00 15.00 ? 147 VAL B C   1 
ATOM   1202 O  O   . VAL B 2 72 ? -2.290  4.999   17.159  1.00 12.81 ? 147 VAL B O   1 
ATOM   1203 C  CB  . VAL B 2 72 ? -0.638  7.551   17.487  1.00 15.70 ? 147 VAL B CB  1 
ATOM   1204 C  CG1 . VAL B 2 72 ? -0.190  7.589   16.037  1.00 16.98 ? 147 VAL B CG1 1 
ATOM   1205 C  CG2 . VAL B 2 72 ? -0.226  8.816   18.224  1.00 18.49 ? 147 VAL B CG2 1 
ATOM   1206 N  N   . ILE B 2 73 ? -3.245  6.338   15.629  1.00 12.16 ? 148 ILE B N   1 
ATOM   1207 C  CA  . ILE B 2 73 ? -3.665  5.212   14.806  1.00 11.71 ? 148 ILE B CA  1 
ATOM   1208 C  C   . ILE B 2 73 ? -2.983  5.298   13.438  1.00 15.62 ? 148 ILE B C   1 
ATOM   1209 O  O   . ILE B 2 73 ? -2.456  6.354   13.069  1.00 15.22 ? 148 ILE B O   1 
ATOM   1210 C  CB  . ILE B 2 73 ? -5.199  5.164   14.641  1.00 9.90  ? 148 ILE B CB  1 
ATOM   1211 C  CG1 . ILE B 2 73 ? -5.713  6.388   13.886  1.00 12.30 ? 148 ILE B CG1 1 
ATOM   1212 C  CG2 . ILE B 2 73 ? -5.876  5.060   16.009  1.00 13.08 ? 148 ILE B CG2 1 
ATOM   1213 C  CD1 . ILE B 2 73 ? -7.189  6.276   13.514  1.00 12.48 ? 148 ILE B CD1 1 
ATOM   1214 N  N   . ASP B 2 74 ? -2.980  4.190   12.697  1.00 13.04 ? 149 ASP B N   1 
ATOM   1215 C  CA  . ASP B 2 74 ? -2.203  4.118   11.460  1.00 16.76 ? 149 ASP B CA  1 
ATOM   1216 C  C   . ASP B 2 74 ? -2.982  3.603   10.273  1.00 13.27 ? 149 ASP B C   1 
ATOM   1217 O  O   . ASP B 2 74 ? -3.065  2.399   10.029  1.00 14.08 ? 149 ASP B O   1 
ATOM   1218 C  CB  . ASP B 2 74 ? -0.971  3.248   11.650  1.00 22.04 ? 149 ASP B CB  1 
ATOM   1219 C  CG  . ASP B 2 74 ? 0.094   3.950   12.440  1.00 29.38 ? 149 ASP B CG  1 
ATOM   1220 O  OD1 . ASP B 2 74 ? 0.743   4.871   11.893  1.00 28.67 ? 149 ASP B OD1 1 
ATOM   1221 O  OD2 . ASP B 2 74 ? 0.271   3.585   13.610  1.00 27.91 ? 149 ASP B OD2 1 
ATOM   1222 N  N   . PRO B 2 75 ? -3.553  4.533   9.517   1.00 14.73 ? 150 PRO B N   1 
ATOM   1223 C  CA  . PRO B 2 75 ? -4.252  4.160   8.288   1.00 14.62 ? 150 PRO B CA  1 
ATOM   1224 C  C   . PRO B 2 75 ? -3.287  3.723   7.182   1.00 13.53 ? 150 PRO B C   1 
ATOM   1225 O  O   . PRO B 2 75 ? -2.275  4.377   6.955   1.00 14.71 ? 150 PRO B O   1 
ATOM   1226 C  CB  . PRO B 2 75 ? -4.984  5.441   7.904   1.00 14.83 ? 150 PRO B CB  1 
ATOM   1227 C  CG  . PRO B 2 75 ? -5.009  6.289   9.139   1.00 14.62 ? 150 PRO B CG  1 
ATOM   1228 C  CD  . PRO B 2 75 ? -3.756  5.945   9.879   1.00 14.84 ? 150 PRO B CD  1 
ATOM   1229 N  N   . LYS B 2 76 ? -3.609  2.620   6.524   1.00 11.46 ? 151 LYS B N   1 
ATOM   1230 C  CA  . LYS B 2 76 ? -2.825  2.109   5.414   1.00 16.40 ? 151 LYS B CA  1 
ATOM   1231 C  C   . LYS B 2 76 ? -3.695  1.815   4.200   1.00 15.13 ? 151 LYS B C   1 
ATOM   1232 O  O   . LYS B 2 76 ? -4.835  1.367   4.327   1.00 14.39 ? 151 LYS B O   1 
ATOM   1233 C  CB  . LYS B 2 76 ? -2.088  0.833   5.832   1.00 16.31 ? 151 LYS B CB  1 
ATOM   1234 C  CG  . LYS B 2 76 ? -0.865  1.072   6.689   1.00 19.88 ? 151 LYS B CG  1 
ATOM   1235 C  CD  . LYS B 2 76 ? 0.114   1.969   5.947   1.00 26.18 ? 151 LYS B CD  1 
ATOM   1236 C  CE  . LYS B 2 76 ? 1.502   1.941   6.560   1.00 26.90 ? 151 LYS B CE  1 
ATOM   1237 N  NZ  . LYS B 2 76 ? 2.322   3.086   6.043   1.00 24.97 ? 151 LYS B NZ  1 
ATOM   1238 N  N   . ARG B 2 77 ? -3.152  2.046   3.010   1.00 13.02 ? 152 ARG B N   1 
ATOM   1239 C  CA  . ARG B 2 77 ? -3.813  1.578   1.806   1.00 13.08 ? 152 ARG B CA  1 
ATOM   1240 C  C   . ARG B 2 77 ? -3.935  0.056   1.850   1.00 15.93 ? 152 ARG B C   1 
ATOM   1241 O  O   . ARG B 2 77 ? -3.004  -0.627  2.274   1.00 15.14 ? 152 ARG B O   1 
ATOM   1242 C  CB  . ARG B 2 77 ? -3.032  2.005   0.560   1.00 14.11 ? 152 ARG B CB  1 
ATOM   1243 C  CG  . ARG B 2 77 ? -2.811  3.487   0.460   1.00 14.80 ? 152 ARG B CG  1 
ATOM   1244 C  CD  . ARG B 2 77 ? -1.992  3.867   -0.782  1.00 13.63 ? 152 ARG B CD  1 
ATOM   1245 N  NE  . ARG B 2 77 ? -1.931  5.322   -0.898  1.00 13.83 ? 152 ARG B NE  1 
ATOM   1246 C  CZ  . ARG B 2 77 ? -2.861  6.050   -1.500  1.00 14.72 ? 152 ARG B CZ  1 
ATOM   1247 N  NH1 . ARG B 2 77 ? -3.917  5.458   -2.046  1.00 17.50 ? 152 ARG B NH1 1 
ATOM   1248 N  NH2 . ARG B 2 77 ? -2.741  7.360   -1.544  1.00 13.66 ? 152 ARG B NH2 1 
ATOM   1249 N  N   . ALA B 2 78 ? -5.071  -0.465  1.395   1.00 15.12 ? 153 ALA B N   1 
ATOM   1250 C  CA  . ALA B 2 78 ? -5.310  -1.908  1.381   1.00 20.41 ? 153 ALA B CA  1 
ATOM   1251 C  C   . ALA B 2 78 ? -4.203  -2.681  0.651   1.00 21.04 ? 153 ALA B C   1 
ATOM   1252 O  O   . ALA B 2 78 ? -3.820  -3.771  1.075   1.00 19.87 ? 153 ALA B O   1 
ATOM   1253 C  CB  . ALA B 2 78 ? -6.664  -2.214  0.749   1.00 19.03 ? 153 ALA B CB  1 
ATOM   1254 N  N   . LYS B 2 79 ? -3.675  -2.107  -0.428  1.00 21.84 ? 154 LYS B N   1 
ATOM   1255 C  CA  . LYS B 2 79 ? -2.651  -2.792  -1.216  1.00 22.51 ? 154 LYS B CA  1 
ATOM   1256 C  C   . LYS B 2 79 ? -1.348  -2.979  -0.437  1.00 25.49 ? 154 LYS B C   1 
ATOM   1257 O  O   . LYS B 2 79 ? -0.519  -3.821  -0.801  1.00 25.51 ? 154 LYS B O   1 
ATOM   1258 C  CB  . LYS B 2 79 ? -2.371  -2.031  -2.512  1.00 21.27 ? 154 LYS B CB  1 
ATOM   1259 C  CG  . LYS B 2 79 ? -1.706  -0.678  -2.321  1.00 22.32 ? 154 LYS B CG  1 
ATOM   1260 C  CD  . LYS B 2 79 ? -1.551  0.032   -3.669  1.00 24.91 ? 154 LYS B CD  1 
ATOM   1261 C  CE  . LYS B 2 79 ? -0.749  1.310   -3.528  1.00 21.31 ? 154 LYS B CE  1 
ATOM   1262 N  NZ  . LYS B 2 79 ? -0.772  2.108   -4.787  1.00 22.05 ? 154 LYS B NZ  1 
ATOM   1263 N  N   . ALA B 2 80 ? -1.174  -2.193  0.627   1.00 19.48 ? 155 ALA B N   1 
ATOM   1264 C  CA  . ALA B 2 80 ? 0.051   -2.225  1.418   1.00 22.00 ? 155 ALA B CA  1 
ATOM   1265 C  C   . ALA B 2 80 ? 0.062   -3.385  2.401   1.00 25.14 ? 155 ALA B C   1 
ATOM   1266 O  O   . ALA B 2 80 ? 1.084   -3.662  3.019   1.00 28.83 ? 155 ALA B O   1 
ATOM   1267 C  CB  . ALA B 2 80 ? 0.241   -0.908  2.165   1.00 21.68 ? 155 ALA B CB  1 
HETATM 1268 N  N   . MSE B 2 81 ? -1.073  -4.063  2.536   1.00 25.38 ? 156 MSE B N   1 
HETATM 1269 C  CA  . MSE B 2 81 ? -1.184  -5.168  3.485   1.00 28.11 ? 156 MSE B CA  1 
HETATM 1270 C  C   . MSE B 2 81 ? -0.318  -6.353  3.079   1.00 30.36 ? 156 MSE B C   1 
HETATM 1271 O  O   . MSE B 2 81 ? -0.296  -6.760  1.907   1.00 28.26 ? 156 MSE B O   1 
HETATM 1272 C  CB  . MSE B 2 81 ? -2.642  -5.608  3.627   1.00 30.39 ? 156 MSE B CB  1 
HETATM 1273 C  CG  . MSE B 2 81 ? -3.578  -4.529  4.152   1.00 34.13 ? 156 MSE B CG  1 
HETATM 1274 SE SE  . MSE B 2 81 ? -5.377  -5.228  4.495   1.00 78.52 ? 156 MSE B SE  1 
HETATM 1275 C  CE  . MSE B 2 81 ? -4.920  -6.560  5.849   1.00 35.44 ? 156 MSE B CE  1 
ATOM   1276 N  N   . ALA B 2 82 ? 0.405   -6.893  4.056   1.00 31.31 ? 157 ALA B N   1 
ATOM   1277 C  CA  . ALA B 2 82 ? 1.279   -8.034  3.822   1.00 34.66 ? 157 ALA B CA  1 
ATOM   1278 C  C   . ALA B 2 82 ? 0.509   -9.341  3.972   1.00 41.99 ? 157 ALA B C   1 
ATOM   1279 O  O   . ALA B 2 82 ? -0.163  -9.782  3.041   1.00 45.00 ? 157 ALA B O   1 
ATOM   1280 C  CB  . ALA B 2 82 ? 2.469   -7.999  4.777   1.00 33.85 ? 157 ALA B CB  1 
HETATM 1281 O  O   . HOH C 3 .  ? 7.175   8.310   -7.554  1.00 27.95 ? 201 HOH A O   1 
HETATM 1282 O  O   . HOH C 3 .  ? 20.663  1.957   2.183   1.00 37.81 ? 202 HOH A O   1 
HETATM 1283 O  O   . HOH C 3 .  ? -3.152  5.543   -11.181 1.00 23.38 ? 203 HOH A O   1 
HETATM 1284 O  O   . HOH C 3 .  ? -0.498  -0.255  -17.176 1.00 22.99 ? 204 HOH A O   1 
HETATM 1285 O  O   . HOH C 3 .  ? 16.460  0.082   0.305   1.00 14.33 ? 205 HOH A O   1 
HETATM 1286 O  O   . HOH C 3 .  ? 12.446  0.433   10.024  1.00 25.19 ? 206 HOH A O   1 
HETATM 1287 O  O   . HOH C 3 .  ? 11.389  -6.497  -21.336 1.00 28.63 ? 207 HOH A O   1 
HETATM 1288 O  O   . HOH C 3 .  ? 19.373  6.707   -10.704 1.00 30.81 ? 208 HOH A O   1 
HETATM 1289 O  O   . HOH C 3 .  ? 3.088   10.382  -2.260  1.00 43.11 ? 209 HOH A O   1 
HETATM 1290 O  O   . HOH C 3 .  ? -8.086  8.235   -6.422  1.00 24.22 ? 210 HOH A O   1 
HETATM 1291 O  O   . HOH C 3 .  ? 7.181   -13.161 -7.192  1.00 31.05 ? 211 HOH A O   1 
HETATM 1292 O  O   . HOH C 3 .  ? 12.809  -14.522 -28.605 1.00 29.82 ? 212 HOH A O   1 
HETATM 1293 O  O   . HOH C 3 .  ? -0.477  2.687   2.685   1.00 22.99 ? 213 HOH A O   1 
HETATM 1294 O  O   . HOH C 3 .  ? -4.081  4.217   -7.135  1.00 28.95 ? 214 HOH A O   1 
HETATM 1295 O  O   . HOH C 3 .  ? 20.059  -8.150  -0.318  1.00 28.69 ? 215 HOH A O   1 
HETATM 1296 O  O   . HOH C 3 .  ? 21.886  -1.312  -8.289  1.00 37.72 ? 216 HOH A O   1 
HETATM 1297 O  O   . HOH C 3 .  ? 7.965   -4.734  3.564   1.00 23.80 ? 217 HOH A O   1 
HETATM 1298 O  O   . HOH C 3 .  ? 17.242  -12.058 -2.736  1.00 27.13 ? 218 HOH A O   1 
HETATM 1299 O  O   . HOH C 3 .  ? -0.422  -1.399  -14.211 1.00 28.14 ? 219 HOH A O   1 
HETATM 1300 O  O   . HOH C 3 .  ? 21.190  -8.079  -12.780 1.00 26.74 ? 220 HOH A O   1 
HETATM 1301 O  O   . HOH C 3 .  ? 16.677  -8.887  -18.598 1.00 27.58 ? 221 HOH A O   1 
HETATM 1302 O  O   . HOH C 3 .  ? 8.184   -5.521  -22.839 1.00 28.50 ? 222 HOH A O   1 
HETATM 1303 O  O   . HOH C 3 .  ? 14.043  -16.337 -17.625 1.00 17.68 ? 223 HOH A O   1 
HETATM 1304 O  O   . HOH C 3 .  ? 3.145   0.701   3.347   1.00 24.51 ? 224 HOH A O   1 
HETATM 1305 O  O   . HOH C 3 .  ? 0.628   -1.863  -6.811  1.00 21.22 ? 225 HOH A O   1 
HETATM 1306 O  O   . HOH C 3 .  ? 9.394   -14.041 -13.956 1.00 18.98 ? 226 HOH A O   1 
HETATM 1307 O  O   . HOH C 3 .  ? 16.363  6.032   -16.896 1.00 20.04 ? 227 HOH A O   1 
HETATM 1308 O  O   . HOH C 3 .  ? 3.432   -0.980  4.849   1.00 33.65 ? 228 HOH A O   1 
HETATM 1309 O  O   . HOH C 3 .  ? 9.506   -3.412  6.355   1.00 27.28 ? 229 HOH A O   1 
HETATM 1310 O  O   . HOH C 3 .  ? 1.140   -3.830  -19.149 1.00 44.32 ? 230 HOH A O   1 
HETATM 1311 O  O   . HOH C 3 .  ? 6.785   1.233   -17.526 1.00 12.52 ? 231 HOH A O   1 
HETATM 1312 O  O   . HOH C 3 .  ? 15.772  -16.354 -21.526 1.00 35.18 ? 232 HOH A O   1 
HETATM 1313 O  O   . HOH C 3 .  ? 10.813  -14.766 -16.527 1.00 18.20 ? 233 HOH A O   1 
HETATM 1314 O  O   . HOH C 3 .  ? 8.745   7.951   -16.628 1.00 19.86 ? 234 HOH A O   1 
HETATM 1315 O  O   . HOH C 3 .  ? 8.629   6.746   -22.994 1.00 21.99 ? 235 HOH A O   1 
HETATM 1316 O  O   . HOH C 3 .  ? 17.125  -19.551 -19.815 1.00 22.58 ? 236 HOH A O   1 
HETATM 1317 O  O   . HOH C 3 .  ? 10.189  8.056   -21.105 1.00 16.37 ? 237 HOH A O   1 
HETATM 1318 O  O   . HOH C 3 .  ? 13.301  5.894   5.212   1.00 34.87 ? 238 HOH A O   1 
HETATM 1319 O  O   . HOH C 3 .  ? 5.071   8.663   -16.882 1.00 25.56 ? 239 HOH A O   1 
HETATM 1320 O  O   . HOH C 3 .  ? 0.485   2.027   -9.347  1.00 15.17 ? 240 HOH A O   1 
HETATM 1321 O  O   . HOH C 3 .  ? 5.937   4.003   -23.267 1.00 21.39 ? 241 HOH A O   1 
HETATM 1322 O  O   . HOH C 3 .  ? 16.931  8.014   -8.588  1.00 29.64 ? 242 HOH A O   1 
HETATM 1323 O  O   . HOH C 3 .  ? 14.460  -4.130  7.217   1.00 27.20 ? 243 HOH A O   1 
HETATM 1324 O  O   . HOH C 3 .  ? 8.594   -7.566  -0.344  1.00 25.21 ? 244 HOH A O   1 
HETATM 1325 O  O   . HOH C 3 .  ? 22.522  -3.472  -11.291 1.00 35.97 ? 245 HOH A O   1 
HETATM 1326 O  O   . HOH C 3 .  ? 20.203  -6.039  2.160   1.00 38.96 ? 246 HOH A O   1 
HETATM 1327 O  O   . HOH C 3 .  ? 10.428  -7.734  -19.354 1.00 22.66 ? 247 HOH A O   1 
HETATM 1328 O  O   . HOH C 3 .  ? 11.076  -8.543  2.811   1.00 30.88 ? 248 HOH A O   1 
HETATM 1329 O  O   . HOH C 3 .  ? 11.289  -9.622  0.161   1.00 26.08 ? 249 HOH A O   1 
HETATM 1330 O  O   . HOH C 3 .  ? 2.796   9.065   -9.018  1.00 36.03 ? 250 HOH A O   1 
HETATM 1331 O  O   . HOH C 3 .  ? 4.391   8.527   1.403   1.00 34.46 ? 251 HOH A O   1 
HETATM 1332 O  O   . HOH C 3 .  ? 15.062  -10.031 -25.022 1.00 29.45 ? 252 HOH A O   1 
HETATM 1333 O  O   . HOH C 3 .  ? 19.805  2.722   -5.516  1.00 23.09 ? 253 HOH A O   1 
HETATM 1334 O  O   . HOH C 3 .  ? 16.685  -18.233 -25.127 1.00 31.72 ? 254 HOH A O   1 
HETATM 1335 O  O   . HOH C 3 .  ? 3.433   -4.948  -19.356 1.00 16.15 ? 255 HOH A O   1 
HETATM 1336 O  O   . HOH C 3 .  ? 21.324  4.509   -13.383 1.00 29.07 ? 256 HOH A O   1 
HETATM 1337 O  O   . HOH C 3 .  ? 13.360  7.506   0.562   1.00 32.92 ? 257 HOH A O   1 
HETATM 1338 O  O   . HOH C 3 .  ? 4.795   7.854   -10.218 1.00 20.45 ? 258 HOH A O   1 
HETATM 1339 O  O   . HOH C 3 .  ? 14.492  2.916   2.761   1.00 25.02 ? 259 HOH A O   1 
HETATM 1340 O  O   . HOH C 3 .  ? -1.753  -0.870  -10.559 1.00 26.23 ? 260 HOH A O   1 
HETATM 1341 O  O   . HOH C 3 .  ? 23.345  -0.574  -4.851  1.00 33.04 ? 261 HOH A O   1 
HETATM 1342 O  O   . HOH C 3 .  ? 18.459  5.887   -18.802 1.00 22.95 ? 262 HOH A O   1 
HETATM 1343 O  O   . HOH C 3 .  ? -0.846  5.917   -20.968 1.00 49.48 ? 263 HOH A O   1 
HETATM 1344 O  O   . HOH C 3 .  ? 13.436  -2.079  -23.148 1.00 26.41 ? 264 HOH A O   1 
HETATM 1345 O  O   . HOH C 3 .  ? 8.020   -20.040 -23.868 1.00 28.54 ? 265 HOH A O   1 
HETATM 1346 O  O   . HOH C 3 .  ? 0.868   9.137   -2.880  1.00 23.30 ? 266 HOH A O   1 
HETATM 1347 O  O   . HOH C 3 .  ? 6.422   -19.950 -20.048 1.00 32.51 ? 267 HOH A O   1 
HETATM 1348 O  O   . HOH C 3 .  ? 15.259  1.411   9.971   1.00 29.30 ? 268 HOH A O   1 
HETATM 1349 O  O   . HOH C 3 .  ? 16.672  -1.558  7.448   1.00 31.59 ? 269 HOH A O   1 
HETATM 1350 O  O   . HOH C 3 .  ? 18.137  3.255   -20.403 1.00 21.50 ? 270 HOH A O   1 
HETATM 1351 O  O   . HOH C 3 .  ? 19.748  -7.593  -15.455 1.00 31.73 ? 271 HOH A O   1 
HETATM 1352 O  O   . HOH C 3 .  ? 1.252   8.882   -6.743  1.00 23.87 ? 272 HOH A O   1 
HETATM 1353 O  O   . HOH C 3 .  ? 10.229  -3.460  -20.722 1.00 24.17 ? 273 HOH A O   1 
HETATM 1354 O  O   . HOH C 3 .  ? 1.686   -6.909  -2.521  1.00 21.58 ? 274 HOH A O   1 
HETATM 1355 O  O   . HOH C 3 .  ? 8.620   -20.493 -20.771 1.00 22.18 ? 275 HOH A O   1 
HETATM 1356 O  O   . HOH C 3 .  ? -7.163  10.409  -8.728  1.00 27.34 ? 276 HOH A O   1 
HETATM 1357 O  O   . HOH C 3 .  ? 19.247  -0.374  -18.791 1.00 17.42 ? 277 HOH A O   1 
HETATM 1358 O  O   . HOH C 3 .  ? 17.535  -2.618  -20.181 1.00 21.35 ? 278 HOH A O   1 
HETATM 1359 O  O   . HOH C 3 .  ? 6.257   -4.647  -22.055 1.00 25.42 ? 279 HOH A O   1 
HETATM 1360 O  O   . HOH C 3 .  ? 20.591  -2.498  -10.342 1.00 32.39 ? 280 HOH A O   1 
HETATM 1361 O  O   . HOH C 3 .  ? -5.937  5.817   -6.282  1.00 25.56 ? 281 HOH A O   1 
HETATM 1362 O  O   . HOH C 3 .  ? 17.457  -6.918  -17.107 1.00 19.84 ? 282 HOH A O   1 
HETATM 1363 O  O   . HOH C 3 .  ? 7.563   -10.550 -0.627  1.00 31.42 ? 283 HOH A O   1 
HETATM 1364 O  O   . HOH C 3 .  ? -2.869  7.974   -14.218 1.00 31.42 ? 284 HOH A O   1 
HETATM 1365 O  O   . HOH C 3 .  ? 3.792   -1.053  -23.516 1.00 18.77 ? 285 HOH A O   1 
HETATM 1366 O  O   . HOH C 3 .  ? 23.809  1.642   -7.196  1.00 44.75 ? 286 HOH A O   1 
HETATM 1367 O  O   . HOH C 3 .  ? 26.096  0.656   4.487   1.00 39.04 ? 287 HOH A O   1 
HETATM 1368 O  O   . HOH C 3 .  ? 5.975   7.704   2.134   1.00 47.88 ? 288 HOH A O   1 
HETATM 1369 O  O   . HOH C 3 .  ? 18.006  -3.610  6.021   1.00 32.87 ? 289 HOH A O   1 
HETATM 1370 O  O   . HOH C 3 .  ? -1.217  -3.510  -5.569  1.00 28.29 ? 290 HOH A O   1 
HETATM 1371 O  O   . HOH C 3 .  ? 12.694  -9.013  -25.703 1.00 32.51 ? 291 HOH A O   1 
HETATM 1372 O  O   . HOH C 3 .  ? -1.505  -2.846  -17.278 1.00 44.73 ? 292 HOH A O   1 
HETATM 1373 O  O   . HOH C 3 .  ? 25.573  -3.212  4.401   1.00 32.06 ? 293 HOH A O   1 
HETATM 1374 O  O   . HOH C 3 .  ? 17.672  -10.407 3.657   1.00 32.07 ? 294 HOH A O   1 
HETATM 1375 O  O   . HOH C 3 .  ? 16.385  5.178   2.115   1.00 34.86 ? 295 HOH A O   1 
HETATM 1376 O  O   . HOH C 3 .  ? 15.654  -10.728 4.291   1.00 34.29 ? 296 HOH A O   1 
HETATM 1377 O  O   . HOH C 3 .  ? 19.707  -7.837  3.947   1.00 35.04 ? 297 HOH A O   1 
HETATM 1378 O  O   . HOH C 3 .  ? 17.446  -12.635 -24.674 1.00 33.65 ? 298 HOH A O   1 
HETATM 1379 O  O   . HOH C 3 .  ? -2.955  -0.991  -7.645  1.00 38.86 ? 299 HOH A O   1 
HETATM 1380 O  O   . HOH C 3 .  ? 9.113   -6.640  1.924   1.00 25.01 ? 300 HOH A O   1 
HETATM 1381 O  O   . HOH C 3 .  ? -1.926  -9.155  -9.426  1.00 43.82 ? 301 HOH A O   1 
HETATM 1382 O  O   . HOH C 3 .  ? 9.117   -14.963 -6.598  1.00 31.69 ? 302 HOH A O   1 
HETATM 1383 O  O   . HOH C 3 .  ? 4.845   -4.295  -24.012 1.00 24.33 ? 303 HOH A O   1 
HETATM 1384 O  O   . HOH C 3 .  ? 7.840   9.232   -20.004 1.00 30.50 ? 304 HOH A O   1 
HETATM 1385 O  O   . HOH C 3 .  ? 21.077  -0.264  -14.509 1.00 28.77 ? 305 HOH A O   1 
HETATM 1386 O  O   . HOH C 3 .  ? 5.926   7.370   -24.005 1.00 31.28 ? 306 HOH A O   1 
HETATM 1387 O  O   . HOH C 3 .  ? 13.606  11.319  -3.694  1.00 30.74 ? 307 HOH A O   1 
HETATM 1388 O  O   . HOH C 3 .  ? 22.255  3.642   -10.833 1.00 39.11 ? 308 HOH A O   1 
HETATM 1389 O  O   . HOH C 3 .  ? -5.577  7.115   -10.192 1.00 31.99 ? 309 HOH A O   1 
HETATM 1390 O  O   . HOH C 3 .  ? 0.551   -12.041 -5.720  1.00 33.77 ? 310 HOH A O   1 
HETATM 1391 O  O   . HOH C 3 .  ? 20.402  4.701   -3.574  1.00 43.14 ? 311 HOH A O   1 
HETATM 1392 O  O   . HOH C 3 .  ? 22.152  7.633   -11.098 1.00 26.06 ? 312 HOH A O   1 
HETATM 1393 O  O   . HOH C 3 .  ? -2.178  -1.530  -12.901 1.00 31.18 ? 313 HOH A O   1 
HETATM 1394 O  O   . HOH C 3 .  ? -3.699  3.547   -10.049 1.00 33.22 ? 314 HOH A O   1 
HETATM 1395 O  O   . HOH C 3 .  ? -6.899  12.848  -7.641  1.00 25.22 ? 315 HOH A O   1 
HETATM 1396 O  O   . HOH C 3 .  ? 6.182   -14.495 -8.884  1.00 31.21 ? 316 HOH A O   1 
HETATM 1397 O  O   . HOH C 3 .  ? -2.118  1.584   -9.369  1.00 26.56 ? 317 HOH A O   1 
HETATM 1398 O  O   . HOH C 3 .  ? 16.372  -7.533  -21.079 1.00 30.02 ? 318 HOH A O   1 
HETATM 1399 O  O   . HOH C 3 .  ? 18.081  -5.588  -19.251 1.00 21.87 ? 319 HOH A O   1 
HETATM 1400 O  O   . HOH C 3 .  ? 21.674  -4.630  5.690   1.00 32.97 ? 320 HOH A O   1 
HETATM 1401 O  O   . HOH C 3 .  ? 2.407   -1.978  -26.974 1.00 42.99 ? 321 HOH A O   1 
HETATM 1402 O  O   . HOH C 3 .  ? 21.113  8.715   -8.541  1.00 47.14 ? 322 HOH A O   1 
HETATM 1403 O  O   . HOH C 3 .  ? 19.330  -16.092 -24.335 1.00 37.53 ? 323 HOH A O   1 
HETATM 1404 O  O   . HOH D 3 .  ? -4.100  -4.744  17.288  1.00 29.21 ? 201 HOH B O   1 
HETATM 1405 O  O   . HOH D 3 .  ? -9.487  -6.668  4.072   1.00 25.89 ? 202 HOH B O   1 
HETATM 1406 O  O   . HOH D 3 .  ? -7.915  -15.869 16.869  1.00 32.58 ? 203 HOH B O   1 
HETATM 1407 O  O   . HOH D 3 .  ? -9.522  -14.116 14.442  1.00 36.58 ? 204 HOH B O   1 
HETATM 1408 O  O   . HOH D 3 .  ? -7.956  14.235  11.295  1.00 30.25 ? 205 HOH B O   1 
HETATM 1409 O  O   . HOH D 3 .  ? -0.375  1.249   14.223  1.00 29.16 ? 206 HOH B O   1 
HETATM 1410 O  O   . HOH D 3 .  ? -8.560  15.749  9.393   1.00 33.38 ? 207 HOH B O   1 
HETATM 1411 O  O   . HOH D 3 .  ? -5.074  14.107  -1.897  1.00 28.04 ? 208 HOH B O   1 
HETATM 1412 O  O   . HOH D 3 .  ? -19.392 10.346  -4.499  1.00 35.91 ? 209 HOH B O   1 
HETATM 1413 O  O   . HOH D 3 .  ? -10.438 -1.490  18.870  1.00 20.32 ? 210 HOH B O   1 
HETATM 1414 O  O   . HOH D 3 .  ? -19.846 2.816   -3.464  1.00 29.99 ? 211 HOH B O   1 
HETATM 1415 O  O   . HOH D 3 .  ? -3.072  15.646  20.725  1.00 31.14 ? 212 HOH B O   1 
HETATM 1416 O  O   . HOH D 3 .  ? -21.393 -3.712  4.770   1.00 34.78 ? 213 HOH B O   1 
HETATM 1417 O  O   . HOH D 3 .  ? -17.445 -17.249 19.906  1.00 37.18 ? 214 HOH B O   1 
HETATM 1418 O  O   . HOH D 3 .  ? -12.810 -1.759  20.114  1.00 20.36 ? 215 HOH B O   1 
HETATM 1419 O  O   . HOH D 3 .  ? -20.262 -1.090  -1.704  1.00 30.71 ? 216 HOH B O   1 
HETATM 1420 O  O   . HOH D 3 .  ? -15.446 5.141   22.490  1.00 20.17 ? 217 HOH B O   1 
HETATM 1421 O  O   . HOH D 3 .  ? -16.712 13.513  11.168  1.00 16.70 ? 218 HOH B O   1 
HETATM 1422 O  O   . HOH D 3 .  ? -11.877 6.765   -7.174  1.00 18.39 ? 219 HOH B O   1 
HETATM 1423 O  O   . HOH D 3 .  ? -7.260  16.517  6.489   1.00 28.78 ? 220 HOH B O   1 
HETATM 1424 O  O   . HOH D 3 .  ? 1.192   -5.708  -0.068  1.00 28.91 ? 221 HOH B O   1 
HETATM 1425 O  O   . HOH D 3 .  ? -9.881  0.514   -4.922  1.00 20.56 ? 222 HOH B O   1 
HETATM 1426 O  O   . HOH D 3 .  ? -20.457 -4.039  8.457   1.00 28.36 ? 223 HOH B O   1 
HETATM 1427 O  O   . HOH D 3 .  ? -17.973 4.464   -5.503  1.00 25.52 ? 224 HOH B O   1 
HETATM 1428 O  O   . HOH D 3 .  ? -23.032 0.292   4.234   1.00 42.54 ? 225 HOH B O   1 
HETATM 1429 O  O   . HOH D 3 .  ? -22.761 6.235   3.615   1.00 23.91 ? 226 HOH B O   1 
HETATM 1430 O  O   . HOH D 3 .  ? -11.056 13.160  -8.260  1.00 22.45 ? 227 HOH B O   1 
HETATM 1431 O  O   . HOH D 3 .  ? -0.375  0.673   18.721  1.00 31.28 ? 228 HOH B O   1 
HETATM 1432 O  O   . HOH D 3 .  ? -0.780  9.402   6.982   1.00 26.91 ? 229 HOH B O   1 
HETATM 1433 O  O   . HOH D 3 .  ? -5.822  15.446  3.867   1.00 18.78 ? 230 HOH B O   1 
HETATM 1434 O  O   . HOH D 3 .  ? -9.566  12.454  16.855  1.00 24.82 ? 231 HOH B O   1 
HETATM 1435 O  O   . HOH D 3 .  ? -6.468  12.435  -4.881  1.00 19.30 ? 232 HOH B O   1 
HETATM 1436 O  O   . HOH D 3 .  ? -0.908  8.511   12.457  1.00 21.81 ? 233 HOH B O   1 
HETATM 1437 O  O   . HOH D 3 .  ? -18.835 8.108   18.793  1.00 34.05 ? 234 HOH B O   1 
HETATM 1438 O  O   . HOH D 3 .  ? -7.077  11.551  20.477  1.00 24.96 ? 235 HOH B O   1 
HETATM 1439 O  O   . HOH D 3 .  ? -22.356 4.809   0.344   1.00 26.72 ? 236 HOH B O   1 
HETATM 1440 O  O   . HOH D 3 .  ? -8.346  17.874  0.505   1.00 27.79 ? 237 HOH B O   1 
HETATM 1441 O  O   . HOH D 3 .  ? 1.974   17.441  5.759   1.00 25.08 ? 238 HOH B O   1 
HETATM 1442 O  O   . HOH D 3 .  ? -0.484  -5.285  -3.118  1.00 30.00 ? 239 HOH B O   1 
HETATM 1443 O  O   . HOH D 3 .  ? 0.179   11.135  0.817   1.00 30.42 ? 240 HOH B O   1 
HETATM 1444 O  O   . HOH D 3 .  ? -16.147 6.274   -7.768  1.00 23.30 ? 241 HOH B O   1 
HETATM 1445 O  O   . HOH D 3 .  ? -17.730 9.939   -8.151  1.00 28.88 ? 242 HOH B O   1 
HETATM 1446 O  O   . HOH D 3 .  ? -6.299  6.121   -3.560  1.00 23.60 ? 243 HOH B O   1 
HETATM 1447 O  O   . HOH D 3 .  ? -8.369  4.513   18.502  1.00 14.83 ? 244 HOH B O   1 
HETATM 1448 O  O   . HOH D 3 .  ? -20.070 4.807   19.917  1.00 26.37 ? 245 HOH B O   1 
HETATM 1449 O  O   . HOH D 3 .  ? -18.129 13.058  4.988   1.00 19.41 ? 246 HOH B O   1 
HETATM 1450 O  O   . HOH D 3 .  ? -7.877  4.539   -7.024  1.00 25.73 ? 247 HOH B O   1 
HETATM 1451 O  O   . HOH D 3 .  ? -15.394 8.761   -0.057  1.00 12.35 ? 248 HOH B O   1 
HETATM 1452 O  O   . HOH D 3 .  ? -19.326 -4.003  11.718  1.00 29.39 ? 249 HOH B O   1 
HETATM 1453 O  O   . HOH D 3 .  ? -4.641  15.496  13.707  1.00 26.76 ? 250 HOH B O   1 
HETATM 1454 O  O   . HOH D 3 .  ? -17.406 10.053  17.239  1.00 27.15 ? 251 HOH B O   1 
HETATM 1455 O  O   . HOH D 3 .  ? 0.555   0.699   -6.826  1.00 19.02 ? 252 HOH B O   1 
HETATM 1456 O  O   . HOH D 3 .  ? -8.300  5.094   24.799  1.00 29.14 ? 253 HOH B O   1 
HETATM 1457 O  O   . HOH D 3 .  ? -11.246 7.445   25.153  1.00 24.09 ? 254 HOH B O   1 
HETATM 1458 O  O   . HOH D 3 .  ? -14.869 9.644   16.337  1.00 13.71 ? 255 HOH B O   1 
HETATM 1459 O  O   . HOH D 3 .  ? -22.184 3.639   -2.309  1.00 29.25 ? 256 HOH B O   1 
HETATM 1460 O  O   . HOH D 3 .  ? -19.584 8.993   5.892   1.00 17.97 ? 257 HOH B O   1 
HETATM 1461 O  O   . HOH D 3 .  ? -12.444 15.875  15.889  1.00 17.77 ? 258 HOH B O   1 
HETATM 1462 O  O   . HOH D 3 .  ? -6.529  1.916   -0.886  1.00 21.34 ? 259 HOH B O   1 
HETATM 1463 O  O   . HOH D 3 .  ? -1.186  16.056  10.616  1.00 18.22 ? 260 HOH B O   1 
HETATM 1464 O  O   . HOH D 3 .  ? -5.242  16.301  0.992   1.00 24.69 ? 261 HOH B O   1 
HETATM 1465 O  O   . HOH D 3 .  ? -11.084 11.043  19.529  1.00 16.83 ? 262 HOH B O   1 
HETATM 1466 O  O   . HOH D 3 .  ? 0.127   6.717   9.737   1.00 30.68 ? 263 HOH B O   1 
HETATM 1467 O  O   . HOH D 3 .  ? -20.875 1.958   8.599   1.00 29.20 ? 264 HOH B O   1 
HETATM 1468 O  O   . HOH D 3 .  ? -14.777 -11.666 14.286  1.00 38.04 ? 265 HOH B O   1 
HETATM 1469 O  O   . HOH D 3 .  ? -4.268  18.581  17.192  1.00 30.47 ? 266 HOH B O   1 
HETATM 1470 O  O   . HOH D 3 .  ? -20.368 9.498   9.997   1.00 28.01 ? 267 HOH B O   1 
HETATM 1471 O  O   . HOH D 3 .  ? -20.907 11.650  -0.577  1.00 26.19 ? 268 HOH B O   1 
HETATM 1472 O  O   . HOH D 3 .  ? -10.393 -3.521  16.842  1.00 28.66 ? 269 HOH B O   1 
HETATM 1473 O  O   . HOH D 3 .  ? -2.042  10.682  -1.295  1.00 27.73 ? 270 HOH B O   1 
HETATM 1474 O  O   . HOH D 3 .  ? -14.385 -2.157  -2.713  1.00 20.76 ? 271 HOH B O   1 
HETATM 1475 O  O   . HOH D 3 .  ? 1.144   9.783   12.920  1.00 23.77 ? 272 HOH B O   1 
HETATM 1476 O  O   . HOH D 3 .  ? -16.894 11.126  -0.632  1.00 16.46 ? 273 HOH B O   1 
HETATM 1477 O  O   . HOH D 3 .  ? -17.304 -3.982  13.453  1.00 27.00 ? 274 HOH B O   1 
HETATM 1478 O  O   . HOH D 3 .  ? -0.887  14.268  -2.448  1.00 32.01 ? 275 HOH B O   1 
HETATM 1479 O  O   . HOH D 3 .  ? -18.609 -0.949  18.116  1.00 21.71 ? 276 HOH B O   1 
HETATM 1480 O  O   . HOH D 3 .  ? -9.152  -0.204  -2.506  1.00 21.18 ? 277 HOH B O   1 
HETATM 1481 O  O   . HOH D 3 .  ? -0.786  16.657  8.077   1.00 20.32 ? 278 HOH B O   1 
HETATM 1482 O  O   . HOH D 3 .  ? -2.620  -2.710  15.315  1.00 25.54 ? 279 HOH B O   1 
HETATM 1483 O  O   . HOH D 3 .  ? -9.851  -16.749 18.597  1.00 22.18 ? 280 HOH B O   1 
HETATM 1484 O  O   . HOH D 3 .  ? -20.614 1.729   17.407  1.00 24.00 ? 281 HOH B O   1 
HETATM 1485 O  O   . HOH D 3 .  ? -2.297  10.420  21.442  1.00 27.60 ? 282 HOH B O   1 
HETATM 1486 O  O   . HOH D 3 .  ? -0.260  8.778   -0.535  1.00 23.61 ? 283 HOH B O   1 
HETATM 1487 O  O   . HOH D 3 .  ? -4.008  2.636   -3.160  1.00 27.23 ? 284 HOH B O   1 
HETATM 1488 O  O   . HOH D 3 .  ? -6.204  13.164  14.117  1.00 19.97 ? 285 HOH B O   1 
HETATM 1489 O  O   . HOH D 3 .  ? -0.681  6.292   21.112  1.00 27.52 ? 286 HOH B O   1 
HETATM 1490 O  O   . HOH D 3 .  ? -1.255  7.172   7.695   1.00 30.58 ? 287 HOH B O   1 
HETATM 1491 O  O   . HOH D 3 .  ? -12.209 9.477   24.048  1.00 26.49 ? 288 HOH B O   1 
HETATM 1492 O  O   . HOH D 3 .  ? -5.603  0.102   23.356  1.00 21.98 ? 289 HOH B O   1 
HETATM 1493 O  O   . HOH D 3 .  ? 0.090   16.882  2.945   1.00 23.72 ? 290 HOH B O   1 
HETATM 1494 O  O   . HOH D 3 .  ? -5.169  0.155   -2.053  1.00 19.94 ? 291 HOH B O   1 
HETATM 1495 O  O   . HOH D 3 .  ? -9.700  16.014  5.889   1.00 24.67 ? 292 HOH B O   1 
HETATM 1496 O  O   . HOH D 3 .  ? -9.924  -5.485  24.165  1.00 22.49 ? 293 HOH B O   1 
HETATM 1497 O  O   . HOH D 3 .  ? -12.329 -4.466  22.926  1.00 27.87 ? 294 HOH B O   1 
HETATM 1498 O  O   . HOH D 3 .  ? -3.092  0.940   -6.743  1.00 31.45 ? 295 HOH B O   1 
HETATM 1499 O  O   . HOH D 3 .  ? -12.251 -14.386 12.182  1.00 28.77 ? 296 HOH B O   1 
HETATM 1500 O  O   . HOH D 3 .  ? -15.539 0.133   -7.094  1.00 17.14 ? 297 HOH B O   1 
HETATM 1501 O  O   . HOH D 3 .  ? 4.319   0.585   7.153   1.00 34.77 ? 298 HOH B O   1 
HETATM 1502 O  O   . HOH D 3 .  ? -16.565 15.087  8.975   1.00 24.03 ? 299 HOH B O   1 
HETATM 1503 O  O   . HOH D 3 .  ? -2.918  11.690  22.639  1.00 28.23 ? 300 HOH B O   1 
HETATM 1504 O  O   . HOH D 3 .  ? -15.851 -18.524 17.490  1.00 26.30 ? 301 HOH B O   1 
HETATM 1505 O  O   . HOH D 3 .  ? -3.316  16.760  4.773   1.00 24.88 ? 302 HOH B O   1 
HETATM 1506 O  O   . HOH D 3 .  ? -18.571 15.098  6.798   1.00 40.74 ? 303 HOH B O   1 
HETATM 1507 O  O   . HOH D 3 .  ? -3.079  18.003  0.637   1.00 38.73 ? 304 HOH B O   1 
HETATM 1508 O  O   . HOH D 3 .  ? -13.683 11.829  15.079  1.00 15.29 ? 305 HOH B O   1 
HETATM 1509 O  O   . HOH D 3 .  ? -12.560 13.730  -5.824  1.00 21.36 ? 306 HOH B O   1 
HETATM 1510 O  O   . HOH D 3 .  ? -2.342  12.289  -3.429  1.00 40.73 ? 307 HOH B O   1 
HETATM 1511 O  O   . HOH D 3 .  ? -18.245 5.507   22.356  1.00 30.44 ? 308 HOH B O   1 
HETATM 1512 O  O   . HOH D 3 .  ? -18.023 13.297  16.036  1.00 28.53 ? 309 HOH B O   1 
HETATM 1513 O  O   . HOH D 3 .  ? -5.668  -1.211  -3.666  1.00 33.59 ? 310 HOH B O   1 
HETATM 1514 O  O   . HOH D 3 .  ? -17.588 2.299   -7.422  1.00 33.24 ? 311 HOH B O   1 
HETATM 1515 O  O   . HOH D 3 .  ? -22.509 1.946   15.215  1.00 33.17 ? 312 HOH B O   1 
HETATM 1516 O  O   . HOH D 3 .  ? -21.077 -2.395  2.544   1.00 32.98 ? 313 HOH B O   1 
HETATM 1517 O  O   . HOH D 3 .  ? -20.204 11.469  4.804   1.00 22.32 ? 314 HOH B O   1 
HETATM 1518 O  O   . HOH D 3 .  ? -1.001  5.797   23.661  1.00 45.66 ? 315 HOH B O   1 
HETATM 1519 O  O   . HOH D 3 .  ? -8.229  14.555  15.026  1.00 27.50 ? 316 HOH B O   1 
HETATM 1520 O  O   . HOH D 3 .  ? -4.671  12.065  24.919  1.00 36.11 ? 317 HOH B O   1 
HETATM 1521 O  O   . HOH D 3 .  ? -19.788 12.284  -6.470  1.00 45.59 ? 318 HOH B O   1 
HETATM 1522 O  O   . HOH D 3 .  ? -7.036  6.861   27.077  1.00 31.41 ? 319 HOH B O   1 
HETATM 1523 O  O   . HOH D 3 .  ? -7.524  3.511   -2.747  1.00 16.83 ? 320 HOH B O   1 
HETATM 1524 O  O   . HOH D 3 .  ? -7.848  2.449   -5.085  1.00 23.83 ? 321 HOH B O   1 
HETATM 1525 O  O   . HOH D 3 .  ? -20.954 11.934  10.049  1.00 37.00 ? 322 HOH B O   1 
HETATM 1526 O  O   . HOH D 3 .  ? 0.412   2.235   22.691  1.00 26.47 ? 323 HOH B O   1 
HETATM 1527 O  O   . HOH D 3 .  ? -20.328 13.105  1.646   1.00 33.10 ? 324 HOH B O   1 
HETATM 1528 O  O   . HOH D 3 .  ? -0.374  10.570  23.629  1.00 38.76 ? 325 HOH B O   1 
HETATM 1529 O  O   . HOH D 3 .  ? -22.388 -0.344  -0.931  1.00 32.89 ? 326 HOH B O   1 
HETATM 1530 O  O   . HOH D 3 .  ? -8.211  -13.942 25.811  1.00 39.50 ? 327 HOH B O   1 
HETATM 1531 O  O   . HOH D 3 .  ? -11.889 12.930  16.403  1.00 20.90 ? 328 HOH B O   1 
HETATM 1532 O  O   . HOH D 3 .  ? 0.537   18.946  4.540   1.00 30.74 ? 329 HOH B O   1 
HETATM 1533 O  O   . HOH D 3 .  ? -8.442  16.226  3.930   1.00 32.55 ? 330 HOH B O   1 
HETATM 1534 O  O   . HOH D 3 .  ? -2.302  18.151  2.709   1.00 28.56 ? 331 HOH B O   1 
HETATM 1535 O  O   . HOH D 3 .  ? -18.630 11.904  -2.311  1.00 34.58 ? 332 HOH B O   1 
HETATM 1536 O  O   . HOH D 3 .  ? -5.494  -3.169  26.790  1.00 38.75 ? 333 HOH B O   1 
HETATM 1537 O  O   . HOH D 3 .  ? -2.964  18.078  6.877   1.00 30.01 ? 334 HOH B O   1 
HETATM 1538 O  O   . HOH D 3 .  ? -23.411 2.388   -1.368  1.00 35.07 ? 335 HOH B O   1 
HETATM 1539 O  O   . HOH D 3 .  ? -20.603 4.719   22.399  1.00 33.61 ? 336 HOH B O   1 
HETATM 1540 O  O   . HOH D 3 .  ? -4.530  1.937   24.562  1.00 33.66 ? 337 HOH B O   1 
HETATM 1541 O  O   . HOH D 3 .  ? -5.278  -2.851  24.456  1.00 28.08 ? 338 HOH B O   1 
HETATM 1542 O  O   . HOH D 3 .  ? -1.810  4.567   24.839  1.00 55.22 ? 339 HOH B O   1 
HETATM 1543 O  O   . HOH D 3 .  ? -22.988 6.255   23.342  1.00 31.87 ? 340 HOH B O   1 
# 
